data_5CKS
#
_entry.id   5CKS
#
_cell.length_a   209.990
_cell.length_b   53.360
_cell.length_c   150.655
_cell.angle_alpha   90.00
_cell.angle_beta   115.44
_cell.angle_gamma   90.00
#
_symmetry.space_group_name_H-M   'C 1 2 1'
#
loop_
_entity.id
_entity.type
_entity.pdbx_description
1 polymer 'Phospho-2-dehydro-3-deoxyheptonate aldolase, Phe-sensitive'
2 non-polymer beta-D-galactopyranose
3 non-polymer 'DAHP Oxime'
4 water water
#
_entity_poly.entity_id   1
_entity_poly.type   'polypeptide(L)'
_entity_poly.pdbx_seq_one_letter_code
;GMNYQNDDLRIKEIKELLPPVALLEKFPATENAANTVAHARKAIHKILKGNDDRLLVVIGPCSIHDPVAAKEYATRLLAL
REELKDELEIVMRVYFEKPRTTVGWKGLINDPHMDNSFQINDGLRIARKLLLDINDSGLPAAGEFLDMITPQYLADLMSW
GAIGARTTESQVHRELASGLSCPVGFKNGTDGTIKVAIDAINAAGAPHCFLSVTKWGHSAIVNTSGNGDCHIILRGGKEP
NYSAKHVAEVKEGLNKAGLPAQVMIDFSHANSSKQFKKQMDVCADVCQQIAGGEKAIIGVMVESHLVEGNQSLESGEPLA
YGKSITDACIGWEDTDALLRQLANAVKARRG
;
_entity_poly.pdbx_strand_id   A,B,C,D
#
loop_
_chem_comp.id
_chem_comp.type
_chem_comp.name
_chem_comp.formula
52L non-polymer 'DAHP Oxime' 'C7 H14 N O10 P'
GAL D-saccharide, beta linking beta-D-galactopyranose 'C6 H12 O6'
#
# COMPACT_ATOMS: atom_id res chain seq x y z
N ASN A 6 11.53 10.60 -17.57
CA ASN A 6 10.97 11.94 -17.77
C ASN A 6 9.86 12.27 -16.77
N ASP A 7 10.17 12.05 -15.50
CA ASP A 7 9.16 12.10 -14.43
C ASP A 7 9.51 13.05 -13.28
N ASP A 8 8.47 13.59 -12.66
CA ASP A 8 8.56 14.35 -11.39
C ASP A 8 9.40 15.64 -11.40
N LEU A 9 9.65 16.19 -12.59
CA LEU A 9 10.25 17.52 -12.72
C LEU A 9 9.51 18.57 -11.88
N ARG A 10 8.19 18.52 -11.89
CA ARG A 10 7.42 19.58 -11.25
C ARG A 10 6.81 19.14 -9.93
N ILE A 11 7.18 17.95 -9.48
CA ILE A 11 6.81 17.48 -8.16
C ILE A 11 7.93 17.84 -7.18
N LYS A 12 7.64 18.73 -6.24
CA LYS A 12 8.65 19.22 -5.30
C LYS A 12 8.94 18.21 -4.19
N GLU A 13 7.87 17.70 -3.59
CA GLU A 13 7.97 16.95 -2.35
C GLU A 13 6.75 16.04 -2.17
N ILE A 14 6.97 14.89 -1.53
CA ILE A 14 5.88 13.97 -1.24
C ILE A 14 5.91 13.61 0.25
N LYS A 15 4.77 13.79 0.91
CA LYS A 15 4.68 13.54 2.35
C LYS A 15 3.58 12.53 2.64
N GLU A 16 3.78 11.76 3.71
CA GLU A 16 2.86 10.68 4.02
C GLU A 16 1.49 11.16 4.51
N LEU A 17 0.46 10.42 4.12
CA LEU A 17 -0.91 10.75 4.39
C LEU A 17 -1.55 9.60 5.17
N LEU A 18 -2.16 9.91 6.30
CA LEU A 18 -2.87 8.88 7.07
C LEU A 18 -3.95 8.30 6.19
N PRO A 19 -4.03 6.97 6.13
CA PRO A 19 -5.09 6.33 5.34
C PRO A 19 -6.42 6.56 6.04
N PRO A 20 -7.53 6.45 5.31
CA PRO A 20 -8.85 6.62 5.93
C PRO A 20 -9.11 5.68 7.13
N VAL A 21 -8.62 4.42 7.11
CA VAL A 21 -8.87 3.51 8.24
C VAL A 21 -8.34 4.06 9.56
N ALA A 22 -7.29 4.86 9.50
CA ALA A 22 -6.71 5.43 10.70
C ALA A 22 -7.63 6.47 11.33
N LEU A 23 -8.33 7.23 10.50
CA LEU A 23 -9.30 8.18 11.03
C LEU A 23 -10.63 7.49 11.38
N LEU A 24 -10.95 6.45 10.64
CA LEU A 24 -12.10 5.61 10.98
C LEU A 24 -11.92 4.90 12.32
N GLU A 25 -10.70 4.44 12.59
CA GLU A 25 -10.40 3.75 13.85
C GLU A 25 -10.29 4.71 15.02
N LYS A 26 -9.63 5.85 14.80
CA LYS A 26 -9.51 6.84 15.87
C LYS A 26 -10.86 7.47 16.21
N PHE A 27 -11.66 7.76 15.19
CA PHE A 27 -12.94 8.43 15.40
C PHE A 27 -14.09 7.65 14.81
N PRO A 28 -14.42 6.50 15.41
CA PRO A 28 -15.53 5.70 14.84
C PRO A 28 -16.86 6.37 15.12
N ALA A 29 -17.86 6.07 14.28
CA ALA A 29 -19.20 6.55 14.54
C ALA A 29 -19.75 5.92 15.81
N THR A 30 -20.22 6.74 16.74
CA THR A 30 -20.94 6.25 17.89
C THR A 30 -22.26 5.70 17.41
N GLU A 31 -22.95 4.95 18.26
CA GLU A 31 -24.28 4.47 17.93
C GLU A 31 -25.18 5.64 17.53
N ASN A 32 -25.12 6.71 18.32
CA ASN A 32 -25.95 7.88 18.06
C ASN A 32 -25.64 8.53 16.71
N ALA A 33 -24.34 8.69 16.42
CA ALA A 33 -23.88 9.28 15.17
C ALA A 33 -24.35 8.47 13.98
N ALA A 34 -24.19 7.15 14.05
CA ALA A 34 -24.59 6.27 12.96
C ALA A 34 -26.09 6.34 12.70
N ASN A 35 -26.86 6.42 13.79
CA ASN A 35 -28.31 6.55 13.70
C ASN A 35 -28.73 7.87 13.07
N THR A 36 -28.06 8.95 13.46
CA THR A 36 -28.34 10.27 12.89
C THR A 36 -28.18 10.25 11.38
N VAL A 37 -27.02 9.76 10.93
CA VAL A 37 -26.74 9.67 9.49
C VAL A 37 -27.75 8.77 8.79
N ALA A 38 -27.95 7.58 9.33
CA ALA A 38 -28.83 6.61 8.69
C ALA A 38 -30.29 7.12 8.57
N HIS A 39 -30.77 7.83 9.59
CA HIS A 39 -32.15 8.31 9.56
C HIS A 39 -32.35 9.51 8.64
N ALA A 40 -31.39 10.43 8.63
CA ALA A 40 -31.50 11.61 7.80
C ALA A 40 -31.41 11.26 6.31
N ARG A 41 -30.56 10.29 5.98
CA ARG A 41 -30.47 9.83 4.60
C ARG A 41 -31.79 9.21 4.17
N LYS A 42 -32.36 8.37 5.03
CA LYS A 42 -33.67 7.76 4.77
C LYS A 42 -34.72 8.83 4.53
N ALA A 43 -34.79 9.79 5.45
CA ALA A 43 -35.79 10.85 5.36
C ALA A 43 -35.67 11.63 4.07
N ILE A 44 -34.44 11.98 3.70
CA ILE A 44 -34.22 12.76 2.50
C ILE A 44 -34.65 11.96 1.27
N HIS A 45 -34.35 10.68 1.28
CA HIS A 45 -34.76 9.78 0.21
C HIS A 45 -36.28 9.81 0.01
N LYS A 46 -37.03 9.72 1.11
CA LYS A 46 -38.49 9.78 1.06
C LYS A 46 -39.02 11.09 0.52
N ILE A 47 -38.41 12.19 0.94
CA ILE A 47 -38.72 13.49 0.35
C ILE A 47 -38.49 13.47 -1.17
N LEU A 48 -37.35 12.95 -1.60
CA LEU A 48 -37.03 12.91 -3.03
C LEU A 48 -37.96 11.98 -3.80
N LYS A 49 -38.36 10.88 -3.17
CA LYS A 49 -39.27 9.94 -3.81
C LYS A 49 -40.70 10.48 -3.86
N GLY A 50 -40.94 11.57 -3.13
CA GLY A 50 -42.25 12.20 -3.10
C GLY A 50 -43.24 11.54 -2.15
N ASN A 51 -42.73 10.95 -1.06
CA ASN A 51 -43.59 10.30 -0.09
C ASN A 51 -43.57 11.02 1.24
N ASP A 52 -43.02 12.23 1.22
CA ASP A 52 -43.03 13.08 2.38
C ASP A 52 -43.02 14.52 1.91
N ASP A 53 -43.90 15.33 2.49
CA ASP A 53 -44.15 16.68 2.01
C ASP A 53 -43.31 17.71 2.76
N ARG A 54 -42.44 17.24 3.62
CA ARG A 54 -41.59 18.15 4.38
C ARG A 54 -40.49 18.72 3.49
N LEU A 55 -39.83 19.76 3.97
CA LEU A 55 -38.81 20.45 3.20
C LEU A 55 -37.40 20.20 3.77
N LEU A 56 -36.47 19.73 2.94
CA LEU A 56 -35.09 19.57 3.38
C LEU A 56 -34.48 20.95 3.51
N VAL A 57 -33.82 21.23 4.62
CA VAL A 57 -33.17 22.52 4.76
C VAL A 57 -31.70 22.32 5.14
N VAL A 58 -30.80 22.66 4.23
CA VAL A 58 -29.39 22.63 4.52
C VAL A 58 -28.99 24.05 4.85
N ILE A 59 -28.44 24.23 6.05
CA ILE A 59 -28.19 25.57 6.55
C ILE A 59 -27.01 25.59 7.52
N GLY A 60 -26.18 26.60 7.41
CA GLY A 60 -25.02 26.69 8.26
C GLY A 60 -23.98 27.59 7.63
N PRO A 61 -22.78 27.63 8.22
CA PRO A 61 -21.74 28.55 7.77
C PRO A 61 -21.32 28.27 6.34
N CYS A 62 -20.81 29.30 5.68
CA CYS A 62 -20.22 29.17 4.35
C CYS A 62 -19.11 28.15 4.45
N SER A 63 -18.21 28.37 5.40
CA SER A 63 -17.15 27.43 5.69
C SER A 63 -16.84 27.43 7.19
N ILE A 64 -16.42 26.29 7.71
CA ILE A 64 -16.01 26.15 9.10
C ILE A 64 -14.53 26.47 9.29
N HIS A 65 -14.23 27.48 10.10
CA HIS A 65 -12.84 27.72 10.48
C HIS A 65 -12.60 27.50 11.96
N ASP A 66 -13.68 27.41 12.72
CA ASP A 66 -13.58 27.32 14.16
C ASP A 66 -14.54 26.28 14.69
N PRO A 67 -13.99 25.13 15.11
CA PRO A 67 -14.77 24.02 15.68
C PRO A 67 -15.58 24.41 16.91
N VAL A 68 -15.13 25.36 17.71
CA VAL A 68 -15.90 25.73 18.91
C VAL A 68 -17.16 26.50 18.53
N ALA A 69 -17.01 27.51 17.67
CA ALA A 69 -18.15 28.26 17.17
C ALA A 69 -19.12 27.38 16.39
N ALA A 70 -18.57 26.40 15.68
CA ALA A 70 -19.38 25.48 14.90
C ALA A 70 -20.21 24.58 15.81
N LYS A 71 -19.65 24.17 16.94
CA LYS A 71 -20.40 23.32 17.84
C LYS A 71 -21.46 24.12 18.59
N GLU A 72 -21.22 25.41 18.80
CA GLU A 72 -22.21 26.28 19.41
C GLU A 72 -23.38 26.48 18.45
N TYR A 73 -23.07 26.71 17.17
CA TYR A 73 -24.08 26.86 16.13
C TYR A 73 -24.88 25.59 16.04
N ALA A 74 -24.18 24.45 16.02
CA ALA A 74 -24.83 23.16 15.94
C ALA A 74 -25.84 22.95 17.07
N THR A 75 -25.49 23.42 18.26
CA THR A 75 -26.40 23.32 19.42
C THR A 75 -27.66 24.16 19.20
N ARG A 76 -27.49 25.41 18.77
CA ARG A 76 -28.66 26.25 18.53
C ARG A 76 -29.57 25.65 17.44
N LEU A 77 -28.96 25.17 16.36
CA LEU A 77 -29.72 24.65 15.23
C LEU A 77 -30.49 23.40 15.60
N LEU A 78 -29.91 22.58 16.46
CA LEU A 78 -30.51 21.31 16.87
C LEU A 78 -31.83 21.56 17.60
N ALA A 79 -31.91 22.68 18.33
CA ALA A 79 -33.15 23.05 19.00
C ALA A 79 -34.25 23.36 17.97
N LEU A 80 -33.90 24.12 16.94
CA LEU A 80 -34.87 24.44 15.91
C LEU A 80 -35.20 23.21 15.09
N ARG A 81 -34.24 22.29 14.99
CA ARG A 81 -34.47 21.05 14.25
C ARG A 81 -35.56 20.20 14.92
N GLU A 82 -35.47 20.06 16.24
CA GLU A 82 -36.45 19.28 16.99
C GLU A 82 -37.82 19.93 16.95
N GLU A 83 -37.81 21.25 17.09
CA GLU A 83 -39.03 22.03 17.16
C GLU A 83 -39.83 21.97 15.86
N LEU A 84 -39.12 22.02 14.73
CA LEU A 84 -39.79 22.18 13.44
C LEU A 84 -39.81 20.92 12.62
N LYS A 85 -39.58 19.78 13.26
CA LYS A 85 -39.36 18.53 12.55
C LYS A 85 -40.57 17.99 11.80
N ASP A 86 -41.76 18.49 12.08
CA ASP A 86 -42.95 18.03 11.36
C ASP A 86 -43.05 18.74 10.02
N GLU A 87 -42.35 19.86 9.88
CA GLU A 87 -42.36 20.63 8.65
C GLU A 87 -41.03 20.53 7.90
N LEU A 88 -39.93 20.48 8.66
CA LEU A 88 -38.60 20.64 8.09
C LEU A 88 -37.63 19.53 8.45
N GLU A 89 -36.85 19.09 7.47
CA GLU A 89 -35.71 18.22 7.73
C GLU A 89 -34.46 19.09 7.75
N ILE A 90 -34.07 19.49 8.96
CA ILE A 90 -32.98 20.43 9.12
C ILE A 90 -31.63 19.71 9.21
N VAL A 91 -30.71 20.13 8.36
CA VAL A 91 -29.39 19.50 8.24
C VAL A 91 -28.32 20.59 8.26
N MET A 92 -27.30 20.43 9.12
CA MET A 92 -26.26 21.45 9.21
C MET A 92 -25.26 21.41 8.06
N ARG A 93 -25.04 22.57 7.45
CA ARG A 93 -24.02 22.72 6.44
C ARG A 93 -22.64 22.70 7.10
N VAL A 94 -21.86 21.66 6.82
CA VAL A 94 -20.50 21.55 7.34
C VAL A 94 -19.49 21.46 6.19
N TYR A 95 -19.16 22.62 5.64
CA TYR A 95 -18.24 22.75 4.52
C TYR A 95 -16.92 23.21 5.07
N PHE A 96 -15.83 22.58 4.64
CA PHE A 96 -14.52 22.87 5.21
C PHE A 96 -13.70 23.82 4.35
N GLU A 97 -14.21 24.17 3.18
CA GLU A 97 -13.48 25.03 2.26
C GLU A 97 -14.44 25.89 1.44
N LYS A 98 -13.99 27.09 1.08
CA LYS A 98 -14.70 27.86 0.08
C LYS A 98 -13.90 27.82 -1.21
N PRO A 99 -14.46 27.17 -2.26
CA PRO A 99 -13.75 27.12 -3.55
C PRO A 99 -13.60 28.52 -4.12
N ARG A 100 -12.38 28.85 -4.58
CA ARG A 100 -12.11 30.16 -5.13
C ARG A 100 -10.83 30.13 -5.96
N THR A 101 -10.72 31.07 -6.90
CA THR A 101 -9.55 31.18 -7.77
C THR A 101 -8.47 32.07 -7.15
N GLY A 104 -6.28 32.54 -1.36
CA GLY A 104 -6.70 32.83 0.00
C GLY A 104 -6.59 31.62 0.92
N TRP A 105 -7.31 31.65 2.03
CA TRP A 105 -7.33 30.56 3.01
C TRP A 105 -7.85 29.29 2.36
N LYS A 106 -7.12 28.20 2.56
CA LYS A 106 -7.40 26.95 1.87
C LYS A 106 -8.38 26.06 2.62
N GLY A 107 -8.89 26.53 3.76
CA GLY A 107 -9.89 25.77 4.47
C GLY A 107 -9.37 24.96 5.65
N LEU A 108 -10.30 24.34 6.38
CA LEU A 108 -10.00 23.67 7.64
C LEU A 108 -9.16 22.42 7.48
N ILE A 109 -9.44 21.64 6.44
CA ILE A 109 -8.69 20.43 6.20
C ILE A 109 -7.25 20.73 5.77
N ASN A 110 -7.08 21.68 4.85
CA ASN A 110 -5.75 22.08 4.38
C ASN A 110 -4.96 22.90 5.39
N ASP A 111 -5.61 23.84 6.05
CA ASP A 111 -4.89 24.74 6.94
C ASP A 111 -5.69 25.01 8.20
N PRO A 112 -5.79 23.99 9.06
CA PRO A 112 -6.60 24.12 10.27
C PRO A 112 -6.07 25.18 11.25
N HIS A 113 -4.79 25.54 11.12
CA HIS A 113 -4.21 26.51 12.05
C HIS A 113 -4.21 27.91 11.46
N MET A 114 -4.71 28.03 10.23
CA MET A 114 -4.85 29.31 9.53
C MET A 114 -3.54 30.10 9.48
N ASP A 115 -2.56 29.53 8.77
CA ASP A 115 -1.23 30.10 8.70
C ASP A 115 -0.46 29.56 7.50
N ASN A 116 -1.20 29.02 6.53
CA ASN A 116 -0.62 28.46 5.30
C ASN A 116 0.44 27.38 5.51
N SER A 117 0.22 26.48 6.47
CA SER A 117 1.23 25.47 6.79
C SER A 117 0.89 24.07 6.25
N PHE A 118 -0.25 23.96 5.59
CA PHE A 118 -0.74 22.68 5.07
C PHE A 118 -0.53 21.50 6.00
N GLN A 119 -1.28 21.46 7.09
CA GLN A 119 -1.21 20.34 8.00
C GLN A 119 -2.44 19.48 7.80
N ILE A 120 -2.46 18.80 6.66
CA ILE A 120 -3.64 18.10 6.20
C ILE A 120 -4.02 16.92 7.08
N ASN A 121 -3.03 16.19 7.59
CA ASN A 121 -3.31 15.10 8.51
C ASN A 121 -4.05 15.62 9.76
N ASP A 122 -3.66 16.81 10.22
CA ASP A 122 -4.31 17.47 11.36
C ASP A 122 -5.72 17.89 10.98
N GLY A 123 -5.83 18.50 9.80
CA GLY A 123 -7.09 19.02 9.31
C GLY A 123 -8.13 17.92 9.18
N LEU A 124 -7.69 16.76 8.67
CA LEU A 124 -8.57 15.61 8.57
C LEU A 124 -9.06 15.13 9.94
N ARG A 125 -8.15 15.06 10.92
CA ARG A 125 -8.53 14.68 12.28
C ARG A 125 -9.59 15.65 12.81
N ILE A 126 -9.29 16.94 12.74
CA ILE A 126 -10.21 17.96 13.25
C ILE A 126 -11.57 17.93 12.54
N ALA A 127 -11.55 17.88 11.22
CA ALA A 127 -12.79 17.78 10.46
C ALA A 127 -13.61 16.54 10.83
N ARG A 128 -12.99 15.38 10.93
CA ARG A 128 -13.76 14.17 11.21
C ARG A 128 -14.33 14.21 12.64
N LYS A 129 -13.54 14.77 13.56
CA LYS A 129 -13.90 14.88 14.97
C LYS A 129 -15.14 15.78 15.10
N LEU A 130 -15.08 16.94 14.45
CA LEU A 130 -16.19 17.87 14.40
C LEU A 130 -17.45 17.21 13.87
N LEU A 131 -17.31 16.56 12.71
CA LEU A 131 -18.45 15.87 12.10
C LEU A 131 -19.04 14.82 13.02
N LEU A 132 -18.17 14.13 13.75
CA LEU A 132 -18.59 13.06 14.64
C LEU A 132 -19.41 13.64 15.79
N ASP A 133 -18.90 14.69 16.41
CA ASP A 133 -19.58 15.33 17.54
C ASP A 133 -20.94 15.85 17.12
N ILE A 134 -21.00 16.54 15.98
CA ILE A 134 -22.27 17.06 15.50
C ILE A 134 -23.28 15.93 15.28
N ASN A 135 -22.88 14.90 14.56
CA ASN A 135 -23.79 13.75 14.35
C ASN A 135 -24.18 13.06 15.66
N ASP A 136 -23.22 12.94 16.57
CA ASP A 136 -23.47 12.25 17.83
C ASP A 136 -24.56 12.97 18.64
N SER A 137 -24.54 14.30 18.60
CA SER A 137 -25.55 15.09 19.29
C SER A 137 -26.96 14.90 18.71
N GLY A 138 -27.06 14.41 17.48
CA GLY A 138 -28.35 14.21 16.85
C GLY A 138 -28.60 15.09 15.62
N LEU A 139 -27.67 15.98 15.33
CA LEU A 139 -27.80 16.89 14.16
C LEU A 139 -27.06 16.35 12.93
N PRO A 140 -27.79 16.04 11.86
CA PRO A 140 -27.15 15.52 10.66
C PRO A 140 -26.32 16.59 9.95
N ALA A 141 -25.40 16.17 9.08
CA ALA A 141 -24.52 17.11 8.41
C ALA A 141 -24.53 16.98 6.88
N ALA A 142 -24.31 18.12 6.22
CA ALA A 142 -24.23 18.18 4.78
C ALA A 142 -22.83 18.59 4.40
N GLY A 143 -22.23 17.89 3.44
CA GLY A 143 -20.89 18.20 3.00
C GLY A 143 -20.78 18.67 1.55
N GLU A 144 -19.60 19.19 1.19
CA GLU A 144 -19.32 19.51 -0.20
C GLU A 144 -18.13 18.67 -0.67
N PHE A 145 -18.31 17.98 -1.79
CA PHE A 145 -17.27 17.09 -2.31
C PHE A 145 -16.49 17.74 -3.42
N LEU A 146 -15.28 18.19 -3.12
CA LEU A 146 -14.47 18.92 -4.08
C LEU A 146 -13.44 18.02 -4.78
N ASP A 147 -13.14 16.88 -4.16
CA ASP A 147 -12.16 15.94 -4.73
C ASP A 147 -12.53 14.51 -4.42
N MET A 148 -11.75 13.56 -4.95
CA MET A 148 -12.10 12.16 -4.86
C MET A 148 -11.40 11.42 -3.71
N ILE A 149 -10.56 12.11 -2.97
CA ILE A 149 -9.86 11.46 -1.85
C ILE A 149 -10.41 11.81 -0.46
N THR A 150 -10.60 13.11 -0.21
CA THR A 150 -11.30 13.58 0.99
C THR A 150 -12.56 12.77 1.43
N PRO A 151 -13.48 12.44 0.51
CA PRO A 151 -14.69 11.71 0.91
C PRO A 151 -14.46 10.42 1.69
N GLN A 152 -13.42 9.65 1.37
CA GLN A 152 -13.15 8.42 2.10
C GLN A 152 -12.99 8.63 3.61
N TYR A 153 -12.59 9.83 4.01
CA TYR A 153 -12.39 10.15 5.42
C TYR A 153 -13.65 10.63 6.17
N LEU A 154 -14.65 11.11 5.44
CA LEU A 154 -15.74 11.83 6.09
C LEU A 154 -17.13 11.43 5.61
N ALA A 155 -17.22 10.74 4.48
CA ALA A 155 -18.49 10.59 3.79
C ALA A 155 -19.52 9.83 4.62
N ASP A 156 -19.03 8.96 5.51
CA ASP A 156 -19.90 8.16 6.37
C ASP A 156 -20.65 8.98 7.43
N LEU A 157 -20.20 10.21 7.67
CA LEU A 157 -20.86 11.11 8.62
C LEU A 157 -21.62 12.21 7.89
N MET A 158 -21.99 11.95 6.64
CA MET A 158 -22.70 12.94 5.85
C MET A 158 -24.02 12.38 5.38
N SER A 159 -25.09 13.15 5.57
CA SER A 159 -26.42 12.68 5.20
C SER A 159 -26.85 13.24 3.84
N TRP A 160 -26.09 14.21 3.35
CA TRP A 160 -26.37 14.86 2.07
C TRP A 160 -25.08 15.53 1.61
N GLY A 161 -24.89 15.66 0.30
CA GLY A 161 -23.72 16.35 -0.20
C GLY A 161 -23.95 17.08 -1.50
N ALA A 162 -23.20 18.16 -1.70
CA ALA A 162 -23.21 18.89 -2.96
C ALA A 162 -21.91 18.67 -3.72
N ILE A 163 -22.01 18.56 -5.03
CA ILE A 163 -20.84 18.57 -5.89
C ILE A 163 -20.52 20.02 -6.20
N GLY A 164 -19.23 20.38 -6.12
CA GLY A 164 -18.83 21.74 -6.41
C GLY A 164 -19.39 22.25 -7.72
N ALA A 165 -19.78 23.52 -7.74
CA ALA A 165 -20.35 24.15 -8.91
C ALA A 165 -19.36 24.05 -10.10
N ARG A 166 -18.09 24.22 -9.79
CA ARG A 166 -17.05 24.19 -10.80
C ARG A 166 -16.82 22.78 -11.38
N THR A 167 -17.42 21.76 -10.77
CA THR A 167 -17.16 20.38 -11.20
C THR A 167 -18.39 19.58 -11.60
N THR A 168 -19.52 20.24 -11.76
CA THR A 168 -20.76 19.58 -12.17
C THR A 168 -20.62 18.85 -13.51
N GLU A 169 -19.83 19.44 -14.39
CA GLU A 169 -19.60 18.89 -15.72
C GLU A 169 -18.56 17.76 -15.74
N SER A 170 -17.84 17.59 -14.65
CA SER A 170 -16.71 16.67 -14.62
C SER A 170 -17.10 15.22 -14.48
N GLN A 171 -16.62 14.37 -15.39
CA GLN A 171 -16.94 12.95 -15.38
C GLN A 171 -16.45 12.26 -14.09
N VAL A 172 -15.30 12.69 -13.57
CA VAL A 172 -14.75 12.06 -12.36
C VAL A 172 -15.58 12.38 -11.12
N HIS A 173 -16.18 13.57 -11.07
CA HIS A 173 -17.04 13.91 -9.94
C HIS A 173 -18.41 13.26 -10.06
N ARG A 174 -18.87 13.08 -11.29
CA ARG A 174 -20.12 12.37 -11.53
C ARG A 174 -19.96 10.90 -11.12
N GLU A 175 -18.82 10.31 -11.50
CA GLU A 175 -18.44 8.98 -11.04
C GLU A 175 -18.44 8.88 -9.51
N LEU A 176 -17.85 9.88 -8.85
CA LEU A 176 -17.83 9.91 -7.39
C LEU A 176 -19.26 9.88 -6.83
N ALA A 177 -20.12 10.74 -7.37
CA ALA A 177 -21.51 10.81 -6.92
C ALA A 177 -22.23 9.48 -7.05
N SER A 178 -21.94 8.77 -8.15
CA SER A 178 -22.61 7.49 -8.43
C SER A 178 -22.34 6.41 -7.37
N GLY A 179 -21.28 6.61 -6.58
CA GLY A 179 -20.92 5.66 -5.55
C GLY A 179 -21.11 6.14 -4.12
N LEU A 180 -21.60 7.37 -3.95
CA LEU A 180 -21.82 7.93 -2.61
C LEU A 180 -23.04 7.31 -1.93
N SER A 181 -22.97 7.12 -0.62
CA SER A 181 -24.06 6.52 0.14
C SER A 181 -25.19 7.51 0.43
N CYS A 182 -24.90 8.80 0.31
CA CYS A 182 -25.86 9.85 0.62
C CYS A 182 -26.46 10.46 -0.64
N PRO A 183 -27.59 11.17 -0.49
CA PRO A 183 -28.12 11.94 -1.62
C PRO A 183 -27.17 13.06 -2.03
N VAL A 184 -27.21 13.43 -3.30
CA VAL A 184 -26.28 14.40 -3.88
C VAL A 184 -26.99 15.51 -4.65
N GLY A 185 -26.59 16.77 -4.40
CA GLY A 185 -27.12 17.88 -5.18
C GLY A 185 -26.15 18.40 -6.24
N PHE A 186 -26.67 18.66 -7.44
CA PHE A 186 -25.88 19.22 -8.52
C PHE A 186 -26.33 20.64 -8.85
N LYS A 187 -25.41 21.59 -8.80
CA LYS A 187 -25.72 22.98 -9.11
C LYS A 187 -25.88 23.22 -10.62
N ASN A 188 -26.83 24.09 -10.98
CA ASN A 188 -27.00 24.50 -12.36
C ASN A 188 -25.82 25.33 -12.87
N GLY A 189 -25.86 25.66 -14.15
CA GLY A 189 -24.78 26.37 -14.79
C GLY A 189 -24.65 27.83 -14.39
N THR A 190 -23.45 28.36 -14.56
CA THR A 190 -23.18 29.77 -14.27
C THR A 190 -24.07 30.71 -15.06
N ASP A 191 -24.46 30.31 -16.27
CA ASP A 191 -25.40 31.11 -17.05
C ASP A 191 -26.86 30.81 -16.67
N GLY A 192 -27.04 29.99 -15.65
CA GLY A 192 -28.37 29.68 -15.14
C GLY A 192 -29.07 28.55 -15.85
N THR A 193 -28.41 27.95 -16.84
CA THR A 193 -28.99 26.81 -17.55
C THR A 193 -28.84 25.54 -16.71
N ILE A 194 -29.62 24.52 -17.02
CA ILE A 194 -29.67 23.33 -16.19
C ILE A 194 -29.20 22.07 -16.92
N LYS A 195 -28.85 22.22 -18.19
CA LYS A 195 -28.47 21.08 -19.04
C LYS A 195 -27.33 20.24 -18.44
N VAL A 196 -26.30 20.92 -17.96
CA VAL A 196 -25.15 20.25 -17.32
C VAL A 196 -25.56 19.48 -16.07
N ALA A 197 -26.41 20.08 -15.24
CA ALA A 197 -26.90 19.43 -14.04
C ALA A 197 -27.79 18.23 -14.36
N ILE A 198 -28.56 18.33 -15.44
CA ILE A 198 -29.38 17.20 -15.89
C ILE A 198 -28.51 16.07 -16.41
N ASP A 199 -27.49 16.40 -17.20
CA ASP A 199 -26.49 15.42 -17.59
C ASP A 199 -25.86 14.76 -16.37
N ALA A 200 -25.45 15.57 -15.39
CA ALA A 200 -24.81 15.07 -14.18
C ALA A 200 -25.66 14.05 -13.41
N ILE A 201 -26.94 14.38 -13.25
CA ILE A 201 -27.88 13.52 -12.55
C ILE A 201 -28.06 12.20 -13.29
N ASN A 202 -28.16 12.26 -14.61
CA ASN A 202 -28.27 11.05 -15.43
C ASN A 202 -27.00 10.20 -15.36
N ALA A 203 -25.85 10.85 -15.47
CA ALA A 203 -24.59 10.14 -15.34
C ALA A 203 -24.46 9.50 -13.96
N ALA A 204 -24.73 10.28 -12.90
CA ALA A 204 -24.56 9.77 -11.53
C ALA A 204 -25.55 8.65 -11.17
N GLY A 205 -26.62 8.53 -11.95
CA GLY A 205 -27.61 7.50 -11.73
C GLY A 205 -27.25 6.16 -12.32
N ALA A 206 -26.25 6.13 -13.21
CA ALA A 206 -25.82 4.89 -13.83
C ALA A 206 -24.65 4.27 -13.07
N PRO A 207 -24.50 2.94 -13.16
CA PRO A 207 -23.34 2.31 -12.51
C PRO A 207 -22.03 2.65 -13.25
N HIS A 208 -20.93 2.81 -12.53
CA HIS A 208 -19.65 3.14 -13.15
C HIS A 208 -18.53 2.26 -12.66
N CYS A 209 -17.49 2.16 -13.48
CA CYS A 209 -16.25 1.50 -13.09
C CYS A 209 -15.12 2.50 -13.30
N PHE A 210 -14.32 2.73 -12.27
CA PHE A 210 -13.25 3.72 -12.33
C PHE A 210 -12.23 3.49 -11.23
N LEU A 211 -11.09 4.17 -11.34
CA LEU A 211 -10.04 4.04 -10.33
C LEU A 211 -10.31 4.98 -9.16
N SER A 212 -10.23 4.46 -7.95
CA SER A 212 -10.38 5.30 -6.77
C SER A 212 -9.40 4.83 -5.71
N VAL A 213 -9.27 5.58 -4.62
CA VAL A 213 -8.43 5.20 -3.48
C VAL A 213 -9.31 4.56 -2.39
N THR A 214 -8.87 3.43 -1.83
CA THR A 214 -9.65 2.73 -0.81
C THR A 214 -9.47 3.34 0.58
N LYS A 215 -10.22 2.82 1.55
CA LYS A 215 -10.04 3.17 2.95
C LYS A 215 -8.63 2.79 3.44
N TRP A 216 -7.94 1.92 2.73
CA TRP A 216 -6.58 1.57 3.12
C TRP A 216 -5.52 2.49 2.55
N GLY A 217 -5.95 3.46 1.76
CA GLY A 217 -5.05 4.41 1.15
C GLY A 217 -4.38 3.88 -0.10
N HIS A 218 -4.94 2.83 -0.70
CA HIS A 218 -4.39 2.28 -1.94
C HIS A 218 -5.35 2.54 -3.09
N SER A 219 -4.82 2.74 -4.28
CA SER A 219 -5.66 2.87 -5.46
C SER A 219 -6.18 1.48 -5.82
N ALA A 220 -7.40 1.43 -6.34
CA ALA A 220 -8.04 0.17 -6.71
C ALA A 220 -9.07 0.43 -7.79
N ILE A 221 -9.56 -0.64 -8.41
CA ILE A 221 -10.67 -0.55 -9.33
C ILE A 221 -11.98 -0.68 -8.57
N VAL A 222 -12.84 0.32 -8.70
CA VAL A 222 -14.10 0.38 -7.99
C VAL A 222 -15.28 0.31 -8.96
N ASN A 223 -16.30 -0.49 -8.62
CA ASN A 223 -17.57 -0.52 -9.37
C ASN A 223 -18.70 0.07 -8.53
N THR A 224 -19.47 1.01 -9.09
CA THR A 224 -20.58 1.61 -8.33
C THR A 224 -21.96 1.17 -8.85
N SER A 225 -23.00 1.37 -8.05
CA SER A 225 -24.37 1.00 -8.47
C SER A 225 -25.09 2.12 -9.19
N GLY A 226 -24.66 3.36 -8.96
CA GLY A 226 -25.41 4.50 -9.45
C GLY A 226 -26.27 5.07 -8.33
N ASN A 227 -26.48 6.37 -8.36
CA ASN A 227 -27.14 7.02 -7.23
C ASN A 227 -28.41 7.69 -7.74
N GLY A 228 -29.55 7.09 -7.40
CA GLY A 228 -30.84 7.61 -7.84
C GLY A 228 -31.31 8.79 -7.01
N ASP A 229 -30.59 9.08 -5.94
CA ASP A 229 -30.95 10.20 -5.06
C ASP A 229 -30.22 11.51 -5.36
N CYS A 230 -30.10 11.84 -6.64
CA CYS A 230 -29.53 13.12 -7.03
C CYS A 230 -30.60 14.07 -7.55
N HIS A 231 -30.42 15.37 -7.28
CA HIS A 231 -31.38 16.36 -7.70
C HIS A 231 -30.63 17.63 -8.05
N ILE A 232 -31.34 18.60 -8.62
CA ILE A 232 -30.73 19.86 -8.99
C ILE A 232 -30.70 20.83 -7.80
N ILE A 233 -29.75 21.75 -7.85
CA ILE A 233 -29.71 22.90 -6.95
C ILE A 233 -29.75 24.17 -7.79
N LEU A 234 -30.75 25.01 -7.58
CA LEU A 234 -30.81 26.27 -8.31
C LEU A 234 -30.02 27.33 -7.55
N ARG A 235 -29.03 27.92 -8.21
CA ARG A 235 -28.18 28.89 -7.54
C ARG A 235 -28.01 30.16 -8.35
N GLY A 236 -28.89 30.35 -9.33
CA GLY A 236 -28.87 31.55 -10.14
C GLY A 236 -27.83 31.51 -11.24
N GLY A 237 -28.00 32.40 -12.21
CA GLY A 237 -27.02 32.58 -13.26
C GLY A 237 -26.55 34.01 -13.30
N LYS A 238 -26.83 34.68 -14.41
CA LYS A 238 -26.62 36.12 -14.52
C LYS A 238 -27.66 36.79 -13.62
N GLU A 239 -28.87 36.24 -13.65
CA GLU A 239 -29.95 36.71 -12.80
C GLU A 239 -30.36 35.60 -11.84
N PRO A 240 -31.06 35.96 -10.75
CA PRO A 240 -31.58 34.96 -9.84
C PRO A 240 -32.58 34.04 -10.52
N ASN A 241 -32.54 32.76 -10.21
CA ASN A 241 -33.47 31.81 -10.80
C ASN A 241 -34.37 31.15 -9.76
N TYR A 242 -34.75 31.90 -8.72
CA TYR A 242 -35.62 31.36 -7.67
C TYR A 242 -37.11 31.63 -7.88
N SER A 243 -37.44 32.55 -8.78
CA SER A 243 -38.84 32.95 -8.99
C SER A 243 -39.70 31.79 -9.52
N ALA A 244 -41.02 31.94 -9.36
CA ALA A 244 -41.97 30.91 -9.78
C ALA A 244 -41.83 30.62 -11.27
N LYS A 245 -41.55 31.68 -12.02
CA LYS A 245 -41.31 31.57 -13.46
C LYS A 245 -40.18 30.57 -13.72
N HIS A 246 -39.04 30.81 -13.09
CA HIS A 246 -37.87 29.96 -13.28
C HIS A 246 -38.09 28.53 -12.83
N VAL A 247 -38.79 28.35 -11.71
CA VAL A 247 -39.07 27.02 -11.20
C VAL A 247 -39.88 26.22 -12.21
N ALA A 248 -40.86 26.88 -12.82
CA ALA A 248 -41.71 26.25 -13.81
C ALA A 248 -40.92 25.84 -15.05
N GLU A 249 -40.01 26.71 -15.50
CA GLU A 249 -39.12 26.37 -16.61
C GLU A 249 -38.26 25.15 -16.30
N VAL A 250 -37.62 25.17 -15.13
CA VAL A 250 -36.76 24.07 -14.68
C VAL A 250 -37.52 22.76 -14.58
N LYS A 251 -38.73 22.81 -14.01
CA LYS A 251 -39.60 21.64 -13.92
C LYS A 251 -39.94 21.04 -15.29
N GLU A 252 -40.14 21.91 -16.27
CA GLU A 252 -40.48 21.46 -17.62
C GLU A 252 -39.30 20.73 -18.25
N GLY A 253 -38.10 21.25 -18.01
CA GLY A 253 -36.88 20.66 -18.54
C GLY A 253 -36.60 19.31 -17.89
N LEU A 254 -36.84 19.24 -16.59
CA LEU A 254 -36.63 17.99 -15.87
C LEU A 254 -37.59 16.93 -16.39
N ASN A 255 -38.86 17.30 -16.51
CA ASN A 255 -39.89 16.42 -17.07
C ASN A 255 -39.53 15.96 -18.48
N LYS A 256 -39.15 16.90 -19.32
CA LYS A 256 -38.75 16.56 -20.69
C LYS A 256 -37.61 15.55 -20.66
N ALA A 257 -36.68 15.75 -19.74
CA ALA A 257 -35.55 14.83 -19.59
C ALA A 257 -35.89 13.55 -18.82
N GLY A 258 -37.17 13.32 -18.56
CA GLY A 258 -37.60 12.13 -17.85
C GLY A 258 -37.12 12.05 -16.41
N LEU A 259 -36.86 13.20 -15.81
CA LEU A 259 -36.44 13.24 -14.41
C LEU A 259 -37.53 13.80 -13.51
N PRO A 260 -37.58 13.35 -12.25
CA PRO A 260 -38.55 13.91 -11.31
C PRO A 260 -38.40 15.44 -11.24
N ALA A 261 -39.52 16.13 -11.33
CA ALA A 261 -39.51 17.60 -11.37
C ALA A 261 -39.40 18.17 -9.96
N GLN A 262 -38.19 18.19 -9.42
CA GLN A 262 -37.98 18.69 -8.07
C GLN A 262 -36.70 19.52 -8.04
N VAL A 263 -36.65 20.51 -7.15
CA VAL A 263 -35.47 21.35 -7.08
C VAL A 263 -35.14 21.71 -5.64
N MET A 264 -33.86 21.98 -5.41
CA MET A 264 -33.43 22.67 -4.22
C MET A 264 -33.04 24.08 -4.67
N ILE A 265 -33.32 25.06 -3.82
CA ILE A 265 -32.99 26.46 -4.12
C ILE A 265 -31.97 27.01 -3.14
N ASP A 266 -30.85 27.48 -3.67
CA ASP A 266 -29.81 28.11 -2.86
C ASP A 266 -30.22 29.58 -2.69
N PHE A 267 -30.36 30.03 -1.45
CA PHE A 267 -30.81 31.40 -1.20
C PHE A 267 -29.66 32.37 -1.39
N SER A 268 -28.45 31.83 -1.49
CA SER A 268 -27.24 32.63 -1.39
C SER A 268 -26.65 33.05 -2.74
N HIS A 269 -25.60 33.88 -2.66
CA HIS A 269 -24.72 34.18 -3.79
C HIS A 269 -25.41 34.90 -4.95
N ALA A 270 -25.60 34.19 -6.05
CA ALA A 270 -26.19 34.81 -7.24
C ALA A 270 -27.69 35.03 -7.05
N ASN A 271 -28.34 34.10 -6.36
CA ASN A 271 -29.77 34.23 -6.07
C ASN A 271 -30.08 35.39 -5.12
N SER A 272 -29.05 35.86 -4.40
CA SER A 272 -29.19 36.97 -3.48
C SER A 272 -28.39 38.20 -3.91
N SER A 273 -27.94 38.19 -5.17
CA SER A 273 -27.07 39.24 -5.69
C SER A 273 -25.89 39.54 -4.76
N LYS A 274 -25.34 38.48 -4.16
CA LYS A 274 -24.15 38.55 -3.30
C LYS A 274 -24.30 39.38 -2.02
N GLN A 275 -25.52 39.72 -1.65
CA GLN A 275 -25.80 40.43 -0.40
C GLN A 275 -26.49 39.48 0.56
N PHE A 276 -25.93 39.28 1.74
CA PHE A 276 -26.42 38.21 2.63
C PHE A 276 -27.85 38.40 3.14
N LYS A 277 -28.25 39.63 3.41
CA LYS A 277 -29.61 39.82 3.91
C LYS A 277 -30.66 39.48 2.86
N LYS A 278 -30.31 39.63 1.59
CA LYS A 278 -31.21 39.28 0.47
C LYS A 278 -31.70 37.83 0.54
N GLN A 279 -30.99 36.98 1.28
CA GLN A 279 -31.43 35.61 1.51
C GLN A 279 -32.82 35.58 2.15
N MET A 280 -33.12 36.61 2.94
CA MET A 280 -34.43 36.73 3.58
C MET A 280 -35.53 37.07 2.55
N ASP A 281 -35.16 37.79 1.50
CA ASP A 281 -36.06 38.10 0.39
C ASP A 281 -36.40 36.86 -0.41
N VAL A 282 -35.37 36.10 -0.79
CA VAL A 282 -35.56 34.83 -1.48
C VAL A 282 -36.46 33.94 -0.64
N CYS A 283 -36.23 33.95 0.66
CA CYS A 283 -37.05 33.20 1.59
C CYS A 283 -38.55 33.55 1.45
N ALA A 284 -38.87 34.84 1.41
CA ALA A 284 -40.27 35.24 1.33
C ALA A 284 -40.89 34.83 0.00
N ASP A 285 -40.12 35.01 -1.06
CA ASP A 285 -40.54 34.56 -2.39
C ASP A 285 -40.75 33.05 -2.41
N VAL A 286 -39.78 32.30 -1.93
CA VAL A 286 -39.90 30.83 -1.90
C VAL A 286 -41.03 30.40 -0.98
N CYS A 287 -41.16 31.07 0.15
CA CYS A 287 -42.25 30.75 1.07
C CYS A 287 -43.63 30.91 0.42
N GLN A 288 -43.79 32.01 -0.31
CA GLN A 288 -45.03 32.26 -1.04
C GLN A 288 -45.32 31.12 -2.01
N GLN A 289 -44.29 30.67 -2.73
CA GLN A 289 -44.43 29.58 -3.69
C GLN A 289 -44.88 28.30 -3.00
N ILE A 290 -44.22 27.99 -1.89
CA ILE A 290 -44.51 26.77 -1.16
C ILE A 290 -45.92 26.83 -0.59
N ALA A 291 -46.20 27.89 0.15
CA ALA A 291 -47.52 28.09 0.75
C ALA A 291 -48.62 28.07 -0.31
N GLY A 292 -48.31 28.63 -1.47
CA GLY A 292 -49.23 28.65 -2.59
C GLY A 292 -49.51 27.28 -3.18
N GLY A 293 -48.66 26.31 -2.88
CA GLY A 293 -48.88 24.94 -3.31
C GLY A 293 -47.79 24.35 -4.20
N GLU A 294 -46.67 25.05 -4.35
CA GLU A 294 -45.56 24.51 -5.14
C GLU A 294 -44.95 23.31 -4.44
N LYS A 295 -45.14 22.13 -5.01
CA LYS A 295 -44.66 20.89 -4.41
C LYS A 295 -43.26 20.50 -4.91
N ALA A 296 -42.83 21.14 -6.00
CA ALA A 296 -41.56 20.77 -6.62
C ALA A 296 -40.36 21.27 -5.82
N ILE A 297 -40.57 22.20 -4.90
CA ILE A 297 -39.46 22.69 -4.10
C ILE A 297 -39.26 21.79 -2.89
N ILE A 298 -38.25 20.94 -2.97
CA ILE A 298 -38.05 19.91 -1.95
C ILE A 298 -36.97 20.29 -0.96
N GLY A 299 -36.30 21.42 -1.21
CA GLY A 299 -35.23 21.80 -0.34
C GLY A 299 -34.71 23.20 -0.59
N VAL A 300 -33.97 23.71 0.38
CA VAL A 300 -33.32 24.99 0.24
C VAL A 300 -31.94 24.92 0.89
N MET A 301 -31.12 25.91 0.58
CA MET A 301 -29.76 25.98 1.08
C MET A 301 -29.55 27.40 1.55
N VAL A 302 -29.02 27.56 2.76
CA VAL A 302 -28.92 28.88 3.37
C VAL A 302 -27.58 29.05 4.03
N GLU A 303 -26.96 30.21 3.81
CA GLU A 303 -25.69 30.51 4.44
C GLU A 303 -25.87 31.34 5.71
N SER A 304 -25.56 30.71 6.85
CA SER A 304 -25.96 31.22 8.14
C SER A 304 -24.89 30.98 9.20
N HIS A 305 -24.67 31.97 10.07
CA HIS A 305 -23.75 31.78 11.18
C HIS A 305 -24.37 32.25 12.50
N LEU A 306 -23.56 32.29 13.55
CA LEU A 306 -24.00 32.86 14.81
C LEU A 306 -24.13 34.36 14.60
N VAL A 307 -23.10 34.94 13.99
CA VAL A 307 -23.00 36.38 13.83
C VAL A 307 -22.97 36.73 12.35
N GLU A 308 -23.76 37.73 11.97
CA GLU A 308 -23.98 38.06 10.55
C GLU A 308 -22.77 38.73 9.90
N GLY A 309 -22.75 38.73 8.56
CA GLY A 309 -21.69 39.37 7.81
C GLY A 309 -20.47 38.50 7.63
N ASN A 310 -19.33 39.13 7.37
CA ASN A 310 -18.05 38.40 7.32
C ASN A 310 -16.88 39.27 7.75
N GLN A 311 -15.67 38.73 7.66
CA GLN A 311 -14.45 39.45 8.05
C GLN A 311 -13.23 38.88 7.34
N SER A 312 -12.12 39.60 7.36
CA SER A 312 -10.91 39.16 6.68
C SER A 312 -9.75 38.85 7.63
N LEU A 313 -8.80 38.06 7.15
CA LEU A 313 -7.62 37.68 7.93
C LEU A 313 -6.39 38.45 7.46
N LEU A 319 -9.82 38.87 15.13
CA LEU A 319 -10.73 37.87 14.59
C LEU A 319 -11.95 37.68 15.50
N ALA A 320 -13.09 38.19 15.07
CA ALA A 320 -14.34 38.05 15.84
C ALA A 320 -14.81 36.60 15.89
N TYR A 321 -15.55 36.27 16.93
CA TYR A 321 -16.05 34.91 17.15
C TYR A 321 -17.34 34.64 16.40
N GLY A 322 -17.48 33.43 15.88
CA GLY A 322 -18.71 32.98 15.26
C GLY A 322 -19.14 33.81 14.06
N LYS A 323 -18.18 34.48 13.43
CA LYS A 323 -18.44 35.31 12.27
C LYS A 323 -17.59 34.81 11.10
N SER A 324 -18.24 34.60 9.95
CA SER A 324 -17.60 34.01 8.77
C SER A 324 -16.32 34.71 8.32
N ILE A 325 -15.30 33.93 7.97
CA ILE A 325 -14.10 34.51 7.39
C ILE A 325 -14.09 34.30 5.88
N THR A 326 -15.17 33.76 5.34
CA THR A 326 -15.32 33.66 3.90
C THR A 326 -16.48 34.54 3.40
N ASP A 327 -17.48 33.94 2.75
CA ASP A 327 -18.64 34.69 2.27
C ASP A 327 -19.59 35.05 3.42
N ALA A 328 -20.34 36.14 3.25
CA ALA A 328 -21.19 36.65 4.33
C ALA A 328 -22.46 35.81 4.55
N CYS A 329 -22.89 35.73 5.79
CA CYS A 329 -24.04 34.89 6.18
C CYS A 329 -25.03 35.73 6.99
N ILE A 330 -26.26 35.26 7.08
CA ILE A 330 -27.19 35.87 8.00
C ILE A 330 -26.78 35.46 9.42
N GLY A 331 -27.11 36.30 10.40
CA GLY A 331 -26.79 36.02 11.79
C GLY A 331 -27.87 35.16 12.41
N TRP A 332 -27.72 34.85 13.70
CA TRP A 332 -28.65 33.90 14.31
C TRP A 332 -30.13 34.36 14.43
N GLU A 333 -30.40 35.65 14.63
CA GLU A 333 -31.80 36.06 14.75
C GLU A 333 -32.57 35.88 13.44
N ASP A 334 -31.97 36.30 12.33
CA ASP A 334 -32.58 36.06 11.01
C ASP A 334 -32.74 34.58 10.71
N THR A 335 -31.80 33.79 11.19
CA THR A 335 -31.83 32.35 10.97
C THR A 335 -33.05 31.73 11.65
N ASP A 336 -33.30 32.13 12.89
CA ASP A 336 -34.48 31.65 13.61
C ASP A 336 -35.74 32.04 12.84
N ALA A 337 -35.81 33.31 12.46
CA ALA A 337 -36.94 33.81 11.68
C ALA A 337 -37.12 33.07 10.35
N LEU A 338 -36.02 32.90 9.61
CA LEU A 338 -36.07 32.24 8.30
C LEU A 338 -36.63 30.82 8.43
N LEU A 339 -36.13 30.08 9.41
CA LEU A 339 -36.57 28.71 9.58
C LEU A 339 -38.06 28.59 9.94
N ARG A 340 -38.56 29.55 10.73
CA ARG A 340 -39.97 29.53 11.11
C ARG A 340 -40.84 29.88 9.90
N GLN A 341 -40.40 30.85 9.12
CA GLN A 341 -41.12 31.19 7.88
C GLN A 341 -41.33 29.98 6.99
N LEU A 342 -40.26 29.22 6.74
CA LEU A 342 -40.31 28.02 5.91
C LEU A 342 -41.24 26.96 6.48
N ALA A 343 -41.11 26.73 7.78
CA ALA A 343 -41.94 25.74 8.45
C ALA A 343 -43.40 26.12 8.27
N ASN A 344 -43.67 27.43 8.31
CA ASN A 344 -45.04 27.93 8.16
C ASN A 344 -45.57 27.77 6.75
N ALA A 345 -44.71 27.97 5.77
CA ALA A 345 -45.08 27.75 4.39
C ALA A 345 -45.44 26.28 4.15
N VAL A 346 -44.68 25.36 4.74
CA VAL A 346 -44.95 23.93 4.58
C VAL A 346 -46.29 23.51 5.20
N LYS A 347 -46.64 24.11 6.34
CA LYS A 347 -47.97 23.92 6.93
C LYS A 347 -49.05 24.36 5.94
N ALA A 348 -48.90 25.58 5.46
CA ALA A 348 -49.84 26.14 4.47
C ALA A 348 -49.95 25.28 3.21
N ARG A 349 -48.82 24.76 2.73
CA ARG A 349 -48.85 23.89 1.54
C ARG A 349 -49.62 22.61 1.80
N ARG A 350 -49.43 22.06 3.01
CA ARG A 350 -49.96 20.77 3.39
C ARG A 350 -51.46 20.82 3.69
N GLY A 351 -51.82 21.56 4.73
CA GLY A 351 -53.20 21.76 5.08
C GLY A 351 -53.49 23.26 5.05
N ASP B 7 -20.60 3.14 5.29
CA ASP B 7 -19.75 3.04 4.10
C ASP B 7 -20.22 1.95 3.14
N ASP B 8 -19.79 2.03 1.88
CA ASP B 8 -19.93 0.94 0.90
C ASP B 8 -21.32 0.69 0.35
N LEU B 9 -22.29 1.52 0.71
CA LEU B 9 -23.67 1.29 0.28
C LEU B 9 -23.84 1.26 -1.26
N ARG B 10 -23.22 2.19 -1.96
CA ARG B 10 -23.32 2.15 -3.43
C ARG B 10 -22.04 1.69 -4.13
N ILE B 11 -21.14 1.08 -3.35
CA ILE B 11 -19.95 0.45 -3.89
C ILE B 11 -20.18 -1.05 -4.00
N LYS B 12 -20.23 -1.57 -5.22
CA LYS B 12 -20.50 -2.99 -5.43
C LYS B 12 -19.27 -3.88 -5.29
N GLU B 13 -18.20 -3.51 -5.97
CA GLU B 13 -17.00 -4.33 -5.97
C GLU B 13 -15.74 -3.49 -5.94
N ILE B 14 -14.72 -4.00 -5.29
CA ILE B 14 -13.41 -3.35 -5.30
C ILE B 14 -12.39 -4.40 -5.73
N LYS B 15 -11.65 -4.09 -6.79
CA LYS B 15 -10.69 -5.02 -7.38
C LYS B 15 -9.27 -4.45 -7.38
N GLU B 16 -8.27 -5.33 -7.34
CA GLU B 16 -6.88 -4.91 -7.27
C GLU B 16 -6.39 -4.22 -8.53
N LEU B 17 -5.63 -3.16 -8.34
CA LEU B 17 -5.07 -2.37 -9.42
C LEU B 17 -3.55 -2.39 -9.39
N LEU B 18 -2.93 -2.79 -10.51
CA LEU B 18 -1.47 -2.69 -10.67
C LEU B 18 -1.02 -1.26 -10.39
N PRO B 19 0.01 -1.11 -9.55
CA PRO B 19 0.52 0.23 -9.26
C PRO B 19 1.36 0.73 -10.43
N PRO B 20 1.50 2.06 -10.58
CA PRO B 20 2.31 2.58 -11.68
C PRO B 20 3.71 1.96 -11.77
N VAL B 21 4.40 1.71 -10.65
CA VAL B 21 5.73 1.10 -10.77
C VAL B 21 5.72 -0.22 -11.53
N ALA B 22 4.63 -0.97 -11.43
CA ALA B 22 4.54 -2.25 -12.14
C ALA B 22 4.57 -2.03 -13.66
N LEU B 23 3.85 -1.01 -14.11
CA LEU B 23 3.77 -0.72 -15.54
C LEU B 23 5.07 -0.08 -16.05
N LEU B 24 5.67 0.77 -15.23
CA LEU B 24 6.98 1.36 -15.53
C LEU B 24 8.11 0.29 -15.59
N GLU B 25 8.10 -0.67 -14.65
CA GLU B 25 9.07 -1.75 -14.73
C GLU B 25 8.87 -2.67 -15.95
N LYS B 26 7.62 -3.02 -16.24
CA LYS B 26 7.34 -3.91 -17.36
C LYS B 26 7.65 -3.22 -18.68
N PHE B 27 7.31 -1.94 -18.77
CA PHE B 27 7.49 -1.19 -20.01
C PHE B 27 8.31 0.08 -19.80
N PRO B 28 9.61 -0.06 -19.56
CA PRO B 28 10.44 1.14 -19.36
C PRO B 28 10.72 1.85 -20.69
N ALA B 29 10.85 3.18 -20.63
CA ALA B 29 11.24 3.93 -21.79
C ALA B 29 12.57 3.44 -22.35
N THR B 30 12.63 3.20 -23.65
CA THR B 30 13.92 3.01 -24.31
C THR B 30 14.64 4.35 -24.33
N GLU B 31 15.93 4.32 -24.66
CA GLU B 31 16.68 5.55 -24.90
C GLU B 31 16.04 6.44 -25.96
N ASN B 32 15.66 5.86 -27.11
CA ASN B 32 15.00 6.64 -28.15
C ASN B 32 13.62 7.21 -27.75
N ALA B 33 12.83 6.41 -27.04
CA ALA B 33 11.54 6.91 -26.54
C ALA B 33 11.76 8.08 -25.59
N ALA B 34 12.71 7.94 -24.67
CA ALA B 34 13.03 9.03 -23.74
C ALA B 34 13.52 10.28 -24.47
N ASN B 35 14.35 10.07 -25.48
CA ASN B 35 14.80 11.14 -26.37
C ASN B 35 13.62 11.86 -27.09
N THR B 36 12.69 11.07 -27.65
CA THR B 36 11.51 11.60 -28.33
C THR B 36 10.72 12.52 -27.39
N VAL B 37 10.46 12.04 -26.19
CA VAL B 37 9.75 12.83 -25.20
C VAL B 37 10.51 14.12 -24.82
N ALA B 38 11.77 13.97 -24.41
CA ALA B 38 12.60 15.11 -24.02
C ALA B 38 12.66 16.18 -25.11
N HIS B 39 12.89 15.77 -26.34
CA HIS B 39 13.02 16.72 -27.42
C HIS B 39 11.73 17.43 -27.78
N ALA B 40 10.63 16.69 -27.82
CA ALA B 40 9.34 17.28 -28.13
C ALA B 40 8.88 18.29 -27.07
N ARG B 41 9.06 17.97 -25.80
CA ARG B 41 8.73 18.88 -24.71
C ARG B 41 9.49 20.19 -24.83
N LYS B 42 10.78 20.06 -25.13
CA LYS B 42 11.69 21.19 -25.27
C LYS B 42 11.30 22.03 -26.47
N ALA B 43 10.95 21.37 -27.56
CA ALA B 43 10.48 22.05 -28.76
C ALA B 43 9.20 22.85 -28.49
N ILE B 44 8.26 22.26 -27.76
CA ILE B 44 7.01 22.95 -27.45
C ILE B 44 7.25 24.14 -26.52
N HIS B 45 8.07 23.95 -25.50
CA HIS B 45 8.49 25.03 -24.61
C HIS B 45 9.09 26.20 -25.40
N LYS B 46 9.95 25.91 -26.36
CA LYS B 46 10.55 26.95 -27.18
C LYS B 46 9.52 27.72 -27.98
N ILE B 47 8.55 27.01 -28.54
CA ILE B 47 7.46 27.66 -29.24
C ILE B 47 6.68 28.58 -28.31
N LEU B 48 6.37 28.09 -27.11
CA LEU B 48 5.53 28.83 -26.19
C LEU B 48 6.23 30.06 -25.60
N LYS B 49 7.55 30.06 -25.67
CA LYS B 49 8.38 31.16 -25.19
C LYS B 49 8.57 32.15 -26.32
N GLY B 50 8.11 31.78 -27.51
CA GLY B 50 8.25 32.63 -28.69
C GLY B 50 9.61 32.57 -29.35
N ASN B 51 10.38 31.54 -29.04
CA ASN B 51 11.70 31.38 -29.65
C ASN B 51 11.72 30.40 -30.83
N ASP B 52 10.54 30.03 -31.32
CA ASP B 52 10.46 29.19 -32.49
C ASP B 52 9.17 29.48 -33.24
N ASP B 53 9.27 29.67 -34.55
CA ASP B 53 8.14 30.12 -35.37
C ASP B 53 7.37 28.96 -36.02
N ARG B 54 7.59 27.75 -35.53
CA ARG B 54 6.92 26.58 -36.10
C ARG B 54 5.58 26.37 -35.41
N LEU B 55 4.73 25.55 -36.01
CA LEU B 55 3.40 25.29 -35.46
C LEU B 55 3.32 23.90 -34.81
N LEU B 56 2.91 23.85 -33.54
CA LEU B 56 2.63 22.58 -32.90
C LEU B 56 1.36 22.00 -33.51
N VAL B 57 1.40 20.75 -33.95
CA VAL B 57 0.21 20.13 -34.51
C VAL B 57 -0.08 18.84 -33.75
N VAL B 58 -1.18 18.84 -33.01
CA VAL B 58 -1.62 17.65 -32.31
C VAL B 58 -2.71 17.02 -33.16
N ILE B 59 -2.45 15.82 -33.65
CA ILE B 59 -3.33 15.28 -34.65
C ILE B 59 -3.37 13.76 -34.55
N GLY B 60 -4.55 13.19 -34.67
CA GLY B 60 -4.68 11.76 -34.55
C GLY B 60 -6.09 11.43 -34.17
N PRO B 61 -6.37 10.15 -33.89
CA PRO B 61 -7.71 9.64 -33.62
C PRO B 61 -8.40 10.33 -32.46
N CYS B 62 -9.72 10.39 -32.51
CA CYS B 62 -10.49 10.91 -31.39
C CYS B 62 -10.13 10.06 -30.18
N SER B 63 -10.15 8.74 -30.37
CA SER B 63 -9.73 7.81 -29.34
C SER B 63 -9.04 6.60 -29.98
N ILE B 64 -8.09 6.02 -29.25
CA ILE B 64 -7.44 4.77 -29.65
C ILE B 64 -8.33 3.61 -29.21
N HIS B 65 -8.64 2.69 -30.11
CA HIS B 65 -9.33 1.47 -29.71
C HIS B 65 -8.63 0.22 -30.25
N ASP B 66 -7.64 0.43 -31.11
CA ASP B 66 -6.94 -0.68 -31.76
C ASP B 66 -5.46 -0.36 -31.99
N PRO B 67 -4.58 -0.95 -31.17
CA PRO B 67 -3.13 -0.76 -31.32
C PRO B 67 -2.61 -0.96 -32.74
N VAL B 68 -3.19 -1.91 -33.47
CA VAL B 68 -2.70 -2.21 -34.81
C VAL B 68 -2.92 -1.02 -35.75
N ALA B 69 -4.14 -0.52 -35.80
CA ALA B 69 -4.41 0.67 -36.62
C ALA B 69 -3.65 1.89 -36.11
N ALA B 70 -3.51 2.00 -34.78
CA ALA B 70 -2.77 3.11 -34.17
C ALA B 70 -1.31 3.12 -34.62
N LYS B 71 -0.69 1.94 -34.67
CA LYS B 71 0.70 1.87 -35.12
C LYS B 71 0.83 2.11 -36.64
N GLU B 72 -0.14 1.64 -37.43
CA GLU B 72 -0.11 1.97 -38.87
C GLU B 72 -0.24 3.48 -39.05
N TYR B 73 -1.14 4.10 -38.29
CA TYR B 73 -1.33 5.55 -38.36
C TYR B 73 -0.04 6.28 -37.98
N ALA B 74 0.56 5.87 -36.86
CA ALA B 74 1.81 6.49 -36.38
C ALA B 74 2.93 6.43 -37.43
N THR B 75 3.04 5.32 -38.15
CA THR B 75 4.05 5.24 -39.21
C THR B 75 3.82 6.31 -40.27
N ARG B 76 2.58 6.45 -40.69
CA ARG B 76 2.27 7.41 -41.74
C ARG B 76 2.51 8.85 -41.28
N LEU B 77 2.13 9.13 -40.04
CA LEU B 77 2.26 10.46 -39.49
C LEU B 77 3.72 10.80 -39.26
N LEU B 78 4.48 9.82 -38.80
CA LEU B 78 5.91 10.01 -38.57
C LEU B 78 6.65 10.41 -39.87
N ALA B 79 6.30 9.76 -40.98
CA ALA B 79 6.87 10.12 -42.28
C ALA B 79 6.64 11.60 -42.59
N LEU B 80 5.44 12.11 -42.32
CA LEU B 80 5.19 13.52 -42.55
C LEU B 80 5.83 14.42 -41.49
N ARG B 81 5.90 13.94 -40.25
CA ARG B 81 6.64 14.65 -39.22
C ARG B 81 8.06 14.94 -39.73
N GLU B 82 8.69 13.93 -40.30
CA GLU B 82 10.05 14.05 -40.80
C GLU B 82 10.13 15.00 -41.97
N GLU B 83 9.21 14.86 -42.92
CA GLU B 83 9.22 15.67 -44.13
C GLU B 83 8.91 17.14 -43.86
N LEU B 84 8.03 17.41 -42.91
CA LEU B 84 7.52 18.75 -42.67
C LEU B 84 8.11 19.45 -41.43
N LYS B 85 9.14 18.86 -40.84
CA LYS B 85 9.61 19.31 -39.51
C LYS B 85 10.23 20.72 -39.44
N ASP B 86 10.60 21.30 -40.57
CA ASP B 86 11.08 22.68 -40.57
C ASP B 86 9.95 23.68 -40.28
N GLU B 87 8.72 23.25 -40.52
CA GLU B 87 7.55 24.10 -40.33
C GLU B 87 6.65 23.65 -39.17
N LEU B 88 6.53 22.34 -38.95
CA LEU B 88 5.57 21.80 -38.00
C LEU B 88 6.26 20.91 -36.95
N GLU B 89 5.82 21.02 -35.71
CA GLU B 89 6.18 20.07 -34.66
C GLU B 89 4.99 19.14 -34.52
N ILE B 90 5.07 17.97 -35.15
CA ILE B 90 3.94 17.07 -35.20
C ILE B 90 3.92 16.07 -34.05
N VAL B 91 2.83 16.07 -33.30
CA VAL B 91 2.64 15.18 -32.16
C VAL B 91 1.35 14.37 -32.38
N MET B 92 1.40 13.06 -32.22
CA MET B 92 0.20 12.25 -32.44
C MET B 92 -0.77 12.27 -31.25
N ARG B 93 -2.06 12.51 -31.53
CA ARG B 93 -3.10 12.29 -30.55
C ARG B 93 -3.15 10.83 -30.16
N VAL B 94 -2.75 10.50 -28.94
CA VAL B 94 -2.90 9.13 -28.45
C VAL B 94 -3.81 9.18 -27.22
N TYR B 95 -5.12 9.28 -27.46
CA TYR B 95 -6.07 9.48 -26.36
C TYR B 95 -6.65 8.15 -25.87
N PHE B 96 -6.39 7.84 -24.61
CA PHE B 96 -6.85 6.58 -24.02
C PHE B 96 -8.04 6.78 -23.09
N GLU B 97 -8.36 8.04 -22.79
CA GLU B 97 -9.48 8.38 -21.92
C GLU B 97 -10.41 9.39 -22.61
N LYS B 98 -11.71 9.10 -22.56
CA LYS B 98 -12.73 9.96 -23.18
C LYS B 98 -13.80 10.41 -22.19
N PRO B 99 -14.00 11.73 -22.06
CA PRO B 99 -15.12 12.25 -21.28
C PRO B 99 -16.42 12.15 -22.08
N ARG B 100 -17.45 11.55 -21.50
CA ARG B 100 -18.75 11.46 -22.15
C ARG B 100 -19.70 12.54 -21.66
N THR B 101 -20.58 12.99 -22.54
CA THR B 101 -21.59 14.00 -22.20
C THR B 101 -22.49 13.47 -21.07
N THR B 102 -22.73 12.17 -21.08
CA THR B 102 -23.47 11.50 -20.02
C THR B 102 -22.82 10.16 -19.74
N VAL B 103 -23.14 9.17 -20.56
CA VAL B 103 -22.56 7.81 -20.47
C VAL B 103 -22.02 7.32 -21.82
N GLY B 104 -21.17 6.28 -21.79
CA GLY B 104 -20.63 5.67 -23.00
C GLY B 104 -19.32 4.94 -22.76
N TRP B 105 -18.80 4.26 -23.79
CA TRP B 105 -17.46 3.64 -23.73
C TRP B 105 -16.44 4.70 -23.35
N LYS B 106 -15.75 4.50 -22.23
CA LYS B 106 -14.82 5.51 -21.71
C LYS B 106 -13.42 5.46 -22.31
N GLY B 107 -13.15 4.44 -23.13
CA GLY B 107 -11.88 4.34 -23.81
C GLY B 107 -11.12 3.06 -23.53
N LEU B 108 -9.94 2.97 -24.11
CA LEU B 108 -9.16 1.74 -24.08
C LEU B 108 -8.69 1.34 -22.67
N ILE B 109 -8.31 2.32 -21.86
CA ILE B 109 -7.83 1.98 -20.53
C ILE B 109 -8.97 1.41 -19.69
N ASN B 110 -10.10 2.11 -19.68
CA ASN B 110 -11.26 1.72 -18.91
C ASN B 110 -11.88 0.39 -19.36
N ASP B 111 -11.84 0.10 -20.67
CA ASP B 111 -12.54 -1.07 -21.19
C ASP B 111 -11.94 -1.53 -22.52
N PRO B 112 -10.69 -2.02 -22.48
CA PRO B 112 -9.95 -2.32 -23.72
C PRO B 112 -10.64 -3.35 -24.60
N HIS B 113 -11.43 -4.24 -24.00
CA HIS B 113 -12.05 -5.31 -24.78
C HIS B 113 -13.41 -4.90 -25.35
N MET B 114 -13.83 -3.69 -24.99
CA MET B 114 -15.00 -3.03 -25.56
C MET B 114 -16.28 -3.83 -25.37
N ASP B 115 -16.40 -4.52 -24.23
CA ASP B 115 -17.54 -5.39 -23.98
C ASP B 115 -18.02 -5.18 -22.56
N ASN B 116 -17.75 -4.00 -22.01
CA ASN B 116 -18.04 -3.68 -20.62
C ASN B 116 -17.53 -4.71 -19.61
N SER B 117 -16.35 -5.26 -19.89
CA SER B 117 -15.71 -6.15 -18.94
C SER B 117 -14.74 -5.36 -18.05
N PHE B 118 -14.53 -4.09 -18.38
CA PHE B 118 -13.66 -3.20 -17.57
C PHE B 118 -12.33 -3.80 -17.08
N GLN B 119 -11.60 -4.44 -17.98
CA GLN B 119 -10.31 -5.04 -17.64
C GLN B 119 -9.22 -3.98 -17.62
N ILE B 120 -9.23 -3.15 -16.59
CA ILE B 120 -8.40 -1.94 -16.55
C ILE B 120 -6.91 -2.26 -16.45
N ASN B 121 -6.59 -3.35 -15.75
CA ASN B 121 -5.22 -3.82 -15.73
C ASN B 121 -4.70 -4.16 -17.13
N ASP B 122 -5.51 -4.87 -17.91
CA ASP B 122 -5.19 -5.12 -19.32
C ASP B 122 -5.07 -3.80 -20.10
N GLY B 123 -6.02 -2.90 -19.89
CA GLY B 123 -6.03 -1.64 -20.59
C GLY B 123 -4.77 -0.82 -20.36
N LEU B 124 -4.34 -0.72 -19.10
CA LEU B 124 -3.10 -0.04 -18.74
C LEU B 124 -1.87 -0.66 -19.43
N ARG B 125 -1.78 -1.99 -19.46
CA ARG B 125 -0.68 -2.67 -20.11
C ARG B 125 -0.70 -2.39 -21.63
N ILE B 126 -1.88 -2.46 -22.21
CA ILE B 126 -2.04 -2.21 -23.62
C ILE B 126 -1.67 -0.74 -23.92
N ALA B 127 -2.19 0.17 -23.12
CA ALA B 127 -1.95 1.58 -23.38
C ALA B 127 -0.48 1.98 -23.24
N ARG B 128 0.20 1.54 -22.17
CA ARG B 128 1.59 1.92 -22.01
C ARG B 128 2.47 1.35 -23.12
N LYS B 129 2.25 0.08 -23.45
CA LYS B 129 3.01 -0.58 -24.51
C LYS B 129 2.89 0.14 -25.84
N LEU B 130 1.68 0.56 -26.18
CA LEU B 130 1.43 1.31 -27.40
C LEU B 130 2.15 2.66 -27.34
N LEU B 131 2.04 3.36 -26.21
CA LEU B 131 2.66 4.67 -26.06
C LEU B 131 4.17 4.54 -26.19
N LEU B 132 4.70 3.47 -25.59
CA LEU B 132 6.13 3.14 -25.70
C LEU B 132 6.57 2.91 -27.16
N ASP B 133 5.83 2.07 -27.87
CA ASP B 133 6.13 1.73 -29.26
C ASP B 133 6.13 2.99 -30.15
N ILE B 134 5.12 3.83 -29.97
CA ILE B 134 5.01 5.06 -30.74
C ILE B 134 6.18 6.01 -30.46
N ASN B 135 6.45 6.30 -29.18
CA ASN B 135 7.63 7.09 -28.83
C ASN B 135 8.94 6.46 -29.31
N ASP B 136 9.06 5.14 -29.21
CA ASP B 136 10.30 4.52 -29.65
C ASP B 136 10.50 4.69 -31.14
N SER B 137 9.40 4.74 -31.90
CA SER B 137 9.52 4.88 -33.35
C SER B 137 10.03 6.28 -33.68
N GLY B 138 9.92 7.20 -32.74
CA GLY B 138 10.37 8.56 -32.97
C GLY B 138 9.24 9.60 -33.02
N LEU B 139 8.02 9.16 -32.76
CA LEU B 139 6.85 10.03 -32.84
C LEU B 139 6.32 10.40 -31.46
N PRO B 140 6.36 11.69 -31.11
CA PRO B 140 5.87 12.15 -29.81
C PRO B 140 4.36 12.00 -29.69
N ALA B 141 3.86 11.93 -28.46
CA ALA B 141 2.46 11.64 -28.20
C ALA B 141 1.82 12.67 -27.30
N ALA B 142 0.54 12.93 -27.58
CA ALA B 142 -0.30 13.81 -26.79
C ALA B 142 -1.46 13.04 -26.17
N GLY B 143 -1.90 13.44 -24.98
CA GLY B 143 -3.00 12.79 -24.30
C GLY B 143 -3.94 13.76 -23.59
N GLU B 144 -5.15 13.31 -23.26
CA GLU B 144 -6.02 14.12 -22.44
C GLU B 144 -5.92 13.59 -21.01
N PHE B 145 -5.71 14.49 -20.06
CA PHE B 145 -5.58 14.10 -18.66
C PHE B 145 -6.91 14.30 -17.98
N LEU B 146 -7.67 13.21 -17.88
CA LEU B 146 -9.02 13.27 -17.37
C LEU B 146 -9.08 12.68 -15.97
N ASP B 147 -8.45 11.53 -15.82
CA ASP B 147 -8.47 10.74 -14.60
C ASP B 147 -7.34 11.23 -13.69
N MET B 148 -7.57 11.18 -12.38
CA MET B 148 -6.60 11.66 -11.40
C MET B 148 -5.53 10.61 -11.10
N ILE B 149 -5.78 9.37 -11.47
CA ILE B 149 -4.92 8.27 -11.11
C ILE B 149 -4.10 7.74 -12.29
N THR B 150 -4.69 7.71 -13.48
CA THR B 150 -3.98 7.21 -14.66
C THR B 150 -2.68 7.92 -15.12
N PRO B 151 -2.59 9.27 -14.97
CA PRO B 151 -1.36 9.96 -15.40
C PRO B 151 -0.04 9.33 -14.95
N GLN B 152 0.06 8.87 -13.70
CA GLN B 152 1.28 8.20 -13.22
C GLN B 152 1.71 7.03 -14.09
N TYR B 153 0.77 6.41 -14.77
CA TYR B 153 1.09 5.26 -15.60
C TYR B 153 1.69 5.64 -16.95
N LEU B 154 1.45 6.88 -17.39
CA LEU B 154 1.71 7.23 -18.78
C LEU B 154 2.45 8.54 -18.98
N ALA B 155 2.48 9.40 -17.97
CA ALA B 155 2.88 10.79 -18.19
C ALA B 155 4.33 10.90 -18.64
N ASP B 156 5.16 9.97 -18.20
CA ASP B 156 6.54 9.98 -18.64
C ASP B 156 6.70 9.80 -20.17
N LEU B 157 5.66 9.35 -20.86
CA LEU B 157 5.73 9.15 -22.32
C LEU B 157 4.89 10.17 -23.08
N MET B 158 4.39 11.17 -22.37
CA MET B 158 3.62 12.23 -22.99
C MET B 158 4.43 13.51 -23.19
N SER B 159 4.35 14.07 -24.39
CA SER B 159 5.08 15.28 -24.72
C SER B 159 4.21 16.53 -24.51
N TRP B 160 2.91 16.32 -24.40
CA TRP B 160 1.92 17.39 -24.33
C TRP B 160 0.60 16.79 -23.87
N GLY B 161 -0.15 17.54 -23.08
CA GLY B 161 -1.42 17.06 -22.57
C GLY B 161 -2.50 18.12 -22.61
N ALA B 162 -3.75 17.68 -22.64
CA ALA B 162 -4.87 18.60 -22.63
C ALA B 162 -5.77 18.32 -21.43
N ILE B 163 -6.37 19.38 -20.90
CA ILE B 163 -7.43 19.25 -19.90
C ILE B 163 -8.70 19.61 -20.64
N GLY B 164 -9.63 18.66 -20.69
CA GLY B 164 -10.87 18.82 -21.45
C GLY B 164 -11.70 20.01 -21.05
N ALA B 165 -12.57 20.44 -21.97
CA ALA B 165 -13.47 21.55 -21.72
C ALA B 165 -14.29 21.34 -20.46
N ARG B 166 -14.70 20.10 -20.20
CA ARG B 166 -15.61 19.85 -19.06
C ARG B 166 -14.91 19.86 -17.70
N THR B 167 -13.58 19.95 -17.72
CA THR B 167 -12.82 19.94 -16.48
C THR B 167 -11.85 21.12 -16.34
N THR B 168 -11.92 22.09 -17.26
CA THR B 168 -11.01 23.23 -17.21
C THR B 168 -11.16 24.02 -15.91
N GLU B 169 -12.40 24.11 -15.43
CA GLU B 169 -12.73 24.77 -14.17
C GLU B 169 -12.37 23.99 -12.91
N SER B 170 -12.12 22.69 -13.05
CA SER B 170 -11.89 21.82 -11.91
C SER B 170 -10.53 22.06 -11.19
N GLN B 171 -10.57 22.39 -9.90
CA GLN B 171 -9.34 22.66 -9.15
C GLN B 171 -8.39 21.47 -9.09
N VAL B 172 -8.91 20.24 -9.02
CA VAL B 172 -8.02 19.08 -8.94
C VAL B 172 -7.30 18.86 -10.28
N HIS B 173 -7.96 19.23 -11.38
CA HIS B 173 -7.32 19.19 -12.68
C HIS B 173 -6.27 20.28 -12.84
N ARG B 174 -6.54 21.46 -12.29
CA ARG B 174 -5.54 22.52 -12.35
C ARG B 174 -4.33 22.15 -11.51
N GLU B 175 -4.59 21.56 -10.34
CA GLU B 175 -3.51 21.05 -9.49
C GLU B 175 -2.70 19.99 -10.21
N LEU B 176 -3.40 19.07 -10.88
CA LEU B 176 -2.73 18.03 -11.65
C LEU B 176 -1.77 18.68 -12.65
N ALA B 177 -2.25 19.67 -13.38
CA ALA B 177 -1.46 20.33 -14.41
C ALA B 177 -0.19 21.00 -13.84
N SER B 178 -0.31 21.59 -12.65
CA SER B 178 0.77 22.30 -11.98
C SER B 178 1.96 21.40 -11.67
N GLY B 179 1.72 20.10 -11.60
CA GLY B 179 2.77 19.12 -11.35
C GLY B 179 3.17 18.24 -12.53
N LEU B 180 2.58 18.48 -13.71
CA LEU B 180 2.90 17.65 -14.86
C LEU B 180 4.21 18.10 -15.48
N SER B 181 4.98 17.13 -15.98
CA SER B 181 6.26 17.43 -16.59
C SER B 181 6.16 17.89 -18.03
N CYS B 182 4.97 17.85 -18.63
CA CYS B 182 4.82 18.27 -20.02
C CYS B 182 4.02 19.56 -20.10
N PRO B 183 4.05 20.26 -21.24
CA PRO B 183 3.16 21.40 -21.44
C PRO B 183 1.71 20.95 -21.47
N VAL B 184 0.80 21.86 -21.15
CA VAL B 184 -0.62 21.52 -20.99
C VAL B 184 -1.51 22.59 -21.64
N GLY B 185 -2.41 22.16 -22.51
CA GLY B 185 -3.46 23.03 -23.02
C GLY B 185 -4.76 22.94 -22.23
N PHE B 186 -5.36 24.09 -21.94
CA PHE B 186 -6.69 24.18 -21.34
C PHE B 186 -7.72 24.65 -22.37
N LYS B 187 -8.77 23.86 -22.57
CA LYS B 187 -9.82 24.25 -23.50
C LYS B 187 -10.74 25.30 -22.91
N ASN B 188 -11.25 26.20 -23.76
CA ASN B 188 -12.25 27.15 -23.30
C ASN B 188 -13.51 26.42 -22.85
N GLY B 189 -14.43 27.14 -22.22
CA GLY B 189 -15.63 26.52 -21.68
C GLY B 189 -16.53 25.95 -22.76
N THR B 190 -17.31 24.93 -22.43
CA THR B 190 -18.24 24.30 -23.39
C THR B 190 -19.26 25.28 -23.95
N ASP B 191 -19.46 26.42 -23.28
CA ASP B 191 -20.30 27.48 -23.80
C ASP B 191 -19.47 28.57 -24.49
N GLY B 192 -18.17 28.35 -24.64
CA GLY B 192 -17.33 29.31 -25.34
C GLY B 192 -16.63 30.31 -24.43
N THR B 193 -16.84 30.19 -23.13
CA THR B 193 -16.23 31.10 -22.16
C THR B 193 -14.71 30.93 -22.09
N ILE B 194 -14.02 32.06 -22.22
CA ILE B 194 -12.56 32.11 -22.30
C ILE B 194 -11.92 32.23 -20.93
N LYS B 195 -12.60 32.97 -20.04
CA LYS B 195 -12.11 33.28 -18.71
C LYS B 195 -11.72 32.07 -17.87
N VAL B 196 -12.47 30.98 -17.98
CA VAL B 196 -12.16 29.79 -17.20
C VAL B 196 -10.81 29.18 -17.58
N ALA B 197 -10.43 29.31 -18.85
CA ALA B 197 -9.18 28.72 -19.30
C ALA B 197 -8.01 29.59 -18.88
N ILE B 198 -8.22 30.91 -18.88
CA ILE B 198 -7.23 31.87 -18.40
C ILE B 198 -6.98 31.70 -16.90
N ASP B 199 -8.06 31.57 -16.13
CA ASP B 199 -7.93 31.23 -14.72
C ASP B 199 -7.16 29.92 -14.54
N ALA B 200 -7.44 28.94 -15.39
CA ALA B 200 -6.76 27.64 -15.30
C ALA B 200 -5.26 27.79 -15.51
N ILE B 201 -4.88 28.56 -16.53
CA ILE B 201 -3.48 28.77 -16.85
C ILE B 201 -2.75 29.37 -15.64
N ASN B 202 -3.34 30.41 -15.06
CA ASN B 202 -2.77 31.04 -13.86
C ASN B 202 -2.68 30.08 -12.69
N ALA B 203 -3.75 29.32 -12.46
CA ALA B 203 -3.77 28.36 -11.38
C ALA B 203 -2.67 27.31 -11.56
N ALA B 204 -2.54 26.79 -12.79
CA ALA B 204 -1.56 25.76 -13.10
C ALA B 204 -0.14 26.27 -12.94
N GLY B 205 0.08 27.57 -13.18
CA GLY B 205 1.41 28.13 -13.05
C GLY B 205 1.91 28.25 -11.62
N ALA B 206 1.01 28.11 -10.65
CA ALA B 206 1.33 28.25 -9.25
C ALA B 206 1.60 26.90 -8.57
N PRO B 207 2.44 26.90 -7.52
CA PRO B 207 2.65 25.69 -6.73
C PRO B 207 1.40 25.34 -5.92
N HIS B 208 1.16 24.05 -5.76
CA HIS B 208 0.02 23.57 -5.02
C HIS B 208 0.43 22.47 -4.07
N CYS B 209 -0.39 22.27 -3.05
CA CYS B 209 -0.22 21.16 -2.13
C CYS B 209 -1.58 20.48 -1.99
N PHE B 210 -1.66 19.19 -2.31
CA PHE B 210 -2.96 18.53 -2.42
C PHE B 210 -2.81 17.02 -2.32
N LEU B 211 -3.94 16.32 -2.18
CA LEU B 211 -3.91 14.87 -2.08
C LEU B 211 -3.83 14.18 -3.45
N SER B 212 -2.89 13.25 -3.60
CA SER B 212 -2.75 12.52 -4.86
C SER B 212 -2.27 11.09 -4.62
N VAL B 213 -1.95 10.36 -5.69
CA VAL B 213 -1.49 8.99 -5.56
C VAL B 213 -0.09 8.87 -6.13
N THR B 214 0.76 8.11 -5.46
CA THR B 214 2.15 7.97 -5.87
C THR B 214 2.34 6.81 -6.86
N LYS B 215 3.57 6.67 -7.33
CA LYS B 215 3.90 5.58 -8.24
C LYS B 215 3.76 4.20 -7.58
N TRP B 216 3.67 4.19 -6.25
CA TRP B 216 3.42 2.94 -5.53
C TRP B 216 1.94 2.62 -5.33
N GLY B 217 1.08 3.47 -5.89
CA GLY B 217 -0.34 3.27 -5.75
C GLY B 217 -0.87 3.61 -4.36
N HIS B 218 -0.16 4.46 -3.62
CA HIS B 218 -0.59 4.89 -2.28
C HIS B 218 -0.99 6.36 -2.32
N SER B 219 -2.03 6.72 -1.57
CA SER B 219 -2.39 8.15 -1.47
C SER B 219 -1.33 8.88 -0.65
N ALA B 220 -1.15 10.16 -0.93
CA ALA B 220 -0.13 10.93 -0.26
C ALA B 220 -0.43 12.41 -0.40
N ILE B 221 0.35 13.23 0.30
CA ILE B 221 0.28 14.68 0.16
C ILE B 221 1.42 15.09 -0.77
N VAL B 222 1.09 15.72 -1.89
CA VAL B 222 2.13 16.14 -2.83
C VAL B 222 2.22 17.66 -2.96
N ASN B 223 3.42 18.16 -3.16
CA ASN B 223 3.66 19.56 -3.44
C ASN B 223 4.21 19.70 -4.86
N THR B 224 3.62 20.59 -5.64
CA THR B 224 4.07 20.84 -7.00
C THR B 224 4.70 22.21 -7.07
N SER B 225 5.41 22.47 -8.16
CA SER B 225 6.15 23.72 -8.35
C SER B 225 5.41 24.73 -9.22
N GLY B 226 4.40 24.26 -9.95
CA GLY B 226 3.73 25.10 -10.91
C GLY B 226 4.29 24.88 -12.30
N ASN B 227 3.43 25.01 -13.31
CA ASN B 227 3.79 24.67 -14.68
C ASN B 227 3.55 25.90 -15.54
N GLY B 228 4.63 26.52 -16.00
CA GLY B 228 4.52 27.74 -16.81
C GLY B 228 4.26 27.49 -18.29
N ASP B 229 4.32 26.22 -18.70
CA ASP B 229 4.09 25.85 -20.09
C ASP B 229 2.62 25.50 -20.37
N CYS B 230 1.70 26.36 -19.94
CA CYS B 230 0.30 26.15 -20.24
C CYS B 230 -0.25 27.23 -21.17
N HIS B 231 -1.27 26.87 -21.95
CA HIS B 231 -1.88 27.79 -22.90
C HIS B 231 -3.32 27.40 -23.16
N ILE B 232 -4.06 28.28 -23.85
CA ILE B 232 -5.48 28.04 -24.11
C ILE B 232 -5.68 27.19 -25.37
N ILE B 233 -6.76 26.42 -25.40
CA ILE B 233 -7.18 25.76 -26.62
C ILE B 233 -8.56 26.29 -26.99
N LEU B 234 -8.68 26.85 -28.19
CA LEU B 234 -9.94 27.37 -28.66
C LEU B 234 -10.72 26.25 -29.32
N ARG B 235 -11.89 25.92 -28.77
CA ARG B 235 -12.65 24.76 -29.25
C ARG B 235 -14.10 25.07 -29.59
N GLY B 236 -14.42 26.35 -29.69
CA GLY B 236 -15.77 26.77 -30.04
C GLY B 236 -16.66 26.91 -28.82
N GLY B 237 -17.84 27.48 -29.03
CA GLY B 237 -18.86 27.62 -28.01
C GLY B 237 -20.19 27.22 -28.60
N LYS B 238 -21.19 28.10 -28.50
CA LYS B 238 -22.43 27.92 -29.26
C LYS B 238 -22.11 28.10 -30.74
N GLU B 239 -21.18 29.01 -31.02
CA GLU B 239 -20.67 29.18 -32.36
C GLU B 239 -19.14 28.98 -32.36
N PRO B 240 -18.56 28.71 -33.53
CA PRO B 240 -17.11 28.51 -33.61
C PRO B 240 -16.36 29.76 -33.14
N ASN B 241 -15.14 29.59 -32.64
CA ASN B 241 -14.33 30.74 -32.22
C ASN B 241 -12.91 30.71 -32.79
N TYR B 242 -12.75 30.17 -34.00
CA TYR B 242 -11.43 30.06 -34.63
C TYR B 242 -11.07 31.29 -35.46
N SER B 243 -12.06 32.08 -35.86
CA SER B 243 -11.86 33.15 -36.82
C SER B 243 -11.05 34.32 -36.22
N ALA B 244 -10.53 35.17 -37.10
CA ALA B 244 -9.64 36.26 -36.69
C ALA B 244 -10.22 37.14 -35.60
N LYS B 245 -11.49 37.49 -35.76
CA LYS B 245 -12.23 38.27 -34.77
C LYS B 245 -12.16 37.66 -33.38
N HIS B 246 -12.34 36.35 -33.31
CA HIS B 246 -12.30 35.64 -32.03
C HIS B 246 -10.89 35.55 -31.45
N VAL B 247 -9.93 35.32 -32.33
CA VAL B 247 -8.53 35.22 -31.94
C VAL B 247 -8.04 36.55 -31.34
N ALA B 248 -8.46 37.66 -31.95
CA ALA B 248 -8.08 38.99 -31.44
C ALA B 248 -8.61 39.18 -30.02
N GLU B 249 -9.86 38.80 -29.81
CA GLU B 249 -10.49 38.92 -28.51
C GLU B 249 -9.73 38.13 -27.43
N VAL B 250 -9.30 36.94 -27.80
CA VAL B 250 -8.59 36.06 -26.88
C VAL B 250 -7.17 36.56 -26.58
N LYS B 251 -6.48 37.04 -27.61
CA LYS B 251 -5.15 37.64 -27.44
C LYS B 251 -5.22 38.80 -26.44
N GLU B 252 -6.21 39.66 -26.63
CA GLU B 252 -6.43 40.81 -25.76
C GLU B 252 -6.77 40.36 -24.33
N GLY B 253 -7.60 39.34 -24.20
CA GLY B 253 -7.96 38.81 -22.91
C GLY B 253 -6.76 38.25 -22.18
N LEU B 254 -5.92 37.54 -22.91
CA LEU B 254 -4.71 36.96 -22.33
C LEU B 254 -3.76 38.07 -21.87
N ASN B 255 -3.51 39.06 -22.73
CA ASN B 255 -2.60 40.15 -22.39
C ASN B 255 -3.09 40.92 -21.19
N LYS B 256 -4.40 41.06 -21.10
CA LYS B 256 -5.04 41.75 -20.00
C LYS B 256 -4.78 40.99 -18.70
N ALA B 257 -4.76 39.66 -18.78
CA ALA B 257 -4.48 38.86 -17.60
C ALA B 257 -2.97 38.67 -17.39
N GLY B 258 -2.17 39.41 -18.15
CA GLY B 258 -0.72 39.31 -18.05
C GLY B 258 -0.07 38.08 -18.67
N LEU B 259 -0.77 37.42 -19.60
CA LEU B 259 -0.23 36.22 -20.24
C LEU B 259 0.14 36.48 -21.70
N PRO B 260 1.14 35.76 -22.22
CA PRO B 260 1.42 35.97 -23.65
C PRO B 260 0.21 35.63 -24.50
N ALA B 261 0.05 36.38 -25.58
CA ALA B 261 -1.05 36.20 -26.51
C ALA B 261 -0.73 35.05 -27.43
N GLN B 262 -1.18 33.86 -27.07
CA GLN B 262 -0.90 32.67 -27.87
C GLN B 262 -2.07 31.68 -27.74
N VAL B 263 -2.38 30.97 -28.83
CA VAL B 263 -3.53 30.08 -28.81
C VAL B 263 -3.23 28.81 -29.59
N MET B 264 -3.81 27.70 -29.14
CA MET B 264 -3.93 26.54 -30.01
C MET B 264 -5.35 26.54 -30.50
N ILE B 265 -5.60 26.18 -31.76
CA ILE B 265 -6.96 26.14 -32.24
C ILE B 265 -7.39 24.70 -32.58
N ASP B 266 -8.41 24.20 -31.89
CA ASP B 266 -8.96 22.89 -32.19
C ASP B 266 -9.86 23.05 -33.43
N PHE B 267 -9.57 22.33 -34.50
CA PHE B 267 -10.37 22.44 -35.73
C PHE B 267 -11.67 21.69 -35.60
N SER B 268 -11.75 20.82 -34.60
CA SER B 268 -12.88 19.89 -34.48
C SER B 268 -13.89 20.34 -33.45
N HIS B 269 -14.68 19.38 -32.96
CA HIS B 269 -15.73 19.66 -31.96
C HIS B 269 -16.63 20.85 -32.34
N ALA B 270 -16.79 21.82 -31.45
CA ALA B 270 -17.71 22.91 -31.73
C ALA B 270 -17.19 23.87 -32.81
N ASN B 271 -15.88 23.86 -33.06
CA ASN B 271 -15.33 24.66 -34.16
C ASN B 271 -15.68 24.13 -35.56
N SER B 272 -16.05 22.87 -35.65
CA SER B 272 -16.51 22.26 -36.90
C SER B 272 -18.02 21.94 -36.83
N SER B 273 -18.69 22.45 -35.80
CA SER B 273 -20.06 22.05 -35.48
C SER B 273 -20.20 20.53 -35.47
N LYS B 274 -19.16 19.84 -35.00
CA LYS B 274 -19.12 18.38 -34.93
C LYS B 274 -19.35 17.70 -36.29
N GLN B 275 -18.97 18.40 -37.35
CA GLN B 275 -19.03 17.87 -38.70
C GLN B 275 -17.60 17.70 -39.18
N PHE B 276 -17.17 16.44 -39.26
CA PHE B 276 -15.76 16.14 -39.35
C PHE B 276 -15.07 16.76 -40.57
N LYS B 277 -15.80 16.92 -41.67
CA LYS B 277 -15.19 17.47 -42.88
C LYS B 277 -14.95 18.98 -42.79
N LYS B 278 -15.69 19.65 -41.93
CA LYS B 278 -15.51 21.08 -41.75
C LYS B 278 -14.17 21.44 -41.10
N GLN B 279 -13.48 20.44 -40.57
CA GLN B 279 -12.12 20.69 -40.07
C GLN B 279 -11.26 21.20 -41.22
N MET B 280 -11.57 20.79 -42.46
CA MET B 280 -10.83 21.26 -43.63
C MET B 280 -11.13 22.74 -43.93
N ASP B 281 -12.34 23.20 -43.59
CA ASP B 281 -12.73 24.60 -43.76
C ASP B 281 -12.10 25.46 -42.68
N VAL B 282 -12.11 24.96 -41.45
CA VAL B 282 -11.37 25.64 -40.39
C VAL B 282 -9.90 25.78 -40.77
N CYS B 283 -9.34 24.68 -41.32
CA CYS B 283 -7.95 24.66 -41.77
C CYS B 283 -7.67 25.76 -42.79
N ALA B 284 -8.56 25.91 -43.78
CA ALA B 284 -8.39 26.94 -44.79
C ALA B 284 -8.31 28.33 -44.14
N ASP B 285 -9.23 28.61 -43.23
CA ASP B 285 -9.27 29.91 -42.55
C ASP B 285 -8.06 30.13 -41.64
N VAL B 286 -7.70 29.12 -40.87
CA VAL B 286 -6.55 29.24 -39.99
C VAL B 286 -5.25 29.37 -40.79
N CYS B 287 -5.15 28.65 -41.91
CA CYS B 287 -3.98 28.78 -42.77
C CYS B 287 -3.83 30.19 -43.34
N GLN B 288 -4.96 30.80 -43.69
CA GLN B 288 -4.93 32.16 -44.20
C GLN B 288 -4.48 33.14 -43.12
N GLN B 289 -4.94 32.92 -41.89
CA GLN B 289 -4.50 33.75 -40.76
C GLN B 289 -3.00 33.65 -40.55
N ILE B 290 -2.50 32.42 -40.54
CA ILE B 290 -1.10 32.14 -40.30
C ILE B 290 -0.20 32.71 -41.41
N ALA B 291 -0.53 32.39 -42.66
CA ALA B 291 0.20 32.92 -43.81
C ALA B 291 0.12 34.45 -43.86
N GLY B 292 -0.98 35.00 -43.35
CA GLY B 292 -1.18 36.44 -43.35
C GLY B 292 -0.31 37.15 -42.33
N GLY B 293 0.30 36.38 -41.43
CA GLY B 293 1.17 36.98 -40.43
C GLY B 293 0.74 36.83 -38.98
N GLU B 294 -0.25 35.99 -38.69
CA GLU B 294 -0.69 35.77 -37.31
C GLU B 294 0.28 34.90 -36.51
N LYS B 295 1.02 35.52 -35.61
CA LYS B 295 2.02 34.84 -34.81
C LYS B 295 1.44 34.15 -33.58
N ALA B 296 0.31 34.65 -33.10
CA ALA B 296 -0.29 34.12 -31.88
C ALA B 296 -0.76 32.66 -32.02
N ILE B 297 -0.94 32.20 -33.25
CA ILE B 297 -1.39 30.82 -33.43
C ILE B 297 -0.16 29.94 -33.38
N ILE B 298 0.05 29.31 -32.23
CA ILE B 298 1.23 28.47 -32.02
C ILE B 298 0.93 26.97 -32.20
N GLY B 299 -0.34 26.62 -32.29
CA GLY B 299 -0.74 25.23 -32.38
C GLY B 299 -2.12 25.00 -32.98
N VAL B 300 -2.37 23.80 -33.45
CA VAL B 300 -3.71 23.40 -33.84
C VAL B 300 -3.91 21.95 -33.41
N MET B 301 -5.17 21.52 -33.40
CA MET B 301 -5.54 20.16 -33.02
C MET B 301 -6.56 19.65 -34.02
N VAL B 302 -6.41 18.39 -34.43
CA VAL B 302 -7.22 17.86 -35.52
C VAL B 302 -7.56 16.40 -35.23
N GLU B 303 -8.81 16.02 -35.46
CA GLU B 303 -9.22 14.63 -35.30
C GLU B 303 -9.16 13.90 -36.64
N SER B 304 -8.25 12.92 -36.68
CA SER B 304 -7.83 12.27 -37.91
C SER B 304 -7.56 10.79 -37.67
N HIS B 305 -7.91 9.97 -38.65
CA HIS B 305 -7.70 8.52 -38.57
C HIS B 305 -7.34 8.00 -39.96
N LEU B 306 -7.06 6.70 -40.07
CA LEU B 306 -6.76 6.14 -41.38
C LEU B 306 -7.97 6.28 -42.31
N VAL B 307 -9.14 5.98 -41.78
CA VAL B 307 -10.37 5.98 -42.56
C VAL B 307 -11.32 7.00 -41.96
N GLU B 308 -11.93 7.82 -42.81
CA GLU B 308 -12.79 8.90 -42.33
C GLU B 308 -14.10 8.41 -41.69
N GLY B 309 -14.73 9.29 -40.90
CA GLY B 309 -16.08 9.08 -40.40
C GLY B 309 -16.04 8.41 -39.04
N ASN B 310 -17.09 7.65 -38.73
CA ASN B 310 -17.12 6.83 -37.51
C ASN B 310 -18.06 5.64 -37.64
N GLN B 311 -18.18 4.85 -36.58
CA GLN B 311 -18.96 3.61 -36.58
C GLN B 311 -19.43 3.32 -35.16
N SER B 312 -20.45 2.48 -35.04
CA SER B 312 -21.04 2.20 -33.73
C SER B 312 -20.61 0.87 -33.13
N LEU B 313 -20.17 0.93 -31.89
CA LEU B 313 -19.84 -0.26 -31.12
C LEU B 313 -21.09 -1.08 -30.79
N GLU B 314 -22.20 -0.40 -30.55
CA GLU B 314 -23.37 -1.06 -30.00
C GLU B 314 -24.20 -1.90 -30.97
N SER B 315 -23.95 -1.77 -32.28
CA SER B 315 -24.64 -2.59 -33.27
C SER B 315 -24.20 -4.05 -33.12
N GLY B 316 -22.99 -4.26 -32.60
CA GLY B 316 -22.46 -5.60 -32.50
C GLY B 316 -21.90 -6.12 -33.80
N GLU B 317 -21.88 -5.27 -34.84
CA GLU B 317 -21.19 -5.60 -36.08
C GLU B 317 -19.69 -5.59 -35.81
N PRO B 318 -18.94 -6.51 -36.44
CA PRO B 318 -17.47 -6.44 -36.39
C PRO B 318 -16.99 -5.09 -36.93
N LEU B 319 -16.04 -4.49 -36.23
CA LEU B 319 -15.59 -3.13 -36.52
C LEU B 319 -14.82 -3.07 -37.83
N ALA B 320 -15.05 -2.02 -38.60
CA ALA B 320 -14.17 -1.73 -39.73
C ALA B 320 -12.83 -1.26 -39.18
N TYR B 321 -11.75 -1.66 -39.84
CA TYR B 321 -10.39 -1.29 -39.48
C TYR B 321 -10.09 0.19 -39.70
N GLY B 322 -9.36 0.80 -38.77
CA GLY B 322 -8.85 2.16 -38.97
C GLY B 322 -9.89 3.26 -38.94
N LYS B 323 -11.06 2.96 -38.37
CA LYS B 323 -12.17 3.90 -38.35
C LYS B 323 -12.66 4.13 -36.91
N SER B 324 -12.81 5.40 -36.55
CA SER B 324 -13.21 5.78 -35.19
C SER B 324 -14.52 5.16 -34.68
N ILE B 325 -14.54 4.79 -33.40
CA ILE B 325 -15.77 4.37 -32.76
C ILE B 325 -16.28 5.46 -31.82
N THR B 326 -15.66 6.63 -31.87
CA THR B 326 -16.15 7.77 -31.11
C THR B 326 -16.50 8.92 -32.05
N ASP B 327 -15.92 10.10 -31.90
CA ASP B 327 -16.22 11.21 -32.81
C ASP B 327 -15.74 10.87 -34.21
N ALA B 328 -16.43 11.36 -35.24
CA ALA B 328 -15.96 11.20 -36.61
C ALA B 328 -14.67 11.98 -36.91
N CYS B 329 -13.76 11.37 -37.66
CA CYS B 329 -12.49 12.00 -38.03
C CYS B 329 -12.36 12.13 -39.53
N ILE B 330 -11.48 13.02 -39.96
CA ILE B 330 -11.06 12.99 -41.35
C ILE B 330 -10.18 11.78 -41.59
N GLY B 331 -10.15 11.31 -42.83
CA GLY B 331 -9.35 10.15 -43.21
C GLY B 331 -7.91 10.55 -43.56
N TRP B 332 -7.10 9.56 -43.93
CA TRP B 332 -5.69 9.81 -44.19
C TRP B 332 -5.38 10.79 -45.33
N GLU B 333 -6.10 10.67 -46.43
CA GLU B 333 -5.81 11.48 -47.60
C GLU B 333 -6.05 12.99 -47.28
N ASP B 334 -7.13 13.29 -46.56
CA ASP B 334 -7.41 14.66 -46.13
C ASP B 334 -6.35 15.14 -45.13
N THR B 335 -5.93 14.23 -44.26
CA THR B 335 -4.91 14.54 -43.26
C THR B 335 -3.60 14.96 -43.91
N ASP B 336 -3.14 14.18 -44.88
CA ASP B 336 -1.93 14.52 -45.61
C ASP B 336 -2.06 15.92 -46.23
N ALA B 337 -3.18 16.16 -46.91
CA ALA B 337 -3.44 17.48 -47.50
C ALA B 337 -3.44 18.58 -46.46
N LEU B 338 -4.11 18.34 -45.34
CA LEU B 338 -4.24 19.34 -44.30
C LEU B 338 -2.88 19.69 -43.69
N LEU B 339 -2.05 18.68 -43.46
CA LEU B 339 -0.71 18.92 -42.92
C LEU B 339 0.18 19.74 -43.87
N ARG B 340 0.13 19.40 -45.16
CA ARG B 340 0.85 20.16 -46.16
C ARG B 340 0.37 21.62 -46.22
N GLN B 341 -0.94 21.83 -46.17
CA GLN B 341 -1.45 23.20 -46.10
C GLN B 341 -0.88 23.96 -44.91
N LEU B 342 -0.92 23.35 -43.72
CA LEU B 342 -0.40 24.01 -42.54
C LEU B 342 1.09 24.32 -42.68
N ALA B 343 1.87 23.35 -43.16
CA ALA B 343 3.30 23.60 -43.36
C ALA B 343 3.53 24.74 -44.35
N ASN B 344 2.77 24.77 -45.44
CA ASN B 344 2.91 25.86 -46.40
C ASN B 344 2.56 27.22 -45.78
N ALA B 345 1.57 27.23 -44.90
CA ALA B 345 1.17 28.47 -44.22
C ALA B 345 2.26 28.99 -43.28
N VAL B 346 2.90 28.09 -42.56
CA VAL B 346 3.95 28.45 -41.61
C VAL B 346 5.15 29.01 -42.37
N LYS B 347 5.50 28.35 -43.47
CA LYS B 347 6.54 28.86 -44.36
C LYS B 347 6.19 30.27 -44.88
N ALA B 348 4.93 30.50 -45.26
CA ALA B 348 4.56 31.83 -45.74
C ALA B 348 4.63 32.86 -44.60
N ARG B 349 4.22 32.46 -43.40
CA ARG B 349 4.25 33.36 -42.24
C ARG B 349 5.66 33.88 -41.99
N ARG B 350 6.62 32.99 -42.18
CA ARG B 350 8.04 33.25 -41.94
C ARG B 350 8.57 34.19 -43.02
N GLY B 351 8.04 34.02 -44.23
CA GLY B 351 8.56 34.67 -45.42
C GLY B 351 8.67 36.18 -45.39
N ASN C 6 1.87 -20.72 -11.19
CA ASN C 6 2.49 -21.57 -10.17
C ASN C 6 2.42 -20.92 -8.78
N ASP C 7 1.36 -20.16 -8.55
CA ASP C 7 1.26 -19.31 -7.37
C ASP C 7 0.05 -19.66 -6.49
N ASP C 8 0.20 -19.44 -5.18
CA ASP C 8 -0.93 -19.43 -4.23
C ASP C 8 -1.68 -20.74 -3.99
N LEU C 9 -1.10 -21.87 -4.40
CA LEU C 9 -1.79 -23.16 -4.24
C LEU C 9 -2.04 -23.58 -2.78
N ARG C 10 -1.16 -23.17 -1.86
CA ARG C 10 -1.34 -23.51 -0.46
C ARG C 10 -1.73 -22.29 0.37
N ILE C 11 -2.01 -21.18 -0.31
CA ILE C 11 -2.58 -20.01 0.32
C ILE C 11 -4.09 -20.08 0.13
N LYS C 12 -4.83 -20.22 1.22
CA LYS C 12 -6.27 -20.41 1.11
C LYS C 12 -7.00 -19.08 1.05
N GLU C 13 -6.70 -18.19 1.98
CA GLU C 13 -7.32 -16.87 1.98
C GLU C 13 -6.39 -15.77 2.46
N ILE C 14 -6.64 -14.59 1.93
CA ILE C 14 -5.90 -13.39 2.27
C ILE C 14 -6.92 -12.35 2.72
N LYS C 15 -6.72 -11.76 3.88
CA LYS C 15 -7.68 -10.82 4.46
C LYS C 15 -7.03 -9.50 4.86
N GLU C 16 -7.83 -8.45 4.92
CA GLU C 16 -7.35 -7.10 5.24
C GLU C 16 -6.77 -7.00 6.64
N LEU C 17 -5.66 -6.28 6.72
CA LEU C 17 -5.00 -6.06 8.00
C LEU C 17 -4.85 -4.55 8.23
N LEU C 18 -5.32 -4.09 9.38
CA LEU C 18 -5.12 -2.71 9.78
C LEU C 18 -3.64 -2.44 9.88
N PRO C 19 -3.19 -1.27 9.40
CA PRO C 19 -1.77 -0.90 9.49
C PRO C 19 -1.46 -0.35 10.89
N PRO C 20 -0.19 -0.35 11.31
CA PRO C 20 0.18 0.13 12.64
C PRO C 20 -0.32 1.54 12.91
N VAL C 21 -0.22 2.37 11.90
CA VAL C 21 -0.61 3.77 12.02
C VAL C 21 -2.08 3.90 12.50
N ALA C 22 -2.93 2.94 12.13
CA ALA C 22 -4.31 2.94 12.61
C ALA C 22 -4.44 2.64 14.11
N LEU C 23 -3.65 1.68 14.60
CA LEU C 23 -3.59 1.34 16.01
C LEU C 23 -2.95 2.46 16.81
N LEU C 24 -1.92 3.07 16.24
CA LEU C 24 -1.24 4.20 16.88
C LEU C 24 -2.16 5.41 17.02
N GLU C 25 -2.96 5.68 16.00
CA GLU C 25 -3.92 6.78 16.05
C GLU C 25 -5.05 6.50 17.02
N LYS C 26 -5.56 5.28 17.02
CA LYS C 26 -6.67 4.95 17.89
C LYS C 26 -6.22 4.93 19.34
N PHE C 27 -5.03 4.37 19.59
CA PHE C 27 -4.54 4.23 20.96
C PHE C 27 -3.19 4.90 21.14
N PRO C 28 -3.17 6.24 21.12
CA PRO C 28 -1.88 6.92 21.27
C PRO C 28 -1.38 6.82 22.70
N ALA C 29 -0.06 6.86 22.88
CA ALA C 29 0.51 6.86 24.21
C ALA C 29 0.14 8.14 24.91
N THR C 30 -0.37 8.00 26.13
CA THR C 30 -0.60 9.16 26.99
C THR C 30 0.74 9.66 27.47
N GLU C 31 0.74 10.83 28.09
CA GLU C 31 1.93 11.39 28.70
C GLU C 31 2.51 10.38 29.70
N ASN C 32 1.66 9.84 30.56
CA ASN C 32 2.11 8.86 31.54
C ASN C 32 2.67 7.59 30.91
N ALA C 33 1.93 7.03 29.95
CA ALA C 33 2.38 5.85 29.24
C ALA C 33 3.76 6.09 28.64
N ALA C 34 3.94 7.21 27.97
CA ALA C 34 5.23 7.56 27.38
C ALA C 34 6.31 7.73 28.44
N ASN C 35 5.93 8.29 29.59
CA ASN C 35 6.86 8.47 30.70
C ASN C 35 7.37 7.14 31.26
N THR C 36 6.44 6.25 31.58
CA THR C 36 6.76 4.91 32.06
C THR C 36 7.79 4.22 31.17
N VAL C 37 7.52 4.22 29.86
CA VAL C 37 8.39 3.57 28.90
C VAL C 37 9.77 4.20 28.91
N ALA C 38 9.83 5.51 28.81
CA ALA C 38 11.11 6.19 28.70
C ALA C 38 12.00 6.00 29.95
N HIS C 39 11.38 6.01 31.13
CA HIS C 39 12.12 5.84 32.38
C HIS C 39 12.65 4.43 32.53
N ALA C 40 11.79 3.45 32.29
CA ALA C 40 12.14 2.05 32.39
C ALA C 40 13.26 1.65 31.43
N ARG C 41 13.19 2.13 30.18
CA ARG C 41 14.25 1.85 29.23
C ARG C 41 15.56 2.48 29.72
N LYS C 42 15.47 3.71 30.21
CA LYS C 42 16.64 4.41 30.72
C LYS C 42 17.23 3.66 31.91
N ALA C 43 16.35 3.20 32.80
CA ALA C 43 16.73 2.48 34.01
C ALA C 43 17.39 1.13 33.70
N ILE C 44 16.87 0.41 32.71
CA ILE C 44 17.46 -0.86 32.31
C ILE C 44 18.83 -0.64 31.67
N HIS C 45 18.94 0.44 30.90
CA HIS C 45 20.21 0.81 30.27
C HIS C 45 21.27 1.07 31.34
N LYS C 46 20.89 1.82 32.37
CA LYS C 46 21.78 2.15 33.48
C LYS C 46 22.21 0.87 34.21
N ILE C 47 21.31 -0.10 34.31
CA ILE C 47 21.64 -1.38 34.90
C ILE C 47 22.61 -2.16 34.03
N LEU C 48 22.42 -2.09 32.72
CA LEU C 48 23.25 -2.79 31.77
C LEU C 48 24.64 -2.17 31.68
N LYS C 49 24.71 -0.85 31.88
CA LYS C 49 26.00 -0.16 31.85
C LYS C 49 26.79 -0.42 33.12
N GLY C 50 26.13 -1.03 34.11
CA GLY C 50 26.77 -1.33 35.38
C GLY C 50 26.79 -0.14 36.31
N ASN C 51 25.96 0.85 36.00
CA ASN C 51 25.89 2.07 36.79
C ASN C 51 24.68 2.13 37.74
N ASP C 52 24.04 1.00 37.95
CA ASP C 52 22.99 0.89 38.95
C ASP C 52 22.96 -0.53 39.46
N ASP C 53 22.98 -0.69 40.78
CA ASP C 53 23.14 -2.02 41.37
C ASP C 53 21.84 -2.80 41.54
N ARG C 54 20.72 -2.21 41.14
CA ARG C 54 19.43 -2.88 41.30
C ARG C 54 19.27 -4.04 40.32
N LEU C 55 18.23 -4.84 40.52
CA LEU C 55 17.98 -6.03 39.71
C LEU C 55 16.78 -5.84 38.79
N LEU C 56 16.96 -6.10 37.49
CA LEU C 56 15.82 -6.08 36.58
C LEU C 56 15.01 -7.34 36.77
N VAL C 57 13.73 -7.18 37.05
CA VAL C 57 12.86 -8.33 37.22
C VAL C 57 11.74 -8.32 36.19
N VAL C 58 11.75 -9.32 35.33
CA VAL C 58 10.71 -9.47 34.32
C VAL C 58 9.81 -10.62 34.78
N ILE C 59 8.58 -10.28 35.13
CA ILE C 59 7.73 -11.23 35.80
C ILE C 59 6.27 -11.02 35.39
N GLY C 60 5.53 -12.13 35.26
CA GLY C 60 4.17 -12.07 34.79
C GLY C 60 3.81 -13.38 34.15
N PRO C 61 2.61 -13.45 33.54
CA PRO C 61 2.09 -14.68 32.96
C PRO C 61 2.93 -15.19 31.80
N CYS C 62 2.90 -16.50 31.59
CA CYS C 62 3.49 -17.07 30.39
C CYS C 62 2.88 -16.37 29.17
N SER C 63 1.57 -16.18 29.21
CA SER C 63 0.88 -15.49 28.12
C SER C 63 -0.33 -14.74 28.65
N ILE C 64 -0.66 -13.65 27.99
CA ILE C 64 -1.87 -12.89 28.30
C ILE C 64 -3.03 -13.48 27.51
N HIS C 65 -4.12 -13.80 28.20
CA HIS C 65 -5.28 -14.31 27.48
C HIS C 65 -6.59 -13.68 27.96
N ASP C 66 -6.50 -12.89 29.02
CA ASP C 66 -7.66 -12.27 29.65
C ASP C 66 -7.22 -10.92 30.15
N PRO C 67 -7.58 -9.85 29.42
CA PRO C 67 -7.21 -8.47 29.75
C PRO C 67 -7.62 -8.06 31.17
N VAL C 68 -8.71 -8.65 31.67
CA VAL C 68 -9.23 -8.27 32.99
C VAL C 68 -8.32 -8.79 34.11
N ALA C 69 -8.13 -10.10 34.16
CA ALA C 69 -7.14 -10.71 35.06
C ALA C 69 -5.80 -9.98 34.95
N ALA C 70 -5.37 -9.74 33.71
CA ALA C 70 -4.08 -9.09 33.46
C ALA C 70 -4.04 -7.71 34.10
N LYS C 71 -5.17 -7.01 34.09
CA LYS C 71 -5.20 -5.68 34.70
C LYS C 71 -5.20 -5.77 36.23
N GLU C 72 -5.79 -6.83 36.75
CA GLU C 72 -5.71 -7.05 38.20
C GLU C 72 -4.27 -7.36 38.57
N TYR C 73 -3.68 -8.32 37.86
CA TYR C 73 -2.29 -8.70 38.09
C TYR C 73 -1.41 -7.46 38.09
N ALA C 74 -1.60 -6.61 37.08
CA ALA C 74 -0.83 -5.37 36.95
C ALA C 74 -1.01 -4.45 38.14
N THR C 75 -2.23 -4.38 38.66
CA THR C 75 -2.50 -3.54 39.83
C THR C 75 -1.67 -4.00 41.03
N ARG C 76 -1.66 -5.31 41.26
CA ARG C 76 -0.91 -5.88 42.38
C ARG C 76 0.60 -5.69 42.22
N LEU C 77 1.11 -6.00 41.03
CA LEU C 77 2.54 -5.94 40.78
C LEU C 77 3.05 -4.51 40.88
N LEU C 78 2.20 -3.56 40.51
CA LEU C 78 2.57 -2.14 40.51
C LEU C 78 2.87 -1.67 41.94
N ALA C 79 2.12 -2.20 42.90
CA ALA C 79 2.33 -1.89 44.30
C ALA C 79 3.70 -2.37 44.76
N LEU C 80 4.02 -3.62 44.45
CA LEU C 80 5.33 -4.19 44.78
C LEU C 80 6.47 -3.48 44.06
N ARG C 81 6.23 -3.07 42.81
CA ARG C 81 7.22 -2.30 42.07
C ARG C 81 7.54 -1.02 42.83
N GLU C 82 6.50 -0.41 43.38
CA GLU C 82 6.67 0.80 44.16
C GLU C 82 7.38 0.53 45.49
N GLU C 83 7.00 -0.57 46.14
CA GLU C 83 7.50 -0.87 47.48
C GLU C 83 8.97 -1.30 47.44
N LEU C 84 9.34 -1.97 46.36
CA LEU C 84 10.66 -2.58 46.25
C LEU C 84 11.58 -1.83 45.29
N LYS C 85 11.21 -0.59 44.95
CA LYS C 85 11.88 0.15 43.88
C LYS C 85 13.38 0.38 44.10
N ASP C 86 13.81 0.33 45.36
CA ASP C 86 15.23 0.58 45.68
C ASP C 86 16.11 -0.63 45.41
N GLU C 87 15.52 -1.82 45.38
CA GLU C 87 16.27 -3.02 45.05
C GLU C 87 15.97 -3.56 43.65
N LEU C 88 14.71 -3.43 43.22
CA LEU C 88 14.24 -4.08 42.01
C LEU C 88 13.62 -3.10 40.99
N GLU C 89 14.01 -3.26 39.73
CA GLU C 89 13.30 -2.59 38.64
C GLU C 89 12.31 -3.58 38.08
N ILE C 90 11.09 -3.51 38.58
CA ILE C 90 10.08 -4.50 38.22
C ILE C 90 9.34 -4.12 36.94
N VAL C 91 9.26 -5.09 36.04
CA VAL C 91 8.63 -4.94 34.73
C VAL C 91 7.73 -6.15 34.51
N MET C 92 6.48 -5.90 34.13
CA MET C 92 5.54 -6.99 33.93
C MET C 92 5.67 -7.71 32.58
N ARG C 93 5.62 -9.03 32.62
CA ARG C 93 5.53 -9.83 31.40
C ARG C 93 4.16 -9.63 30.77
N VAL C 94 4.13 -9.10 29.55
CA VAL C 94 2.87 -8.99 28.83
C VAL C 94 3.05 -9.65 27.47
N TYR C 95 3.04 -10.98 27.46
CA TYR C 95 3.36 -11.72 26.24
C TYR C 95 2.12 -12.01 25.43
N PHE C 96 2.06 -11.41 24.24
CA PHE C 96 0.93 -11.55 23.35
C PHE C 96 1.21 -12.60 22.27
N GLU C 97 2.47 -13.05 22.19
CA GLU C 97 2.90 -14.00 21.16
C GLU C 97 3.63 -15.22 21.73
N LYS C 98 3.19 -16.40 21.31
CA LYS C 98 3.77 -17.65 21.81
C LYS C 98 4.33 -18.55 20.71
N PRO C 99 5.64 -18.81 20.76
CA PRO C 99 6.23 -19.84 19.90
C PRO C 99 5.83 -21.22 20.38
N ARG C 100 5.24 -22.03 19.51
CA ARG C 100 4.89 -23.39 19.88
C ARG C 100 5.97 -24.39 19.45
N THR C 101 6.09 -25.49 20.19
CA THR C 101 7.07 -26.53 19.87
C THR C 101 6.67 -27.16 18.55
N THR C 102 5.37 -27.24 18.32
CA THR C 102 4.87 -27.66 17.02
C THR C 102 3.68 -26.79 16.61
N VAL C 103 2.51 -27.11 17.17
CA VAL C 103 1.30 -26.35 16.92
C VAL C 103 0.59 -26.00 18.24
N GLY C 104 -0.36 -25.07 18.19
CA GLY C 104 -1.06 -24.63 19.37
C GLY C 104 -1.45 -23.16 19.29
N TRP C 105 -2.23 -22.70 20.27
CA TRP C 105 -2.60 -21.30 20.41
C TRP C 105 -1.34 -20.45 20.41
N LYS C 106 -1.30 -19.45 19.53
CA LYS C 106 -0.10 -18.62 19.38
C LYS C 106 -0.19 -17.32 20.17
N GLY C 107 -1.30 -17.15 20.89
CA GLY C 107 -1.45 -16.00 21.76
C GLY C 107 -2.63 -15.09 21.47
N LEU C 108 -2.74 -14.03 22.26
CA LEU C 108 -3.88 -13.13 22.21
C LEU C 108 -4.02 -12.47 20.85
N ILE C 109 -2.92 -11.93 20.32
CA ILE C 109 -2.97 -11.24 19.03
C ILE C 109 -3.47 -12.15 17.91
N ASN C 110 -2.86 -13.32 17.79
CA ASN C 110 -3.20 -14.25 16.73
C ASN C 110 -4.64 -14.76 16.80
N ASP C 111 -5.16 -14.91 18.01
CA ASP C 111 -6.48 -15.52 18.22
C ASP C 111 -7.09 -15.08 19.54
N PRO C 112 -7.56 -13.81 19.61
CA PRO C 112 -8.03 -13.26 20.87
C PRO C 112 -9.20 -14.01 21.49
N HIS C 113 -10.01 -14.66 20.66
CA HIS C 113 -11.19 -15.36 21.17
C HIS C 113 -10.94 -16.85 21.34
N MET C 114 -9.71 -17.26 21.03
CA MET C 114 -9.25 -18.61 21.36
C MET C 114 -10.08 -19.71 20.73
N ASP C 115 -10.80 -19.37 19.66
CA ASP C 115 -11.70 -20.32 19.02
C ASP C 115 -11.33 -20.60 17.58
N ASN C 116 -10.05 -20.39 17.26
CA ASN C 116 -9.53 -20.58 15.90
C ASN C 116 -10.27 -19.72 14.89
N SER C 117 -10.70 -18.53 15.31
CA SER C 117 -11.34 -17.57 14.41
C SER C 117 -10.32 -16.55 13.91
N PHE C 118 -9.15 -16.51 14.55
CA PHE C 118 -8.04 -15.67 14.13
C PHE C 118 -8.43 -14.22 13.80
N GLN C 119 -9.17 -13.61 14.72
CA GLN C 119 -9.56 -12.22 14.58
C GLN C 119 -8.40 -11.31 14.95
N ILE C 120 -7.41 -11.27 14.08
CA ILE C 120 -6.16 -10.60 14.40
C ILE C 120 -6.30 -9.09 14.52
N ASN C 121 -7.16 -8.49 13.70
CA ASN C 121 -7.45 -7.07 13.86
C ASN C 121 -8.00 -6.77 15.27
N ASP C 122 -8.93 -7.60 15.73
CA ASP C 122 -9.44 -7.52 17.10
C ASP C 122 -8.29 -7.70 18.12
N GLY C 123 -7.47 -8.72 17.88
CA GLY C 123 -6.33 -9.02 18.75
C GLY C 123 -5.36 -7.87 18.91
N LEU C 124 -5.05 -7.20 17.81
CA LEU C 124 -4.17 -6.03 17.84
C LEU C 124 -4.74 -4.86 18.64
N ARG C 125 -6.04 -4.60 18.51
CA ARG C 125 -6.70 -3.53 19.27
C ARG C 125 -6.72 -3.85 20.77
N ILE C 126 -7.13 -5.07 21.09
CA ILE C 126 -7.15 -5.57 22.46
C ILE C 126 -5.77 -5.48 23.10
N ALA C 127 -4.75 -5.99 22.40
CA ALA C 127 -3.40 -6.00 22.94
C ALA C 127 -2.84 -4.60 23.15
N ARG C 128 -3.08 -3.70 22.21
CA ARG C 128 -2.55 -2.36 22.35
C ARG C 128 -3.24 -1.60 23.50
N LYS C 129 -4.55 -1.78 23.62
CA LYS C 129 -5.35 -1.12 24.65
C LYS C 129 -4.86 -1.51 26.05
N LEU C 130 -4.74 -2.80 26.28
CA LEU C 130 -4.16 -3.36 27.49
C LEU C 130 -2.76 -2.82 27.80
N LEU C 131 -1.87 -2.88 26.80
CA LEU C 131 -0.51 -2.39 26.97
C LEU C 131 -0.48 -0.93 27.34
N LEU C 132 -1.31 -0.16 26.66
CA LEU C 132 -1.41 1.27 26.92
C LEU C 132 -1.88 1.54 28.36
N ASP C 133 -2.89 0.78 28.78
CA ASP C 133 -3.47 0.94 30.11
C ASP C 133 -2.46 0.59 31.19
N ILE C 134 -1.75 -0.52 31.00
CA ILE C 134 -0.71 -0.93 31.94
C ILE C 134 0.37 0.13 32.08
N ASN C 135 0.91 0.59 30.96
CA ASN C 135 1.91 1.64 31.00
C ASN C 135 1.39 2.94 31.59
N ASP C 136 0.11 3.20 31.37
CA ASP C 136 -0.49 4.43 31.81
C ASP C 136 -0.59 4.47 33.35
N SER C 137 -0.82 3.31 33.96
CA SER C 137 -0.83 3.21 35.41
C SER C 137 0.55 3.45 36.00
N GLY C 138 1.58 3.11 35.24
CA GLY C 138 2.96 3.39 35.63
C GLY C 138 3.83 2.15 35.69
N LEU C 139 3.29 1.05 35.17
CA LEU C 139 4.00 -0.22 35.16
C LEU C 139 4.55 -0.56 33.76
N PRO C 140 5.89 -0.67 33.65
CA PRO C 140 6.57 -0.98 32.38
C PRO C 140 6.24 -2.39 31.90
N ALA C 141 6.35 -2.63 30.60
CA ALA C 141 5.98 -3.92 30.05
C ALA C 141 7.08 -4.59 29.25
N ALA C 142 7.02 -5.92 29.20
CA ALA C 142 7.99 -6.72 28.48
C ALA C 142 7.25 -7.72 27.62
N GLY C 143 7.80 -8.03 26.46
CA GLY C 143 7.16 -8.96 25.53
C GLY C 143 8.20 -9.72 24.75
N GLU C 144 7.81 -10.86 24.19
CA GLU C 144 8.68 -11.60 23.29
C GLU C 144 8.35 -11.15 21.88
N PHE C 145 9.38 -10.82 21.12
CA PHE C 145 9.22 -10.46 19.73
C PHE C 145 9.45 -11.68 18.85
N LEU C 146 8.37 -12.31 18.44
CA LEU C 146 8.45 -13.51 17.64
C LEU C 146 8.14 -13.18 16.18
N ASP C 147 7.10 -12.38 16.01
CA ASP C 147 6.55 -12.03 14.71
C ASP C 147 7.31 -10.85 14.12
N MET C 148 7.57 -10.88 12.82
CA MET C 148 8.24 -9.76 12.15
C MET C 148 7.31 -8.56 11.87
N ILE C 149 6.01 -8.79 11.86
CA ILE C 149 5.09 -7.73 11.46
C ILE C 149 4.38 -7.03 12.63
N THR C 150 4.03 -7.79 13.66
CA THR C 150 3.46 -7.20 14.88
C THR C 150 4.25 -6.13 15.65
N PRO C 151 5.61 -6.17 15.66
CA PRO C 151 6.31 -5.19 16.51
C PRO C 151 5.95 -3.72 16.27
N GLN C 152 5.63 -3.34 15.03
CA GLN C 152 5.27 -1.96 14.72
C GLN C 152 3.99 -1.49 15.47
N TYR C 153 3.14 -2.42 15.85
CA TYR C 153 1.90 -2.08 16.54
C TYR C 153 2.03 -1.87 18.05
N LEU C 154 3.15 -2.27 18.64
CA LEU C 154 3.27 -2.32 20.09
C LEU C 154 4.58 -1.77 20.68
N ALA C 155 5.64 -1.73 19.87
CA ALA C 155 7.00 -1.54 20.37
C ALA C 155 7.23 -0.23 21.14
N ASP C 156 6.52 0.82 20.74
CA ASP C 156 6.62 2.10 21.41
C ASP C 156 6.15 2.00 22.86
N LEU C 157 5.41 0.95 23.17
CA LEU C 157 4.94 0.72 24.55
C LEU C 157 5.71 -0.38 25.29
N MET C 158 6.80 -0.87 24.70
CA MET C 158 7.59 -1.93 25.31
C MET C 158 8.88 -1.37 25.93
N SER C 159 9.17 -1.81 27.15
CA SER C 159 10.35 -1.32 27.85
C SER C 159 11.51 -2.30 27.74
N TRP C 160 11.22 -3.52 27.31
CA TRP C 160 12.22 -4.59 27.25
C TRP C 160 11.66 -5.74 26.43
N GLY C 161 12.50 -6.36 25.60
CA GLY C 161 12.02 -7.44 24.76
C GLY C 161 12.84 -8.70 24.89
N ALA C 162 12.26 -9.83 24.51
CA ALA C 162 13.00 -11.08 24.47
C ALA C 162 12.89 -11.71 23.09
N ILE C 163 14.00 -12.27 22.62
CA ILE C 163 13.95 -13.14 21.46
C ILE C 163 14.01 -14.57 21.99
N GLY C 164 13.00 -15.37 21.65
CA GLY C 164 12.87 -16.73 22.16
C GLY C 164 14.04 -17.64 21.83
N ALA C 165 14.18 -18.72 22.60
CA ALA C 165 15.24 -19.70 22.37
C ALA C 165 15.19 -20.24 20.94
N ARG C 166 13.99 -20.39 20.39
CA ARG C 166 13.83 -21.03 19.10
C ARG C 166 14.13 -20.10 17.92
N THR C 167 14.42 -18.83 18.23
CA THR C 167 14.66 -17.84 17.19
C THR C 167 15.92 -17.01 17.44
N THR C 168 16.67 -17.37 18.47
CA THR C 168 17.93 -16.68 18.78
C THR C 168 18.95 -16.77 17.62
N GLU C 169 18.95 -17.89 16.90
CA GLU C 169 19.86 -18.08 15.77
C GLU C 169 19.37 -17.40 14.51
N SER C 170 18.13 -16.90 14.54
CA SER C 170 17.47 -16.39 13.34
C SER C 170 17.94 -15.00 12.94
N GLN C 171 18.47 -14.92 11.74
CA GLN C 171 18.98 -13.72 11.12
C GLN C 171 17.95 -12.58 11.16
N VAL C 172 16.73 -12.85 10.73
CA VAL C 172 15.70 -11.82 10.71
C VAL C 172 15.37 -11.29 12.11
N HIS C 173 15.45 -12.14 13.13
CA HIS C 173 15.18 -11.69 14.50
C HIS C 173 16.36 -10.88 15.06
N ARG C 174 17.56 -11.23 14.63
CA ARG C 174 18.72 -10.47 15.05
C ARG C 174 18.66 -9.08 14.43
N GLU C 175 18.17 -9.01 13.19
CA GLU C 175 17.98 -7.73 12.51
C GLU C 175 16.90 -6.91 13.20
N LEU C 176 15.79 -7.56 13.53
CA LEU C 176 14.73 -6.90 14.30
C LEU C 176 15.30 -6.23 15.54
N ALA C 177 15.99 -7.02 16.38
CA ALA C 177 16.57 -6.49 17.63
C ALA C 177 17.44 -5.26 17.39
N SER C 178 18.19 -5.27 16.29
CA SER C 178 19.13 -4.20 15.96
C SER C 178 18.43 -2.86 15.70
N GLY C 179 17.12 -2.92 15.44
CA GLY C 179 16.33 -1.71 15.24
C GLY C 179 15.30 -1.41 16.33
N LEU C 180 15.22 -2.25 17.37
CA LEU C 180 14.28 -1.99 18.46
C LEU C 180 14.76 -0.83 19.35
N SER C 181 13.82 -0.02 19.80
CA SER C 181 14.16 1.08 20.70
C SER C 181 14.39 0.61 22.14
N CYS C 182 14.05 -0.63 22.44
CA CYS C 182 14.18 -1.14 23.81
C CYS C 182 15.34 -2.12 23.95
N PRO C 183 15.84 -2.31 25.19
CA PRO C 183 16.84 -3.36 25.44
C PRO C 183 16.25 -4.74 25.11
N VAL C 184 17.09 -5.71 24.74
CA VAL C 184 16.61 -7.01 24.31
C VAL C 184 17.43 -8.14 24.93
N GLY C 185 16.74 -9.17 25.43
CA GLY C 185 17.43 -10.37 25.89
C GLY C 185 17.35 -11.51 24.89
N PHE C 186 18.45 -12.24 24.74
CA PHE C 186 18.50 -13.42 23.87
C PHE C 186 18.68 -14.70 24.69
N LYS C 187 17.69 -15.58 24.61
CA LYS C 187 17.77 -16.85 25.31
C LYS C 187 18.78 -17.78 24.68
N ASN C 188 19.47 -18.57 25.51
CA ASN C 188 20.35 -19.59 24.98
C ASN C 188 19.52 -20.65 24.24
N GLY C 189 20.19 -21.41 23.38
CA GLY C 189 19.50 -22.41 22.58
C GLY C 189 18.83 -23.49 23.40
N THR C 190 17.78 -24.09 22.84
CA THR C 190 16.97 -25.08 23.54
C THR C 190 17.76 -26.33 23.98
N ASP C 191 18.97 -26.48 23.47
CA ASP C 191 19.87 -27.54 23.92
C ASP C 191 20.87 -26.99 24.91
N GLY C 192 20.76 -25.70 25.21
CA GLY C 192 21.60 -25.11 26.23
C GLY C 192 22.81 -24.34 25.72
N THR C 193 22.98 -24.32 24.39
CA THR C 193 24.15 -23.70 23.78
C THR C 193 24.22 -22.21 24.01
N ILE C 194 25.32 -21.74 24.59
CA ILE C 194 25.51 -20.31 24.88
C ILE C 194 26.00 -19.49 23.67
N LYS C 195 26.78 -20.13 22.80
CA LYS C 195 27.35 -19.45 21.62
C LYS C 195 26.33 -18.71 20.73
N VAL C 196 25.20 -19.33 20.46
CA VAL C 196 24.22 -18.73 19.56
C VAL C 196 23.74 -17.38 20.10
N ALA C 197 23.52 -17.31 21.40
CA ALA C 197 23.05 -16.07 22.02
C ALA C 197 24.13 -15.00 21.96
N ILE C 198 25.37 -15.43 22.15
CA ILE C 198 26.52 -14.54 22.06
C ILE C 198 26.66 -13.97 20.65
N ASP C 199 26.49 -14.82 19.63
CA ASP C 199 26.48 -14.36 18.25
C ASP C 199 25.31 -13.39 18.03
N ALA C 200 24.17 -13.70 18.63
CA ALA C 200 22.98 -12.85 18.49
C ALA C 200 23.23 -11.47 19.04
N ILE C 201 23.82 -11.40 20.24
CA ILE C 201 24.14 -10.11 20.85
C ILE C 201 25.05 -9.27 19.96
N ASN C 202 26.09 -9.89 19.40
CA ASN C 202 27.01 -9.19 18.52
C ASN C 202 26.33 -8.73 17.24
N ALA C 203 25.54 -9.61 16.65
CA ALA C 203 24.80 -9.28 15.44
C ALA C 203 23.84 -8.11 15.67
N ALA C 204 23.10 -8.16 16.77
CA ALA C 204 22.11 -7.11 17.04
C ALA C 204 22.72 -5.75 17.37
N GLY C 205 23.98 -5.73 17.80
CA GLY C 205 24.63 -4.46 18.09
C GLY C 205 25.15 -3.77 16.84
N ALA C 206 25.06 -4.46 15.70
CA ALA C 206 25.57 -3.94 14.45
C ALA C 206 24.45 -3.35 13.60
N PRO C 207 24.75 -2.34 12.79
CA PRO C 207 23.73 -1.81 11.87
C PRO C 207 23.39 -2.83 10.79
N HIS C 208 22.12 -2.89 10.38
CA HIS C 208 21.73 -3.79 9.31
C HIS C 208 20.89 -3.10 8.23
N CYS C 209 20.76 -3.76 7.09
CA CYS C 209 19.91 -3.28 6.02
C CYS C 209 19.10 -4.45 5.49
N PHE C 210 17.78 -4.36 5.57
CA PHE C 210 16.95 -5.52 5.30
C PHE C 210 15.51 -5.16 4.99
N LEU C 211 14.74 -6.14 4.54
CA LEU C 211 13.37 -5.91 4.14
C LEU C 211 12.50 -6.05 5.38
N SER C 212 11.56 -5.11 5.53
CA SER C 212 10.65 -5.06 6.68
C SER C 212 9.36 -4.36 6.28
N VAL C 213 8.45 -4.13 7.24
CA VAL C 213 7.19 -3.45 6.94
C VAL C 213 7.09 -2.16 7.73
N THR C 214 6.61 -1.09 7.10
CA THR C 214 6.51 0.20 7.78
C THR C 214 5.22 0.36 8.60
N LYS C 215 5.09 1.54 9.21
CA LYS C 215 3.89 1.91 9.98
C LYS C 215 2.64 1.97 9.11
N TRP C 216 2.83 2.15 7.80
CA TRP C 216 1.71 2.22 6.88
C TRP C 216 1.31 0.86 6.34
N GLY C 217 1.98 -0.19 6.81
CA GLY C 217 1.74 -1.53 6.34
C GLY C 217 2.37 -1.87 4.99
N HIS C 218 3.38 -1.11 4.56
CA HIS C 218 4.06 -1.36 3.28
C HIS C 218 5.44 -1.99 3.51
N SER C 219 5.79 -2.96 2.68
CA SER C 219 7.14 -3.50 2.72
C SER C 219 8.14 -2.45 2.23
N ALA C 220 9.31 -2.42 2.85
CA ALA C 220 10.30 -1.42 2.51
C ALA C 220 11.71 -1.92 2.84
N ILE C 221 12.70 -1.14 2.43
CA ILE C 221 14.09 -1.39 2.78
C ILE C 221 14.38 -0.53 4.00
N VAL C 222 14.80 -1.14 5.10
CA VAL C 222 15.10 -0.39 6.30
C VAL C 222 16.56 -0.55 6.75
N ASN C 223 17.13 0.54 7.25
CA ASN C 223 18.47 0.54 7.81
C ASN C 223 18.39 0.80 9.30
N THR C 224 19.03 -0.05 10.08
CA THR C 224 19.03 0.11 11.53
C THR C 224 20.39 0.57 12.04
N SER C 225 20.42 1.11 13.25
CA SER C 225 21.65 1.67 13.79
C SER C 225 22.44 0.62 14.56
N GLY C 226 21.79 -0.44 14.99
CA GLY C 226 22.44 -1.40 15.89
C GLY C 226 21.97 -1.16 17.32
N ASN C 227 21.87 -2.23 18.11
CA ASN C 227 21.35 -2.13 19.47
C ASN C 227 22.39 -2.63 20.46
N GLY C 228 22.94 -1.73 21.26
CA GLY C 228 23.98 -2.08 22.22
C GLY C 228 23.47 -2.55 23.57
N ASP C 229 22.17 -2.39 23.79
CA ASP C 229 21.55 -2.82 25.05
C ASP C 229 20.97 -4.23 24.99
N CYS C 230 21.73 -5.18 24.47
CA CYS C 230 21.27 -6.56 24.44
C CYS C 230 22.04 -7.42 25.43
N HIS C 231 21.43 -8.49 25.92
CA HIS C 231 22.07 -9.38 26.88
C HIS C 231 21.56 -10.79 26.73
N ILE C 232 22.22 -11.73 27.40
CA ILE C 232 21.84 -13.13 27.34
C ILE C 232 20.80 -13.45 28.42
N ILE C 233 19.98 -14.44 28.13
CA ILE C 233 19.05 -15.00 29.10
C ILE C 233 19.33 -16.48 29.24
N LEU C 234 19.76 -16.89 30.44
CA LEU C 234 20.00 -18.31 30.72
C LEU C 234 18.67 -19.00 31.07
N ARG C 235 18.35 -20.06 30.36
CA ARG C 235 17.06 -20.71 30.50
C ARG C 235 17.21 -22.22 30.48
N GLY C 236 18.44 -22.69 30.67
CA GLY C 236 18.71 -24.11 30.76
C GLY C 236 18.78 -24.80 29.42
N GLY C 237 19.07 -26.09 29.45
CA GLY C 237 19.14 -26.91 28.26
C GLY C 237 18.75 -28.34 28.60
N LYS C 238 19.70 -29.25 28.50
CA LYS C 238 19.46 -30.64 28.90
C LYS C 238 19.26 -30.67 30.40
N GLU C 239 20.01 -29.82 31.08
CA GLU C 239 19.91 -29.66 32.52
C GLU C 239 19.90 -28.15 32.80
N PRO C 240 19.47 -27.76 34.01
CA PRO C 240 19.49 -26.34 34.39
C PRO C 240 20.88 -25.69 34.29
N ASN C 241 20.92 -24.37 34.12
CA ASN C 241 22.19 -23.67 34.00
C ASN C 241 22.21 -22.35 34.77
N TYR C 242 21.51 -22.33 35.89
CA TYR C 242 21.45 -21.13 36.73
C TYR C 242 22.52 -21.09 37.84
N SER C 243 23.16 -22.22 38.11
CA SER C 243 24.09 -22.28 39.25
C SER C 243 25.32 -21.38 39.06
N ALA C 244 26.03 -21.12 40.15
CA ALA C 244 27.22 -20.27 40.10
C ALA C 244 28.27 -20.83 39.13
N LYS C 245 28.30 -22.15 39.00
CA LYS C 245 29.23 -22.82 38.09
C LYS C 245 28.92 -22.41 36.66
N HIS C 246 27.66 -22.55 36.27
CA HIS C 246 27.25 -22.19 34.92
C HIS C 246 27.42 -20.69 34.71
N VAL C 247 27.08 -19.92 35.73
CA VAL C 247 27.20 -18.47 35.62
C VAL C 247 28.65 -18.10 35.35
N ALA C 248 29.57 -18.73 36.09
CA ALA C 248 31.00 -18.51 35.91
C ALA C 248 31.42 -18.77 34.46
N GLU C 249 31.01 -19.93 33.94
CA GLU C 249 31.26 -20.25 32.54
C GLU C 249 30.76 -19.18 31.58
N VAL C 250 29.52 -18.74 31.76
CA VAL C 250 28.93 -17.77 30.84
C VAL C 250 29.68 -16.45 30.89
N LYS C 251 30.02 -16.00 32.10
CA LYS C 251 30.78 -14.77 32.26
C LYS C 251 32.11 -14.88 31.52
N GLU C 252 32.72 -16.06 31.61
CA GLU C 252 33.98 -16.32 30.94
C GLU C 252 33.80 -16.26 29.43
N GLY C 253 32.83 -17.01 28.93
CA GLY C 253 32.46 -16.97 27.52
C GLY C 253 32.14 -15.57 27.03
N LEU C 254 31.49 -14.77 27.86
CA LEU C 254 31.15 -13.39 27.47
C LEU C 254 32.40 -12.54 27.31
N ASN C 255 33.30 -12.64 28.29
CA ASN C 255 34.56 -11.90 28.24
C ASN C 255 35.38 -12.23 27.00
N LYS C 256 35.53 -13.53 26.73
CA LYS C 256 36.22 -14.00 25.55
C LYS C 256 35.68 -13.31 24.29
N ALA C 257 34.36 -13.19 24.22
CA ALA C 257 33.71 -12.56 23.06
C ALA C 257 33.75 -11.04 23.15
N GLY C 258 34.40 -10.51 24.17
CA GLY C 258 34.55 -9.07 24.29
C GLY C 258 33.27 -8.36 24.66
N LEU C 259 32.35 -9.09 25.27
CA LEU C 259 31.09 -8.53 25.74
C LEU C 259 31.12 -8.39 27.27
N PRO C 260 30.31 -7.46 27.82
CA PRO C 260 30.23 -7.32 29.28
C PRO C 260 29.69 -8.58 29.95
N ALA C 261 30.33 -9.00 31.04
CA ALA C 261 29.95 -10.24 31.70
C ALA C 261 28.71 -10.04 32.55
N GLN C 262 27.54 -10.10 31.92
CA GLN C 262 26.27 -9.87 32.61
C GLN C 262 25.23 -10.84 32.10
N VAL C 263 24.40 -11.34 33.01
CA VAL C 263 23.38 -12.32 32.63
C VAL C 263 22.01 -11.96 33.20
N MET C 264 20.97 -12.45 32.54
CA MET C 264 19.63 -12.52 33.12
C MET C 264 19.37 -14.00 33.29
N ILE C 265 18.71 -14.37 34.38
CA ILE C 265 18.40 -15.77 34.60
C ILE C 265 16.90 -15.99 34.63
N ASP C 266 16.43 -16.84 33.72
CA ASP C 266 15.05 -17.26 33.68
C ASP C 266 14.88 -18.43 34.63
N PHE C 267 13.98 -18.28 35.61
CA PHE C 267 13.82 -19.29 36.66
C PHE C 267 12.98 -20.45 36.16
N SER C 268 12.29 -20.23 35.04
CA SER C 268 11.32 -21.21 34.57
C SER C 268 11.87 -22.07 33.43
N HIS C 269 10.95 -22.71 32.70
CA HIS C 269 11.28 -23.60 31.58
C HIS C 269 12.26 -24.71 31.96
N ALA C 270 13.31 -24.86 31.16
CA ALA C 270 14.31 -25.91 31.38
C ALA C 270 15.08 -25.75 32.69
N ASN C 271 15.14 -24.52 33.20
CA ASN C 271 15.81 -24.27 34.48
C ASN C 271 15.04 -24.77 35.71
N SER C 272 13.74 -25.00 35.53
CA SER C 272 12.90 -25.50 36.61
C SER C 272 12.40 -26.89 36.25
N SER C 273 12.95 -27.44 35.17
CA SER C 273 12.56 -28.74 34.65
C SER C 273 11.07 -28.80 34.28
N LYS C 274 10.52 -27.66 33.84
CA LYS C 274 9.11 -27.54 33.39
C LYS C 274 8.11 -27.73 34.54
N GLN C 275 8.58 -27.51 35.78
CA GLN C 275 7.73 -27.64 36.97
C GLN C 275 7.71 -26.30 37.70
N PHE C 276 6.55 -25.66 37.72
CA PHE C 276 6.47 -24.26 38.14
C PHE C 276 6.97 -24.00 39.55
N LYS C 277 6.72 -24.93 40.46
CA LYS C 277 7.09 -24.77 41.87
C LYS C 277 8.60 -24.59 42.01
N LYS C 278 9.34 -25.30 41.18
CA LYS C 278 10.81 -25.28 41.25
C LYS C 278 11.43 -23.92 40.93
N GLN C 279 10.61 -22.96 40.49
CA GLN C 279 11.10 -21.60 40.30
C GLN C 279 11.46 -20.99 41.65
N MET C 280 10.81 -21.48 42.70
CA MET C 280 11.12 -21.01 44.04
C MET C 280 12.49 -21.54 44.46
N ASP C 281 12.79 -22.78 44.07
CA ASP C 281 14.12 -23.36 44.33
C ASP C 281 15.20 -22.61 43.57
N VAL C 282 14.96 -22.34 42.28
CA VAL C 282 15.90 -21.58 41.49
C VAL C 282 16.11 -20.21 42.13
N CYS C 283 15.01 -19.63 42.62
CA CYS C 283 15.07 -18.34 43.27
C CYS C 283 16.00 -18.40 44.49
N ALA C 284 15.82 -19.43 45.31
CA ALA C 284 16.67 -19.64 46.48
C ALA C 284 18.13 -19.62 46.06
N ASP C 285 18.47 -20.49 45.11
CA ASP C 285 19.84 -20.60 44.62
C ASP C 285 20.39 -19.29 44.06
N VAL C 286 19.59 -18.57 43.29
CA VAL C 286 20.05 -17.33 42.66
C VAL C 286 20.24 -16.20 43.68
N CYS C 287 19.32 -16.08 44.62
CA CYS C 287 19.46 -15.13 45.73
C CYS C 287 20.78 -15.34 46.49
N GLN C 288 21.18 -16.60 46.63
CA GLN C 288 22.48 -16.96 47.19
C GLN C 288 23.64 -16.25 46.47
N GLN C 289 23.69 -16.45 45.15
CA GLN C 289 24.77 -15.89 44.34
C GLN C 289 24.77 -14.38 44.45
N ILE C 290 23.58 -13.80 44.36
CA ILE C 290 23.46 -12.36 44.50
C ILE C 290 23.91 -11.91 45.90
N ALA C 291 23.33 -12.52 46.93
CA ALA C 291 23.71 -12.18 48.31
C ALA C 291 25.20 -12.42 48.54
N GLY C 292 25.72 -13.48 47.94
CA GLY C 292 27.14 -13.81 48.02
C GLY C 292 28.08 -12.81 47.36
N GLY C 293 27.56 -12.00 46.46
CA GLY C 293 28.35 -10.94 45.82
C GLY C 293 28.35 -10.91 44.29
N GLU C 294 27.63 -11.81 43.65
CA GLU C 294 27.60 -11.87 42.19
C GLU C 294 26.95 -10.65 41.56
N LYS C 295 27.75 -9.80 40.92
CA LYS C 295 27.25 -8.58 40.31
C LYS C 295 26.86 -8.78 38.84
N ALA C 296 27.23 -9.93 38.28
CA ALA C 296 26.94 -10.23 36.89
C ALA C 296 25.46 -10.57 36.64
N ILE C 297 24.75 -10.94 37.70
CA ILE C 297 23.32 -11.21 37.57
C ILE C 297 22.54 -9.91 37.66
N ILE C 298 22.17 -9.38 36.50
CA ILE C 298 21.54 -8.06 36.42
C ILE C 298 20.03 -8.19 36.31
N GLY C 299 19.54 -9.41 36.15
CA GLY C 299 18.14 -9.58 35.89
C GLY C 299 17.66 -10.99 36.09
N VAL C 300 16.36 -11.13 36.31
CA VAL C 300 15.75 -12.45 36.38
C VAL C 300 14.42 -12.43 35.63
N MET C 301 13.91 -13.60 35.32
CA MET C 301 12.65 -13.72 34.60
C MET C 301 11.86 -14.82 35.28
N VAL C 302 10.60 -14.52 35.59
CA VAL C 302 9.75 -15.43 36.35
C VAL C 302 8.39 -15.56 35.67
N GLU C 303 7.89 -16.80 35.57
CA GLU C 303 6.55 -17.00 35.06
C GLU C 303 5.54 -17.02 36.23
N SER C 304 4.74 -15.96 36.32
CA SER C 304 3.86 -15.71 37.47
C SER C 304 2.42 -15.31 37.10
N HIS C 305 1.44 -15.84 37.82
CA HIS C 305 0.05 -15.47 37.60
C HIS C 305 -0.72 -15.30 38.92
N LEU C 306 -2.01 -15.02 38.81
CA LEU C 306 -2.85 -14.81 39.99
C LEU C 306 -3.00 -16.14 40.73
N VAL C 307 -3.38 -17.17 39.98
CA VAL C 307 -3.52 -18.51 40.51
C VAL C 307 -2.50 -19.45 39.83
N GLU C 308 -1.80 -20.24 40.64
CA GLU C 308 -0.73 -21.13 40.17
C GLU C 308 -1.22 -22.25 39.26
N GLY C 309 -0.28 -22.87 38.56
CA GLY C 309 -0.56 -24.02 37.71
C GLY C 309 -0.94 -23.60 36.30
N ASN C 310 -1.56 -24.50 35.55
CA ASN C 310 -2.13 -24.12 34.27
C ASN C 310 -3.38 -24.93 33.95
N GLN C 311 -4.08 -24.55 32.88
CA GLN C 311 -5.25 -25.28 32.43
C GLN C 311 -5.21 -25.49 30.92
N SER C 312 -5.97 -26.47 30.44
CA SER C 312 -6.07 -26.70 29.00
C SER C 312 -7.20 -25.88 28.40
N LEU C 313 -7.04 -25.50 27.14
CA LEU C 313 -8.03 -24.67 26.45
C LEU C 313 -8.80 -25.45 25.40
N GLU C 317 -15.83 -25.06 26.77
CA GLU C 317 -15.89 -24.72 28.18
C GLU C 317 -15.34 -23.31 28.43
N PRO C 318 -15.86 -22.65 29.48
CA PRO C 318 -15.17 -21.47 30.01
C PRO C 318 -13.93 -21.90 30.79
N LEU C 319 -13.11 -20.93 31.20
CA LEU C 319 -11.83 -21.23 31.81
C LEU C 319 -11.79 -20.76 33.25
N ALA C 320 -10.99 -21.42 34.08
CA ALA C 320 -10.81 -21.00 35.46
C ALA C 320 -10.16 -19.61 35.47
N TYR C 321 -10.57 -18.77 36.40
CA TYR C 321 -10.01 -17.44 36.52
C TYR C 321 -8.53 -17.42 36.93
N GLY C 322 -7.80 -16.43 36.43
CA GLY C 322 -6.43 -16.13 36.82
C GLY C 322 -5.39 -17.21 36.62
N LYS C 323 -5.69 -18.22 35.81
CA LYS C 323 -4.80 -19.35 35.61
C LYS C 323 -4.28 -19.43 34.16
N SER C 324 -2.96 -19.59 34.00
CA SER C 324 -2.32 -19.70 32.68
C SER C 324 -2.92 -20.80 31.79
N ILE C 325 -3.17 -20.49 30.52
CA ILE C 325 -3.55 -21.55 29.58
C ILE C 325 -2.37 -22.05 28.75
N THR C 326 -1.17 -21.58 29.09
CA THR C 326 0.04 -22.10 28.45
C THR C 326 0.95 -22.80 29.46
N ASP C 327 2.13 -22.25 29.73
CA ASP C 327 3.05 -22.84 30.72
C ASP C 327 2.53 -22.63 32.15
N ALA C 328 2.84 -23.56 33.04
CA ALA C 328 2.45 -23.42 34.44
C ALA C 328 3.23 -22.29 35.11
N CYS C 329 2.52 -21.47 35.89
CA CYS C 329 3.13 -20.34 36.60
C CYS C 329 2.97 -20.48 38.10
N ILE C 330 3.78 -19.75 38.86
CA ILE C 330 3.58 -19.68 40.31
C ILE C 330 2.43 -18.72 40.61
N GLY C 331 1.73 -18.95 41.73
CA GLY C 331 0.60 -18.10 42.10
C GLY C 331 1.06 -16.80 42.70
N TRP C 332 0.11 -15.91 43.00
CA TRP C 332 0.46 -14.59 43.52
C TRP C 332 1.16 -14.63 44.89
N GLU C 333 0.72 -15.55 45.74
CA GLU C 333 1.31 -15.67 47.07
C GLU C 333 2.81 -15.96 46.97
N ASP C 334 3.17 -16.96 46.18
CA ASP C 334 4.59 -17.27 45.98
C ASP C 334 5.33 -16.12 45.32
N THR C 335 4.62 -15.38 44.47
CA THR C 335 5.21 -14.29 43.71
C THR C 335 5.67 -13.16 44.60
N ASP C 336 4.76 -12.70 45.47
CA ASP C 336 5.05 -11.67 46.46
C ASP C 336 6.28 -12.05 47.27
N ALA C 337 6.32 -13.31 47.70
CA ALA C 337 7.43 -13.82 48.51
C ALA C 337 8.72 -13.94 47.69
N LEU C 338 8.61 -14.45 46.46
CA LEU C 338 9.77 -14.51 45.57
C LEU C 338 10.39 -13.13 45.39
N LEU C 339 9.56 -12.13 45.15
CA LEU C 339 10.05 -10.79 44.93
C LEU C 339 10.74 -10.22 46.17
N ARG C 340 10.19 -10.50 47.35
CA ARG C 340 10.79 -10.03 48.59
C ARG C 340 12.15 -10.68 48.81
N GLN C 341 12.26 -11.97 48.51
CA GLN C 341 13.55 -12.66 48.55
C GLN C 341 14.59 -11.97 47.69
N LEU C 342 14.20 -11.64 46.46
CA LEU C 342 15.11 -11.03 45.51
C LEU C 342 15.58 -9.67 46.01
N ALA C 343 14.64 -8.88 46.54
CA ALA C 343 15.00 -7.56 47.03
C ALA C 343 15.98 -7.68 48.20
N ASN C 344 15.79 -8.68 49.05
CA ASN C 344 16.68 -8.90 50.19
C ASN C 344 18.08 -9.28 49.73
N ALA C 345 18.17 -10.13 48.71
CA ALA C 345 19.46 -10.52 48.14
C ALA C 345 20.19 -9.30 47.58
N VAL C 346 19.43 -8.37 47.00
CA VAL C 346 20.02 -7.15 46.46
C VAL C 346 20.53 -6.27 47.61
N LYS C 347 19.77 -6.26 48.71
CA LYS C 347 20.16 -5.54 49.92
C LYS C 347 21.52 -6.05 50.39
N ALA C 348 21.63 -7.37 50.50
CA ALA C 348 22.86 -8.03 50.94
C ALA C 348 24.07 -7.72 50.05
N ARG C 349 23.89 -7.87 48.74
CA ARG C 349 24.97 -7.63 47.79
C ARG C 349 25.56 -6.23 47.91
N ARG C 350 24.70 -5.25 48.15
CA ARG C 350 25.12 -3.85 48.22
C ARG C 350 25.92 -3.59 49.48
N GLY C 351 25.21 -3.48 50.60
CA GLY C 351 25.83 -3.37 51.90
C GLY C 351 25.72 -4.68 52.65
N ASP D 7 9.81 7.00 19.35
CA ASP D 7 9.87 5.72 18.65
C ASP D 7 10.85 5.77 17.48
N ASP D 8 11.25 4.59 17.01
CA ASP D 8 12.14 4.46 15.84
C ASP D 8 13.49 5.16 15.96
N LEU D 9 14.09 5.10 17.15
CA LEU D 9 15.40 5.73 17.35
C LEU D 9 16.58 4.89 16.82
N ARG D 10 16.35 3.61 16.61
CA ARG D 10 17.40 2.77 16.05
C ARG D 10 17.09 2.41 14.59
N ILE D 11 16.14 3.11 14.01
CA ILE D 11 15.85 2.98 12.58
C ILE D 11 16.28 4.26 11.87
N LYS D 12 17.28 4.13 11.02
CA LYS D 12 18.04 5.26 10.49
C LYS D 12 17.45 5.83 9.23
N GLU D 13 17.04 4.94 8.33
CA GLU D 13 16.37 5.38 7.12
C GLU D 13 15.57 4.25 6.52
N ILE D 14 14.55 4.63 5.76
CA ILE D 14 13.66 3.70 5.13
C ILE D 14 13.58 4.07 3.65
N LYS D 15 13.79 3.09 2.78
CA LYS D 15 13.83 3.32 1.34
C LYS D 15 12.78 2.49 0.62
N GLU D 16 12.40 2.96 -0.57
CA GLU D 16 11.33 2.34 -1.33
C GLU D 16 11.73 0.98 -1.91
N LEU D 17 10.78 0.05 -1.87
CA LEU D 17 11.02 -1.31 -2.33
C LEU D 17 9.96 -1.67 -3.36
N LEU D 18 10.39 -2.11 -4.55
CA LEU D 18 9.48 -2.55 -5.59
C LEU D 18 8.58 -3.66 -5.04
N PRO D 19 7.27 -3.54 -5.26
CA PRO D 19 6.41 -4.62 -4.80
C PRO D 19 6.62 -5.85 -5.68
N PRO D 20 6.34 -7.06 -5.15
CA PRO D 20 6.54 -8.28 -5.92
C PRO D 20 5.83 -8.22 -7.28
N VAL D 21 4.66 -7.61 -7.32
CA VAL D 21 3.90 -7.52 -8.55
C VAL D 21 4.67 -6.78 -9.66
N ALA D 22 5.54 -5.83 -9.30
CA ALA D 22 6.37 -5.17 -10.30
C ALA D 22 7.38 -6.14 -10.94
N LEU D 23 7.93 -7.03 -10.14
CA LEU D 23 8.85 -8.02 -10.69
C LEU D 23 8.13 -9.12 -11.46
N LEU D 24 6.96 -9.50 -10.98
CA LEU D 24 6.12 -10.48 -11.66
C LEU D 24 5.68 -9.97 -13.03
N GLU D 25 5.37 -8.67 -13.11
CA GLU D 25 4.95 -8.06 -14.36
C GLU D 25 6.11 -7.92 -15.34
N LYS D 26 7.26 -7.48 -14.83
CA LYS D 26 8.43 -7.30 -15.67
C LYS D 26 8.98 -8.64 -16.19
N PHE D 27 9.06 -9.63 -15.28
CA PHE D 27 9.57 -10.94 -15.64
C PHE D 27 8.51 -12.02 -15.40
N PRO D 28 7.50 -12.09 -16.27
CA PRO D 28 6.48 -13.13 -16.07
C PRO D 28 7.01 -14.52 -16.48
N ALA D 29 6.53 -15.55 -15.79
CA ALA D 29 6.83 -16.91 -16.20
C ALA D 29 6.38 -17.10 -17.63
N THR D 30 7.29 -17.57 -18.50
CA THR D 30 6.91 -17.98 -19.83
C THR D 30 6.11 -19.27 -19.70
N GLU D 31 5.52 -19.72 -20.81
CA GLU D 31 4.80 -20.98 -20.81
C GLU D 31 5.78 -22.14 -20.56
N ASN D 32 6.96 -22.07 -21.16
CA ASN D 32 7.98 -23.08 -20.89
C ASN D 32 8.39 -23.08 -19.43
N ALA D 33 8.65 -21.89 -18.89
CA ALA D 33 9.08 -21.76 -17.50
C ALA D 33 8.03 -22.32 -16.55
N ALA D 34 6.76 -21.98 -16.79
CA ALA D 34 5.69 -22.46 -15.91
C ALA D 34 5.55 -23.98 -15.98
N ASN D 35 5.68 -24.54 -17.19
CA ASN D 35 5.68 -25.98 -17.38
C ASN D 35 6.83 -26.66 -16.65
N THR D 36 8.02 -26.07 -16.74
CA THR D 36 9.17 -26.63 -16.04
C THR D 36 8.88 -26.71 -14.54
N VAL D 37 8.40 -25.63 -13.97
CA VAL D 37 8.11 -25.57 -12.54
C VAL D 37 7.02 -26.56 -12.13
N ALA D 38 5.94 -26.61 -12.93
CA ALA D 38 4.81 -27.47 -12.59
C ALA D 38 5.19 -28.94 -12.63
N HIS D 39 5.91 -29.33 -13.67
CA HIS D 39 6.29 -30.73 -13.86
C HIS D 39 7.33 -31.21 -12.83
N ALA D 40 8.25 -30.34 -12.45
CA ALA D 40 9.23 -30.73 -11.46
C ALA D 40 8.61 -30.86 -10.07
N ARG D 41 7.74 -29.90 -9.69
CA ARG D 41 7.06 -30.01 -8.39
C ARG D 41 6.25 -31.30 -8.29
N LYS D 42 5.61 -31.66 -9.40
CA LYS D 42 4.82 -32.89 -9.48
C LYS D 42 5.72 -34.12 -9.44
N ALA D 43 6.83 -34.08 -10.16
CA ALA D 43 7.77 -35.21 -10.15
C ALA D 43 8.34 -35.44 -8.76
N ILE D 44 8.68 -34.36 -8.06
CA ILE D 44 9.22 -34.46 -6.70
C ILE D 44 8.19 -34.97 -5.69
N HIS D 45 6.94 -34.53 -5.86
CA HIS D 45 5.83 -35.01 -5.05
C HIS D 45 5.67 -36.52 -5.22
N LYS D 46 5.76 -36.97 -6.47
CA LYS D 46 5.63 -38.38 -6.81
C LYS D 46 6.70 -39.20 -6.12
N ILE D 47 7.93 -38.68 -6.11
CA ILE D 47 9.02 -39.35 -5.44
C ILE D 47 8.78 -39.37 -3.93
N LEU D 48 8.29 -38.26 -3.40
CA LEU D 48 8.06 -38.17 -1.96
C LEU D 48 6.95 -39.11 -1.50
N LYS D 49 6.02 -39.41 -2.40
CA LYS D 49 4.91 -40.30 -2.09
C LYS D 49 5.31 -41.78 -2.23
N GLY D 50 6.50 -42.02 -2.77
CA GLY D 50 6.96 -43.37 -3.01
C GLY D 50 6.45 -43.96 -4.32
N ASN D 51 5.85 -43.13 -5.16
CA ASN D 51 5.30 -43.59 -6.42
C ASN D 51 6.31 -43.58 -7.56
N ASP D 52 7.54 -43.18 -7.26
CA ASP D 52 8.60 -43.14 -8.25
C ASP D 52 9.92 -43.42 -7.55
N ASP D 53 10.80 -44.16 -8.19
CA ASP D 53 12.01 -44.65 -7.53
C ASP D 53 13.28 -43.88 -7.92
N ARG D 54 13.12 -42.82 -8.69
CA ARG D 54 14.25 -41.97 -9.08
C ARG D 54 14.75 -41.11 -7.91
N LEU D 55 15.95 -40.58 -8.06
CA LEU D 55 16.56 -39.76 -7.02
C LEU D 55 16.48 -38.28 -7.34
N LEU D 56 16.02 -37.49 -6.38
CA LEU D 56 16.04 -36.05 -6.52
C LEU D 56 17.46 -35.56 -6.29
N VAL D 57 18.05 -34.92 -7.29
CA VAL D 57 19.38 -34.33 -7.10
C VAL D 57 19.30 -32.80 -7.20
N VAL D 58 19.60 -32.13 -6.09
CA VAL D 58 19.68 -30.67 -6.07
C VAL D 58 21.15 -30.33 -6.10
N ILE D 59 21.58 -29.70 -7.18
CA ILE D 59 23.01 -29.53 -7.38
C ILE D 59 23.31 -28.21 -8.05
N GLY D 60 24.32 -27.50 -7.54
CA GLY D 60 24.71 -26.24 -8.14
C GLY D 60 25.53 -25.44 -7.16
N PRO D 61 25.84 -24.19 -7.52
CA PRO D 61 26.78 -23.39 -6.72
C PRO D 61 26.29 -23.16 -5.30
N CYS D 62 27.24 -23.03 -4.38
CA CYS D 62 26.95 -22.60 -3.03
C CYS D 62 26.08 -21.36 -3.10
N SER D 63 26.51 -20.40 -3.92
CA SER D 63 25.69 -19.22 -4.18
C SER D 63 26.01 -18.65 -5.56
N ILE D 64 25.02 -17.99 -6.16
CA ILE D 64 25.17 -17.38 -7.48
C ILE D 64 25.70 -15.95 -7.32
N HIS D 65 26.85 -15.63 -7.93
CA HIS D 65 27.32 -14.24 -7.93
C HIS D 65 27.36 -13.64 -9.33
N ASP D 66 27.22 -14.50 -10.34
CA ASP D 66 27.35 -14.11 -11.74
C ASP D 66 26.36 -14.88 -12.60
N PRO D 67 25.33 -14.18 -13.13
CA PRO D 67 24.33 -14.82 -13.99
C PRO D 67 24.89 -15.46 -15.27
N VAL D 68 25.98 -14.91 -15.78
CA VAL D 68 26.60 -15.48 -16.97
C VAL D 68 27.11 -16.89 -16.72
N ALA D 69 27.98 -17.02 -15.73
CA ALA D 69 28.47 -18.33 -15.37
C ALA D 69 27.32 -19.27 -14.96
N ALA D 70 26.32 -18.71 -14.28
CA ALA D 70 25.20 -19.52 -13.82
C ALA D 70 24.43 -20.10 -14.99
N LYS D 71 24.30 -19.32 -16.06
CA LYS D 71 23.62 -19.80 -17.27
C LYS D 71 24.42 -20.85 -18.04
N GLU D 72 25.75 -20.71 -18.06
CA GLU D 72 26.56 -21.75 -18.70
C GLU D 72 26.48 -23.04 -17.89
N TYR D 73 26.52 -22.91 -16.56
CA TYR D 73 26.34 -24.04 -15.69
C TYR D 73 25.00 -24.75 -15.94
N ALA D 74 23.95 -23.94 -16.04
CA ALA D 74 22.60 -24.43 -16.36
C ALA D 74 22.57 -25.22 -17.68
N THR D 75 23.27 -24.71 -18.69
CA THR D 75 23.30 -25.38 -19.98
C THR D 75 23.95 -26.75 -19.87
N ARG D 76 25.06 -26.81 -19.13
CA ARG D 76 25.75 -28.08 -18.91
C ARG D 76 24.89 -29.06 -18.12
N LEU D 77 24.31 -28.57 -17.03
CA LEU D 77 23.51 -29.42 -16.18
C LEU D 77 22.25 -29.89 -16.88
N LEU D 78 21.62 -29.01 -17.65
CA LEU D 78 20.43 -29.35 -18.42
C LEU D 78 20.67 -30.58 -19.30
N ALA D 79 21.83 -30.64 -19.94
CA ALA D 79 22.12 -31.77 -20.84
C ALA D 79 22.23 -33.09 -20.08
N LEU D 80 22.75 -33.05 -18.85
CA LEU D 80 22.84 -34.24 -18.02
C LEU D 80 21.48 -34.62 -17.45
N ARG D 81 20.68 -33.60 -17.15
CA ARG D 81 19.32 -33.81 -16.71
C ARG D 81 18.57 -34.64 -17.77
N GLU D 82 18.72 -34.27 -19.04
CA GLU D 82 18.07 -35.00 -20.11
C GLU D 82 18.57 -36.44 -20.22
N GLU D 83 19.89 -36.63 -20.12
CA GLU D 83 20.49 -37.94 -20.35
C GLU D 83 20.20 -38.93 -19.21
N LEU D 84 20.10 -38.41 -18.00
CA LEU D 84 19.93 -39.25 -16.82
C LEU D 84 18.50 -39.21 -16.26
N LYS D 85 17.57 -38.65 -17.03
CA LYS D 85 16.20 -38.43 -16.56
C LYS D 85 15.49 -39.70 -16.09
N ASP D 86 15.83 -40.84 -16.68
CA ASP D 86 15.22 -42.10 -16.28
C ASP D 86 15.62 -42.51 -14.87
N GLU D 87 16.75 -42.00 -14.40
CA GLU D 87 17.27 -42.36 -13.09
C GLU D 87 17.20 -41.21 -12.09
N LEU D 88 17.37 -39.97 -12.57
CA LEU D 88 17.52 -38.83 -11.68
C LEU D 88 16.56 -37.68 -12.03
N GLU D 89 16.03 -37.02 -11.00
CA GLU D 89 15.32 -35.77 -11.20
C GLU D 89 16.26 -34.63 -10.83
N ILE D 90 16.92 -34.07 -11.83
CA ILE D 90 17.95 -33.08 -11.59
C ILE D 90 17.40 -31.65 -11.53
N VAL D 91 17.65 -30.99 -10.41
CA VAL D 91 17.20 -29.64 -10.15
C VAL D 91 18.41 -28.77 -9.82
N MET D 92 18.53 -27.60 -10.46
CA MET D 92 19.68 -26.76 -10.20
C MET D 92 19.52 -25.91 -8.96
N ARG D 93 20.53 -25.97 -8.12
CA ARG D 93 20.65 -25.14 -6.94
C ARG D 93 20.89 -23.68 -7.36
N VAL D 94 19.94 -22.81 -7.03
CA VAL D 94 20.03 -21.39 -7.36
C VAL D 94 19.86 -20.58 -6.08
N TYR D 95 20.92 -20.51 -5.28
CA TYR D 95 20.92 -19.80 -4.02
C TYR D 95 21.59 -18.45 -4.20
N PHE D 96 21.10 -17.44 -3.51
CA PHE D 96 21.59 -16.09 -3.74
C PHE D 96 22.45 -15.58 -2.60
N GLU D 97 22.40 -16.25 -1.46
CA GLU D 97 23.14 -15.78 -0.30
C GLU D 97 23.81 -16.94 0.43
N LYS D 98 24.98 -16.69 0.99
CA LYS D 98 25.55 -17.61 1.98
C LYS D 98 25.39 -16.98 3.36
N PRO D 99 24.48 -17.54 4.17
CA PRO D 99 24.24 -17.02 5.52
C PRO D 99 25.48 -17.27 6.38
N ARG D 100 25.93 -16.24 7.10
CA ARG D 100 27.13 -16.37 7.91
C ARG D 100 27.15 -15.46 9.14
N THR D 101 27.99 -15.82 10.11
CA THR D 101 28.21 -15.02 11.30
C THR D 101 29.08 -13.82 10.93
N THR D 102 30.25 -14.14 10.40
CA THR D 102 31.26 -13.15 10.04
C THR D 102 30.75 -12.16 8.99
N VAL D 103 31.50 -11.07 8.81
CA VAL D 103 31.17 -10.10 7.79
C VAL D 103 31.59 -10.65 6.42
N GLY D 104 30.95 -10.15 5.37
CA GLY D 104 31.26 -10.57 4.02
C GLY D 104 30.14 -10.22 3.08
N TRP D 105 30.32 -10.60 1.82
CA TRP D 105 29.32 -10.40 0.77
C TRP D 105 27.93 -10.90 1.17
N LYS D 106 26.95 -10.02 1.04
CA LYS D 106 25.58 -10.29 1.48
C LYS D 106 24.72 -10.95 0.41
N GLY D 107 25.34 -11.42 -0.66
CA GLY D 107 24.62 -12.15 -1.68
C GLY D 107 24.17 -11.32 -2.87
N LEU D 108 23.53 -11.99 -3.83
CA LEU D 108 23.22 -11.37 -5.12
C LEU D 108 22.03 -10.42 -5.00
N ILE D 109 21.06 -10.76 -4.16
CA ILE D 109 19.90 -9.90 -3.96
C ILE D 109 20.31 -8.61 -3.25
N ASN D 110 21.05 -8.75 -2.15
CA ASN D 110 21.47 -7.61 -1.35
C ASN D 110 22.55 -6.77 -2.01
N ASP D 111 23.48 -7.43 -2.67
CA ASP D 111 24.67 -6.75 -3.16
C ASP D 111 25.09 -7.34 -4.50
N PRO D 112 24.24 -7.15 -5.53
CA PRO D 112 24.51 -7.75 -6.85
C PRO D 112 25.76 -7.21 -7.49
N HIS D 113 26.12 -5.96 -7.20
CA HIS D 113 27.27 -5.36 -7.83
C HIS D 113 28.52 -5.62 -6.99
N MET D 114 28.35 -6.38 -5.92
CA MET D 114 29.45 -6.89 -5.12
C MET D 114 30.36 -5.77 -4.61
N ASP D 115 29.78 -4.64 -4.22
CA ASP D 115 30.58 -3.49 -3.81
C ASP D 115 30.21 -3.01 -2.41
N ASN D 116 29.64 -3.91 -1.62
CA ASN D 116 29.33 -3.67 -0.22
C ASN D 116 28.34 -2.55 0.00
N SER D 117 27.54 -2.29 -1.02
CA SER D 117 26.38 -1.44 -0.87
C SER D 117 25.17 -2.37 -0.87
N PHE D 118 23.99 -1.78 -0.72
CA PHE D 118 22.78 -2.58 -0.72
C PHE D 118 21.92 -2.06 -1.84
N GLN D 119 21.85 -2.80 -2.93
CA GLN D 119 21.02 -2.37 -4.06
C GLN D 119 19.96 -3.44 -4.32
N ILE D 120 19.06 -3.59 -3.36
CA ILE D 120 18.15 -4.73 -3.30
C ILE D 120 17.15 -4.79 -4.45
N ASN D 121 16.60 -3.64 -4.81
CA ASN D 121 15.77 -3.54 -6.00
C ASN D 121 16.48 -4.08 -7.25
N ASP D 122 17.75 -3.73 -7.43
CA ASP D 122 18.55 -4.30 -8.53
C ASP D 122 18.72 -5.80 -8.37
N GLY D 123 19.04 -6.23 -7.16
CA GLY D 123 19.33 -7.64 -6.94
C GLY D 123 18.10 -8.51 -7.19
N LEU D 124 16.93 -8.01 -6.81
CA LEU D 124 15.72 -8.80 -6.97
C LEU D 124 15.43 -8.96 -8.46
N ARG D 125 15.67 -7.90 -9.22
CA ARG D 125 15.47 -7.95 -10.67
C ARG D 125 16.42 -8.98 -11.28
N ILE D 126 17.67 -8.93 -10.86
CA ILE D 126 18.68 -9.80 -11.43
C ILE D 126 18.37 -11.24 -11.07
N ALA D 127 17.96 -11.47 -9.82
CA ALA D 127 17.67 -12.80 -9.34
C ALA D 127 16.46 -13.41 -10.03
N ARG D 128 15.41 -12.62 -10.22
CA ARG D 128 14.21 -13.16 -10.85
C ARG D 128 14.49 -13.48 -12.32
N LYS D 129 15.18 -12.56 -12.99
CA LYS D 129 15.47 -12.75 -14.41
C LYS D 129 16.30 -14.02 -14.63
N LEU D 130 17.25 -14.29 -13.74
CA LEU D 130 18.02 -15.53 -13.82
C LEU D 130 17.15 -16.78 -13.62
N LEU D 131 16.34 -16.80 -12.57
CA LEU D 131 15.43 -17.91 -12.33
C LEU D 131 14.53 -18.13 -13.53
N LEU D 132 14.03 -17.04 -14.10
CA LEU D 132 13.18 -17.12 -15.28
C LEU D 132 13.91 -17.80 -16.43
N ASP D 133 15.10 -17.32 -16.76
CA ASP D 133 15.88 -17.87 -17.87
C ASP D 133 16.19 -19.37 -17.70
N ILE D 134 16.50 -19.76 -16.47
CA ILE D 134 16.84 -21.16 -16.21
C ILE D 134 15.62 -22.08 -16.36
N ASN D 135 14.51 -21.71 -15.73
CA ASN D 135 13.27 -22.45 -15.93
C ASN D 135 12.83 -22.46 -17.38
N ASP D 136 12.98 -21.33 -18.05
CA ASP D 136 12.57 -21.25 -19.46
C ASP D 136 13.34 -22.19 -20.38
N SER D 137 14.58 -22.52 -20.00
CA SER D 137 15.39 -23.43 -20.80
C SER D 137 14.99 -24.88 -20.55
N GLY D 138 14.19 -25.11 -19.52
CA GLY D 138 13.74 -26.46 -19.22
C GLY D 138 14.33 -27.03 -17.95
N LEU D 139 15.20 -26.25 -17.30
CA LEU D 139 15.85 -26.67 -16.06
C LEU D 139 15.17 -26.11 -14.80
N PRO D 140 14.66 -27.00 -13.94
CA PRO D 140 14.03 -26.62 -12.67
C PRO D 140 15.04 -26.02 -11.68
N ALA D 141 14.56 -25.18 -10.77
CA ALA D 141 15.44 -24.52 -9.81
C ALA D 141 15.02 -24.78 -8.37
N ALA D 142 16.01 -24.85 -7.49
CA ALA D 142 15.76 -24.98 -6.05
C ALA D 142 16.31 -23.76 -5.34
N GLY D 143 15.60 -23.30 -4.32
CA GLY D 143 15.96 -22.07 -3.65
C GLY D 143 16.09 -22.25 -2.17
N GLU D 144 16.55 -21.21 -1.48
CA GLU D 144 16.62 -21.23 -0.03
C GLU D 144 15.85 -20.03 0.50
N PHE D 145 15.05 -20.27 1.52
CA PHE D 145 14.25 -19.20 2.10
C PHE D 145 14.84 -18.77 3.42
N LEU D 146 15.37 -17.56 3.46
CA LEU D 146 15.99 -17.05 4.67
C LEU D 146 15.07 -16.09 5.41
N ASP D 147 14.02 -15.65 4.73
CA ASP D 147 13.17 -14.59 5.25
C ASP D 147 11.77 -14.69 4.65
N MET D 148 10.86 -13.86 5.16
CA MET D 148 9.44 -13.94 4.83
C MET D 148 9.04 -13.08 3.63
N ILE D 149 9.92 -12.22 3.16
CA ILE D 149 9.52 -11.26 2.15
C ILE D 149 10.02 -11.58 0.75
N THR D 150 11.30 -11.95 0.66
CA THR D 150 11.90 -12.46 -0.60
C THR D 150 11.09 -13.50 -1.38
N PRO D 151 10.49 -14.50 -0.70
CA PRO D 151 9.80 -15.54 -1.47
C PRO D 151 8.69 -15.05 -2.41
N GLN D 152 7.96 -13.99 -2.03
CA GLN D 152 6.91 -13.45 -2.91
C GLN D 152 7.44 -13.04 -4.29
N TYR D 153 8.73 -12.75 -4.37
CA TYR D 153 9.32 -12.31 -5.64
C TYR D 153 9.78 -13.47 -6.52
N LEU D 154 9.97 -14.64 -5.91
CA LEU D 154 10.75 -15.70 -6.55
C LEU D 154 10.15 -17.11 -6.50
N ALA D 155 9.30 -17.40 -5.52
CA ALA D 155 8.89 -18.77 -5.25
C ALA D 155 8.10 -19.44 -6.38
N ASP D 156 7.39 -18.64 -7.19
CA ASP D 156 6.67 -19.21 -8.34
C ASP D 156 7.62 -19.87 -9.34
N LEU D 157 8.92 -19.57 -9.24
CA LEU D 157 9.92 -20.18 -10.13
C LEU D 157 10.76 -21.25 -9.41
N MET D 158 10.31 -21.65 -8.23
CA MET D 158 11.06 -22.63 -7.46
C MET D 158 10.31 -23.95 -7.40
N SER D 159 11.03 -25.03 -7.69
CA SER D 159 10.42 -26.36 -7.75
C SER D 159 10.65 -27.11 -6.44
N TRP D 160 11.54 -26.59 -5.63
CA TRP D 160 11.91 -27.18 -4.35
C TRP D 160 12.60 -26.08 -3.58
N GLY D 161 12.47 -26.11 -2.25
CA GLY D 161 13.11 -25.11 -1.42
C GLY D 161 13.62 -25.67 -0.10
N ALA D 162 14.64 -25.04 0.45
CA ALA D 162 15.13 -25.41 1.77
C ALA D 162 14.90 -24.27 2.72
N ILE D 163 14.61 -24.59 3.97
CA ILE D 163 14.53 -23.57 4.99
C ILE D 163 15.92 -23.50 5.60
N GLY D 164 16.42 -22.29 5.81
CA GLY D 164 17.75 -22.09 6.39
C GLY D 164 18.00 -22.94 7.63
N ALA D 165 19.25 -23.36 7.82
CA ALA D 165 19.60 -24.25 8.92
C ALA D 165 19.46 -23.59 10.29
N ARG D 166 19.55 -22.27 10.33
CA ARG D 166 19.47 -21.55 11.59
C ARG D 166 18.04 -21.20 11.97
N THR D 167 17.08 -21.66 11.20
CA THR D 167 15.69 -21.25 11.42
C THR D 167 14.72 -22.41 11.29
N THR D 168 15.23 -23.63 11.31
CA THR D 168 14.39 -24.82 11.27
C THR D 168 13.44 -24.84 12.47
N GLU D 169 13.88 -24.21 13.55
CA GLU D 169 13.14 -24.22 14.80
C GLU D 169 12.17 -23.06 14.89
N SER D 170 12.29 -22.11 13.97
CA SER D 170 11.51 -20.88 14.01
C SER D 170 10.06 -21.06 13.55
N GLN D 171 9.13 -20.61 14.38
CA GLN D 171 7.70 -20.68 14.07
C GLN D 171 7.38 -19.89 12.79
N VAL D 172 7.99 -18.72 12.63
CA VAL D 172 7.67 -17.88 11.47
C VAL D 172 8.11 -18.54 10.17
N HIS D 173 9.22 -19.28 10.23
CA HIS D 173 9.72 -19.96 9.03
C HIS D 173 8.94 -21.24 8.76
N ARG D 174 8.45 -21.88 9.81
CA ARG D 174 7.57 -23.04 9.63
C ARG D 174 6.23 -22.62 9.03
N GLU D 175 5.69 -21.48 9.50
CA GLU D 175 4.48 -20.91 8.89
C GLU D 175 4.68 -20.69 7.39
N LEU D 176 5.79 -20.06 7.04
CA LEU D 176 6.18 -19.85 5.65
C LEU D 176 6.10 -21.14 4.84
N ALA D 177 6.77 -22.18 5.33
CA ALA D 177 6.79 -23.47 4.64
C ALA D 177 5.39 -24.04 4.37
N SER D 178 4.48 -23.83 5.32
CA SER D 178 3.13 -24.39 5.26
C SER D 178 2.27 -23.80 4.14
N GLY D 179 2.75 -22.69 3.55
CA GLY D 179 2.05 -22.04 2.46
C GLY D 179 2.82 -21.98 1.16
N LEU D 180 4.02 -22.54 1.13
CA LEU D 180 4.82 -22.58 -0.09
C LEU D 180 4.24 -23.58 -1.07
N SER D 181 4.30 -23.26 -2.37
CA SER D 181 3.75 -24.13 -3.40
C SER D 181 4.67 -25.29 -3.80
N CYS D 182 5.88 -25.32 -3.24
CA CYS D 182 6.83 -26.35 -3.62
C CYS D 182 7.14 -27.26 -2.45
N PRO D 183 7.72 -28.43 -2.71
CA PRO D 183 8.25 -29.25 -1.61
C PRO D 183 9.33 -28.50 -0.84
N VAL D 184 9.51 -28.83 0.43
CA VAL D 184 10.43 -28.11 1.29
C VAL D 184 11.31 -29.03 2.11
N GLY D 185 12.61 -28.75 2.16
CA GLY D 185 13.51 -29.55 2.97
C GLY D 185 13.90 -28.81 4.23
N PHE D 186 13.90 -29.53 5.35
CA PHE D 186 14.32 -28.98 6.63
C PHE D 186 15.60 -29.68 7.12
N LYS D 187 16.61 -28.90 7.48
CA LYS D 187 17.90 -29.45 7.91
C LYS D 187 17.87 -29.92 9.36
N ASN D 188 18.61 -30.99 9.65
CA ASN D 188 18.77 -31.49 11.02
C ASN D 188 19.51 -30.50 11.91
N GLY D 189 19.52 -30.77 13.21
CA GLY D 189 20.20 -29.90 14.16
C GLY D 189 21.70 -29.89 13.98
N THR D 190 22.33 -28.79 14.42
CA THR D 190 23.78 -28.62 14.28
C THR D 190 24.56 -29.75 14.95
N ASP D 191 23.98 -30.34 16.00
CA ASP D 191 24.59 -31.48 16.66
C ASP D 191 24.12 -32.82 16.05
N GLY D 192 23.36 -32.73 14.96
CA GLY D 192 22.99 -33.92 14.20
C GLY D 192 21.77 -34.66 14.70
N THR D 193 20.97 -34.01 15.53
CA THR D 193 19.72 -34.60 16.00
C THR D 193 18.60 -34.19 15.06
N ILE D 194 17.52 -34.95 15.07
CA ILE D 194 16.50 -34.78 14.06
C ILE D 194 15.20 -34.25 14.68
N LYS D 195 15.20 -34.09 16.00
CA LYS D 195 13.98 -33.72 16.71
C LYS D 195 13.38 -32.41 16.19
N VAL D 196 14.21 -31.38 16.09
CA VAL D 196 13.76 -30.08 15.65
C VAL D 196 13.21 -30.12 14.22
N ALA D 197 13.85 -30.91 13.36
CA ALA D 197 13.41 -31.02 11.98
C ALA D 197 12.09 -31.77 11.86
N ILE D 198 11.88 -32.73 12.77
CA ILE D 198 10.63 -33.49 12.80
C ILE D 198 9.49 -32.59 13.25
N ASP D 199 9.75 -31.78 14.28
CA ASP D 199 8.82 -30.77 14.74
C ASP D 199 8.47 -29.80 13.62
N ALA D 200 9.49 -29.42 12.85
CA ALA D 200 9.30 -28.51 11.72
C ALA D 200 8.43 -29.13 10.64
N ILE D 201 8.67 -30.40 10.32
CA ILE D 201 7.86 -31.11 9.34
C ILE D 201 6.39 -31.18 9.76
N ASN D 202 6.17 -31.43 11.04
CA ASN D 202 4.81 -31.53 11.56
C ASN D 202 4.12 -30.19 11.49
N ALA D 203 4.80 -29.16 11.97
CA ALA D 203 4.26 -27.81 11.99
C ALA D 203 3.89 -27.34 10.58
N ALA D 204 4.78 -27.62 9.64
CA ALA D 204 4.62 -27.13 8.27
C ALA D 204 3.50 -27.85 7.55
N GLY D 205 3.18 -29.06 8.00
CA GLY D 205 2.13 -29.84 7.37
C GLY D 205 0.76 -29.38 7.80
N ALA D 206 0.71 -28.61 8.89
CA ALA D 206 -0.54 -28.10 9.45
C ALA D 206 -0.95 -26.76 8.83
N PRO D 207 -2.27 -26.46 8.83
CA PRO D 207 -2.69 -25.13 8.36
C PRO D 207 -2.34 -24.05 9.37
N HIS D 208 -2.05 -22.84 8.89
CA HIS D 208 -1.64 -21.74 9.74
C HIS D 208 -2.31 -20.43 9.34
N CYS D 209 -2.43 -19.51 10.28
CA CYS D 209 -2.89 -18.18 9.99
C CYS D 209 -1.91 -17.19 10.59
N PHE D 210 -1.41 -16.27 9.77
CA PHE D 210 -0.35 -15.39 10.21
C PHE D 210 -0.24 -14.14 9.34
N LEU D 211 0.53 -13.17 9.79
CA LEU D 211 0.72 -11.95 9.05
C LEU D 211 1.86 -12.12 8.04
N SER D 212 1.62 -11.66 6.81
CA SER D 212 2.62 -11.76 5.74
C SER D 212 2.43 -10.60 4.78
N VAL D 213 3.42 -10.38 3.93
CA VAL D 213 3.33 -9.34 2.91
C VAL D 213 2.82 -9.97 1.63
N THR D 214 1.84 -9.33 0.99
CA THR D 214 1.25 -9.86 -0.25
C THR D 214 2.06 -9.43 -1.48
N LYS D 215 1.66 -9.93 -2.63
CA LYS D 215 2.21 -9.52 -3.92
C LYS D 215 2.17 -8.02 -4.15
N TRP D 216 1.27 -7.32 -3.46
CA TRP D 216 1.15 -5.88 -3.62
C TRP D 216 2.07 -5.09 -2.69
N GLY D 217 2.89 -5.79 -1.93
CA GLY D 217 3.78 -5.13 -1.00
C GLY D 217 3.07 -4.59 0.24
N HIS D 218 1.88 -5.14 0.53
CA HIS D 218 1.12 -4.73 1.71
C HIS D 218 1.03 -5.90 2.70
N SER D 219 1.13 -5.60 3.99
CA SER D 219 0.94 -6.64 4.99
C SER D 219 -0.53 -7.03 5.04
N ALA D 220 -0.79 -8.32 5.26
CA ALA D 220 -2.15 -8.81 5.32
C ALA D 220 -2.19 -10.04 6.21
N ILE D 221 -3.39 -10.56 6.43
CA ILE D 221 -3.60 -11.77 7.18
C ILE D 221 -3.74 -12.90 6.20
N VAL D 222 -2.97 -13.96 6.40
CA VAL D 222 -2.92 -15.05 5.43
C VAL D 222 -3.24 -16.39 6.10
N ASN D 223 -3.97 -17.24 5.40
CA ASN D 223 -4.23 -18.59 5.86
C ASN D 223 -3.66 -19.61 4.90
N THR D 224 -2.97 -20.60 5.43
CA THR D 224 -2.34 -21.62 4.59
C THR D 224 -3.03 -22.96 4.76
N SER D 225 -2.84 -23.84 3.78
CA SER D 225 -3.45 -25.17 3.80
C SER D 225 -2.59 -26.18 4.55
N GLY D 226 -1.31 -25.85 4.76
CA GLY D 226 -0.36 -26.81 5.28
C GLY D 226 0.40 -27.48 4.13
N ASN D 227 1.65 -27.84 4.38
CA ASN D 227 2.51 -28.42 3.34
C ASN D 227 2.93 -29.84 3.69
N GLY D 228 2.36 -30.81 2.99
CA GLY D 228 2.69 -32.21 3.22
C GLY D 228 3.94 -32.70 2.51
N ASP D 229 4.50 -31.87 1.62
CA ASP D 229 5.72 -32.23 0.88
C ASP D 229 7.00 -31.74 1.56
N CYS D 230 7.12 -31.96 2.87
CA CYS D 230 8.31 -31.53 3.59
C CYS D 230 9.09 -32.74 4.08
N HIS D 231 10.40 -32.69 3.94
CA HIS D 231 11.26 -33.80 4.32
C HIS D 231 12.51 -33.30 5.03
N ILE D 232 13.22 -34.21 5.67
CA ILE D 232 14.45 -33.87 6.36
C ILE D 232 15.63 -33.83 5.38
N ILE D 233 16.60 -32.97 5.67
CA ILE D 233 17.88 -32.97 4.97
C ILE D 233 18.95 -33.34 6.01
N LEU D 234 19.70 -34.40 5.75
CA LEU D 234 20.79 -34.76 6.66
C LEU D 234 22.06 -34.05 6.25
N ARG D 235 22.62 -33.25 7.16
CA ARG D 235 23.77 -32.42 6.83
C ARG D 235 24.87 -32.50 7.88
N GLY D 236 24.84 -33.57 8.68
CA GLY D 236 25.89 -33.79 9.65
C GLY D 236 25.71 -33.00 10.93
N GLY D 237 26.36 -33.48 11.99
CA GLY D 237 26.40 -32.77 13.25
C GLY D 237 27.84 -32.33 13.46
N LYS D 238 28.47 -32.85 14.50
CA LYS D 238 29.91 -32.70 14.64
C LYS D 238 30.53 -33.59 13.56
N GLU D 239 30.34 -34.90 13.73
CA GLU D 239 30.76 -35.87 12.73
C GLU D 239 29.69 -36.01 11.64
N PRO D 240 30.10 -36.49 10.45
CA PRO D 240 29.16 -36.74 9.33
C PRO D 240 28.03 -37.73 9.67
N ASN D 241 26.90 -37.60 8.98
CA ASN D 241 25.76 -38.46 9.27
C ASN D 241 25.12 -39.07 8.04
N TYR D 242 25.92 -39.36 7.02
CA TYR D 242 25.45 -39.94 5.77
C TYR D 242 25.50 -41.47 5.72
N SER D 243 26.25 -42.06 6.64
CA SER D 243 26.49 -43.51 6.64
C SER D 243 25.23 -44.34 6.83
N ALA D 244 25.29 -45.60 6.38
CA ALA D 244 24.21 -46.55 6.49
C ALA D 244 23.65 -46.64 7.91
N LYS D 245 24.55 -46.50 8.87
CA LYS D 245 24.18 -46.52 10.28
C LYS D 245 23.29 -45.34 10.67
N HIS D 246 23.72 -44.13 10.31
CA HIS D 246 22.97 -42.92 10.67
C HIS D 246 21.64 -42.86 9.92
N VAL D 247 21.66 -43.34 8.69
CA VAL D 247 20.45 -43.37 7.88
C VAL D 247 19.42 -44.26 8.56
N ALA D 248 19.88 -45.38 9.10
CA ALA D 248 18.99 -46.29 9.83
C ALA D 248 18.43 -45.63 11.09
N GLU D 249 19.27 -44.93 11.83
CA GLU D 249 18.83 -44.20 13.02
C GLU D 249 17.72 -43.20 12.69
N VAL D 250 17.91 -42.47 11.59
CA VAL D 250 16.96 -41.46 11.19
C VAL D 250 15.65 -42.07 10.72
N LYS D 251 15.75 -43.15 9.94
CA LYS D 251 14.56 -43.88 9.49
C LYS D 251 13.72 -44.32 10.69
N GLU D 252 14.40 -44.68 11.78
CA GLU D 252 13.75 -45.12 13.00
C GLU D 252 13.00 -43.97 13.66
N GLY D 253 13.69 -42.85 13.84
CA GLY D 253 13.08 -41.64 14.36
C GLY D 253 11.88 -41.18 13.55
N LEU D 254 11.97 -41.28 12.22
CA LEU D 254 10.89 -40.85 11.33
C LEU D 254 9.63 -41.74 11.44
N ASN D 255 9.83 -43.05 11.47
CA ASN D 255 8.74 -43.98 11.70
C ASN D 255 8.10 -43.78 13.06
N LYS D 256 8.95 -43.63 14.08
CA LYS D 256 8.53 -43.34 15.44
C LYS D 256 7.68 -42.06 15.54
N ALA D 257 7.80 -41.17 14.56
CA ALA D 257 7.12 -39.88 14.61
C ALA D 257 5.87 -39.87 13.73
N GLY D 258 5.64 -40.99 13.04
CA GLY D 258 4.50 -41.12 12.16
C GLY D 258 4.74 -40.53 10.78
N LEU D 259 6.01 -40.28 10.47
CA LEU D 259 6.38 -39.65 9.20
C LEU D 259 7.02 -40.68 8.25
N PRO D 260 6.87 -40.46 6.93
CA PRO D 260 7.53 -41.35 5.97
C PRO D 260 9.05 -41.37 6.18
N ALA D 261 9.61 -42.58 6.13
CA ALA D 261 11.01 -42.79 6.44
C ALA D 261 11.83 -42.50 5.19
N GLN D 262 12.12 -41.23 4.98
CA GLN D 262 12.87 -40.81 3.79
C GLN D 262 13.74 -39.62 4.14
N VAL D 263 14.88 -39.49 3.46
CA VAL D 263 15.83 -38.43 3.78
C VAL D 263 16.46 -37.88 2.51
N MET D 264 16.87 -36.62 2.56
CA MET D 264 17.80 -36.11 1.57
C MET D 264 19.15 -36.01 2.24
N ILE D 265 20.21 -36.37 1.52
CA ILE D 265 21.54 -36.25 2.11
C ILE D 265 22.34 -35.12 1.48
N ASP D 266 22.75 -34.18 2.30
CA ASP D 266 23.61 -33.10 1.88
C ASP D 266 25.06 -33.61 1.88
N PHE D 267 25.68 -33.65 0.72
CA PHE D 267 27.05 -34.17 0.61
C PHE D 267 28.10 -33.21 1.12
N SER D 268 27.73 -31.96 1.36
CA SER D 268 28.73 -30.94 1.63
C SER D 268 28.91 -30.60 3.09
N HIS D 269 29.83 -29.67 3.34
CA HIS D 269 30.07 -29.09 4.65
C HIS D 269 30.42 -30.13 5.70
N ALA D 270 29.61 -30.22 6.75
CA ALA D 270 29.88 -31.11 7.87
C ALA D 270 29.92 -32.56 7.40
N ASN D 271 29.12 -32.89 6.39
CA ASN D 271 29.13 -34.25 5.87
C ASN D 271 30.40 -34.59 5.07
N SER D 272 31.16 -33.57 4.70
CA SER D 272 32.39 -33.77 3.97
C SER D 272 33.57 -33.05 4.65
N SER D 273 33.46 -32.86 5.97
CA SER D 273 34.49 -32.21 6.78
C SER D 273 34.94 -30.85 6.21
N LYS D 274 34.04 -30.16 5.52
CA LYS D 274 34.33 -28.84 4.92
C LYS D 274 35.47 -28.88 3.89
N GLN D 275 35.62 -30.01 3.21
CA GLN D 275 36.61 -30.14 2.15
C GLN D 275 35.88 -30.58 0.91
N PHE D 276 35.84 -29.72 -0.10
CA PHE D 276 34.90 -29.89 -1.19
C PHE D 276 35.04 -31.23 -1.92
N LYS D 277 36.29 -31.69 -2.08
CA LYS D 277 36.57 -32.93 -2.79
C LYS D 277 35.96 -34.10 -2.07
N LYS D 278 35.76 -33.96 -0.76
CA LYS D 278 35.19 -35.05 0.03
C LYS D 278 33.72 -35.34 -0.30
N GLN D 279 33.04 -34.41 -0.97
CA GLN D 279 31.71 -34.71 -1.48
C GLN D 279 31.71 -35.95 -2.38
N MET D 280 32.85 -36.23 -3.02
CA MET D 280 32.97 -37.42 -3.85
C MET D 280 33.01 -38.70 -3.01
N ASP D 281 33.56 -38.59 -1.81
CA ASP D 281 33.60 -39.73 -0.88
C ASP D 281 32.21 -40.01 -0.30
N VAL D 282 31.45 -38.94 -0.06
CA VAL D 282 30.08 -39.09 0.42
C VAL D 282 29.25 -39.73 -0.68
N CYS D 283 29.45 -39.27 -1.91
CA CYS D 283 28.77 -39.86 -3.06
C CYS D 283 29.01 -41.37 -3.14
N ALA D 284 30.27 -41.78 -2.94
CA ALA D 284 30.64 -43.20 -3.08
C ALA D 284 29.91 -44.05 -2.05
N ASP D 285 29.89 -43.58 -0.82
CA ASP D 285 29.18 -44.24 0.26
C ASP D 285 27.68 -44.28 0.00
N VAL D 286 27.10 -43.14 -0.32
CA VAL D 286 25.66 -43.04 -0.58
C VAL D 286 25.24 -43.93 -1.78
N CYS D 287 26.07 -43.97 -2.82
CA CYS D 287 25.78 -44.81 -3.97
C CYS D 287 25.74 -46.28 -3.61
N GLN D 288 26.61 -46.65 -2.68
CA GLN D 288 26.70 -48.01 -2.19
C GLN D 288 25.39 -48.38 -1.48
N GLN D 289 24.88 -47.48 -0.66
CA GLN D 289 23.63 -47.71 0.05
C GLN D 289 22.49 -47.90 -0.94
N ILE D 290 22.42 -47.02 -1.92
CA ILE D 290 21.36 -47.05 -2.92
C ILE D 290 21.44 -48.31 -3.78
N ALA D 291 22.61 -48.56 -4.36
CA ALA D 291 22.79 -49.74 -5.21
C ALA D 291 22.49 -51.02 -4.43
N GLY D 292 22.74 -50.99 -3.13
CA GLY D 292 22.45 -52.11 -2.25
C GLY D 292 20.97 -52.36 -2.04
N GLY D 293 20.17 -51.30 -2.07
CA GLY D 293 18.73 -51.45 -1.92
C GLY D 293 18.06 -50.45 -1.00
N GLU D 294 18.77 -49.37 -0.67
CA GLU D 294 18.18 -48.34 0.18
C GLU D 294 17.18 -47.49 -0.58
N LYS D 295 15.91 -47.54 -0.16
CA LYS D 295 14.87 -46.81 -0.84
C LYS D 295 14.58 -45.49 -0.13
N ALA D 296 15.05 -45.37 1.10
CA ALA D 296 14.76 -44.20 1.94
C ALA D 296 15.53 -42.94 1.54
N ILE D 297 16.61 -43.11 0.77
CA ILE D 297 17.34 -41.93 0.32
C ILE D 297 16.67 -41.42 -0.95
N ILE D 298 15.87 -40.39 -0.79
CA ILE D 298 15.04 -39.92 -1.88
C ILE D 298 15.67 -38.72 -2.59
N GLY D 299 16.72 -38.18 -1.99
CA GLY D 299 17.40 -37.04 -2.58
C GLY D 299 18.78 -36.77 -2.02
N VAL D 300 19.57 -36.00 -2.77
CA VAL D 300 20.86 -35.54 -2.30
C VAL D 300 21.07 -34.08 -2.73
N MET D 301 21.96 -33.39 -2.02
CA MET D 301 22.34 -32.03 -2.39
C MET D 301 23.85 -31.90 -2.47
N VAL D 302 24.33 -31.27 -3.53
CA VAL D 302 25.76 -31.19 -3.82
C VAL D 302 26.12 -29.76 -4.20
N GLU D 303 27.24 -29.25 -3.68
CA GLU D 303 27.70 -27.91 -4.06
C GLU D 303 28.75 -27.99 -5.16
N SER D 304 28.37 -27.45 -6.31
CA SER D 304 29.03 -27.73 -7.57
C SER D 304 29.06 -26.46 -8.43
N HIS D 305 30.15 -26.26 -9.17
CA HIS D 305 30.24 -25.12 -10.07
C HIS D 305 31.02 -25.53 -11.31
N LEU D 306 31.18 -24.61 -12.25
CA LEU D 306 31.97 -24.90 -13.44
C LEU D 306 33.42 -25.16 -13.07
N VAL D 307 33.98 -24.26 -12.26
CA VAL D 307 35.38 -24.37 -11.83
C VAL D 307 35.40 -24.68 -10.35
N GLU D 308 36.15 -25.71 -9.96
CA GLU D 308 36.21 -26.19 -8.58
C GLU D 308 36.85 -25.17 -7.64
N GLY D 309 36.67 -25.39 -6.32
CA GLY D 309 37.30 -24.58 -5.29
C GLY D 309 36.52 -23.31 -4.96
N ASN D 310 37.25 -22.29 -4.53
CA ASN D 310 36.64 -20.98 -4.28
C ASN D 310 37.67 -19.88 -4.37
N GLN D 311 37.22 -18.64 -4.25
CA GLN D 311 38.11 -17.49 -4.31
C GLN D 311 37.53 -16.41 -3.41
N SER D 312 38.36 -15.48 -2.99
CA SER D 312 37.88 -14.44 -2.10
C SER D 312 37.66 -13.15 -2.87
N LEU D 313 36.51 -12.53 -2.64
CA LEU D 313 36.16 -11.26 -3.27
C LEU D 313 37.12 -10.17 -2.78
N GLU D 314 37.62 -9.34 -3.70
CA GLU D 314 38.59 -8.30 -3.34
C GLU D 314 38.31 -6.99 -4.05
N SER D 315 37.83 -6.01 -3.26
CA SER D 315 37.46 -4.65 -3.69
C SER D 315 37.59 -4.28 -5.17
N GLY D 316 38.81 -3.95 -5.62
CA GLY D 316 39.01 -3.46 -6.98
C GLY D 316 39.77 -4.39 -7.90
N GLU D 317 39.40 -5.66 -7.92
CA GLU D 317 40.09 -6.65 -8.74
C GLU D 317 39.06 -7.57 -9.42
N PRO D 318 39.40 -8.08 -10.62
CA PRO D 318 38.44 -8.98 -11.28
C PRO D 318 38.47 -10.38 -10.63
N LEU D 319 37.49 -11.20 -10.98
CA LEU D 319 37.32 -12.54 -10.41
C LEU D 319 37.57 -13.62 -11.46
N ALA D 320 37.97 -14.81 -11.01
CA ALA D 320 37.97 -15.98 -11.87
C ALA D 320 36.53 -16.30 -12.27
N TYR D 321 36.34 -16.68 -13.52
CA TYR D 321 35.04 -17.04 -14.04
C TYR D 321 34.62 -18.41 -13.50
N GLY D 322 33.36 -18.53 -13.09
CA GLY D 322 32.75 -19.82 -12.82
C GLY D 322 33.25 -20.48 -11.55
N LYS D 323 33.82 -19.70 -10.66
CA LYS D 323 34.39 -20.22 -9.42
C LYS D 323 33.74 -19.51 -8.25
N SER D 324 33.33 -20.27 -7.23
CA SER D 324 32.60 -19.73 -6.08
C SER D 324 33.34 -18.62 -5.33
N ILE D 325 32.61 -17.59 -4.91
CA ILE D 325 33.19 -16.59 -4.01
C ILE D 325 32.71 -16.81 -2.58
N THR D 326 31.97 -17.90 -2.37
CA THR D 326 31.55 -18.29 -1.02
C THR D 326 32.19 -19.64 -0.65
N ASP D 327 31.41 -20.66 -0.34
CA ASP D 327 32.04 -21.94 0.02
C ASP D 327 32.58 -22.66 -1.21
N ALA D 328 33.62 -23.48 -1.01
CA ALA D 328 34.25 -24.18 -2.12
C ALA D 328 33.35 -25.30 -2.66
N CYS D 329 33.36 -25.47 -3.98
CA CYS D 329 32.51 -26.44 -4.66
C CYS D 329 33.35 -27.41 -5.48
N ILE D 330 32.80 -28.57 -5.82
CA ILE D 330 33.39 -29.39 -6.87
C ILE D 330 33.18 -28.74 -8.25
N GLY D 331 34.12 -29.00 -9.16
CA GLY D 331 34.12 -28.45 -10.50
C GLY D 331 33.30 -29.33 -11.44
N TRP D 332 33.28 -28.96 -12.71
CA TRP D 332 32.37 -29.63 -13.63
C TRP D 332 32.73 -31.09 -13.86
N GLU D 333 34.02 -31.38 -13.96
CA GLU D 333 34.51 -32.72 -14.23
C GLU D 333 34.04 -33.71 -13.15
N ASP D 334 34.31 -33.40 -11.88
CA ASP D 334 33.77 -34.18 -10.76
C ASP D 334 32.24 -34.27 -10.72
N THR D 335 31.60 -33.18 -11.14
CA THR D 335 30.14 -33.07 -11.13
C THR D 335 29.54 -34.08 -12.11
N ASP D 336 30.12 -34.15 -13.30
CA ASP D 336 29.69 -35.10 -14.32
C ASP D 336 29.84 -36.54 -13.84
N ALA D 337 31.00 -36.85 -13.27
CA ALA D 337 31.26 -38.16 -12.69
C ALA D 337 30.31 -38.50 -11.54
N LEU D 338 30.05 -37.54 -10.66
CA LEU D 338 29.17 -37.75 -9.51
C LEU D 338 27.75 -38.09 -9.93
N LEU D 339 27.24 -37.36 -10.92
CA LEU D 339 25.87 -37.53 -11.38
C LEU D 339 25.72 -38.89 -12.03
N ARG D 340 26.74 -39.30 -12.78
CA ARG D 340 26.76 -40.60 -13.42
C ARG D 340 26.83 -41.72 -12.40
N GLN D 341 27.58 -41.52 -11.32
CA GLN D 341 27.63 -42.51 -10.25
C GLN D 341 26.26 -42.73 -9.65
N LEU D 342 25.54 -41.63 -9.39
CA LEU D 342 24.24 -41.73 -8.74
C LEU D 342 23.22 -42.39 -9.66
N ALA D 343 23.23 -42.03 -10.93
CA ALA D 343 22.32 -42.62 -11.89
C ALA D 343 22.53 -44.12 -11.95
N ASN D 344 23.79 -44.54 -12.02
CA ASN D 344 24.13 -45.94 -12.09
C ASN D 344 23.73 -46.66 -10.81
N ALA D 345 23.84 -45.96 -9.69
CA ALA D 345 23.40 -46.47 -8.40
C ALA D 345 21.89 -46.71 -8.37
N VAL D 346 21.13 -45.79 -8.96
CA VAL D 346 19.68 -45.93 -9.00
C VAL D 346 19.26 -47.12 -9.89
N LYS D 347 19.97 -47.31 -11.00
CA LYS D 347 19.75 -48.45 -11.87
C LYS D 347 19.95 -49.73 -11.09
N ALA D 348 21.14 -49.85 -10.49
CA ALA D 348 21.50 -51.05 -9.74
C ALA D 348 20.49 -51.39 -8.63
N ARG D 349 19.88 -50.38 -8.03
CA ARG D 349 18.96 -50.58 -6.92
C ARG D 349 17.71 -51.37 -7.32
N ARG D 350 17.18 -51.04 -8.48
CA ARG D 350 15.93 -51.65 -8.94
C ARG D 350 16.19 -52.86 -9.82
N GLY D 351 17.39 -52.93 -10.38
CA GLY D 351 17.75 -54.03 -11.26
C GLY D 351 18.86 -54.90 -10.72
C1 GAL E . -8.66 20.63 -1.86
C2 GAL E . -7.73 20.15 -2.98
C3 GAL E . -7.89 18.66 -3.14
C4 GAL E . -7.56 17.98 -1.81
C5 GAL E . -8.48 18.55 -0.72
C6 GAL E . -8.16 17.96 0.64
O1 GAL E . -8.52 22.02 -1.70
O2 GAL E . -8.08 20.81 -4.18
O3 GAL E . -7.07 18.16 -4.16
O4 GAL E . -6.20 18.19 -1.47
O5 GAL E . -8.33 19.96 -0.65
O6 GAL E . -9.29 18.22 1.46
C1 GAL F . 6.48 -4.76 -33.43
C2 GAL F . 5.28 -4.71 -32.47
C3 GAL F . 5.57 -3.74 -31.34
C4 GAL F . 6.92 -4.06 -30.71
C5 GAL F . 8.00 -4.10 -31.79
C6 GAL F . 9.38 -4.40 -31.22
O1 GAL F . 6.26 -5.76 -34.39
O2 GAL F . 4.14 -4.26 -33.14
O3 GAL F . 4.53 -3.81 -30.39
O4 GAL F . 6.86 -5.31 -30.07
O5 GAL F . 7.65 -5.11 -32.71
O6 GAL F . 9.61 -3.62 -30.08
N1 52L G . -12.76 17.36 -26.69
C4 52L G . -15.45 13.87 -26.05
C5 52L G . -16.62 13.39 -26.92
C6 52L G . -17.86 13.09 -26.07
C17 52L G . -11.13 15.75 -27.31
O30 52L G . -10.86 14.54 -27.46
O29 52L G . -10.35 16.64 -27.75
C1 52L G . -12.39 16.15 -26.63
O27 52L G . -13.94 17.80 -26.07
C2 52L G . -13.30 15.19 -25.88
C3 52L G . -14.36 14.61 -26.83
O3 52L G . -13.71 13.72 -27.79
O4 52L G . -14.87 12.74 -25.37
O5 52L G . -16.96 14.36 -27.93
O6 52L G . -18.84 12.37 -26.84
P 52L G . -20.35 12.14 -26.31
O2P 52L G . -20.19 11.51 -24.93
O3P 52L G . -20.98 13.51 -26.30
O1P 52L G . -20.92 11.19 -27.35
C1 GAL H . 18.56 -11.33 3.96
C2 GAL H . 18.01 -10.56 5.16
C3 GAL H . 16.50 -10.49 5.07
C4 GAL H . 16.06 -9.95 3.70
C5 GAL H . 16.75 -10.72 2.57
C6 GAL H . 16.41 -10.15 1.20
O1 GAL H . 19.96 -11.37 4.02
O2 GAL H . 18.36 -11.20 6.37
O3 GAL H . 16.02 -9.69 6.13
O4 GAL H . 16.36 -8.58 3.58
O5 GAL H . 18.16 -10.67 2.77
O6 GAL H . 16.85 -11.06 0.21
N1 52L I . 10.17 -19.51 26.61
C4 52L I . 6.63 -21.34 24.71
C5 52L I . 5.74 -22.45 25.27
C6 52L I . 5.12 -23.30 24.16
C17 52L I . 8.76 -17.69 27.17
O30 52L I . 7.62 -17.19 27.05
O29 52L I . 9.59 -17.19 27.96
C1 52L I . 9.08 -18.89 26.38
O27 52L I . 10.52 -20.65 25.88
C2 52L I . 8.18 -19.42 25.28
C3 52L I . 7.34 -20.57 25.83
O3 52L I . 6.36 -20.05 26.75
O4 52L I . 5.86 -20.43 23.93
O5 52L I . 6.51 -23.29 26.14
O6 52L I . 4.80 -24.59 24.68
P 52L I . 4.53 -25.87 23.74
O2P 52L I . 3.29 -26.51 24.32
O3P 52L I . 5.77 -26.72 23.92
O1P 52L I . 4.34 -25.32 22.33
#